data_9H9P
#
_entry.id   9H9P
#
_cell.length_a   1.00
_cell.length_b   1.00
_cell.length_c   1.00
_cell.angle_alpha   90.00
_cell.angle_beta   90.00
_cell.angle_gamma   90.00
#
_symmetry.space_group_name_H-M   'P 1'
#
loop_
_entity.id
_entity.type
_entity.pdbx_description
1 polymer 'CDK5 regulatory subunit-associated protein 2'
2 polymer 'Gamma-tubulin complex component 6'
3 polymer 'Isoform 3 of Gamma-tubulin complex component 2'
4 polymer 'Tubulin gamma-1 chain'
5 polymer 'Mitotic-spindle organizing protein 2A'
6 non-polymer "GUANOSINE-5'-DIPHOSPHATE"
#
loop_
_entity_poly.entity_id
_entity_poly.type
_entity_poly.pdbx_seq_one_letter_code
_entity_poly.pdbx_strand_id
1 'polypeptide(L)'
;MMDLVLEEDVTVPGTLSGCSGLVPSVPDDLDGINPNAGLGNGLLPNVSEETVSPTRARNMKDFENQITELKKENFNLKLR
IYFLEERMQQEFHGPTEHIYKTNIELKVEVESLKRELQEREQLLIKASKAVESLAEAGGSEIQRVKEDARKKVQQVEDLL
TKRILLLEKDVTAAQAELEKAFAGTETEKALRLRLESKLSEMKKMHEGDLAMALVLDEKDRLIEELKLSLKSKEALIQCL
KEEKSQMACPDENVSSGELRGLCAAPREEKERETEAAQMEHQKERNSFQERIQALEEDLREKEREIATEKKNSLKRDKAI
QGLTMALKSKEKKVEELNSEIEKLSAAFAKAREALQKAQTQEFQGSEDYETALSGKEALSAALRSQNLTKSTENHRLRRS
IKKITQELSDLQQERERLEKDLEEAHREKSKGDCTIRDLRNEVEKLRNEVNEREKAMENRYKSLLSESNKKLHNQEQVIK
HLTESTNQKDVLLQKFNEKDLEVIQQNCYLMAAEDLELRSEGLITEKCSSQQPPGSKTIFSKEKKQSSDYEELIQVLKKE
QDIYTHLVKSLQESDSINNLQAELNKIFALRKQLEQDVLSYQNLRKTLEEQISEIRRREEESFSLYSDQTFYLSICLEEN
NRFQVEHFSQEELKKKVSDLIQLVKELYTDNQHLKKTIFDLSCMGFQGNGFPDRLASTEQTELLASKEDEDTIKIGEDDE
INFLSDQHLQQSNEIMKDLSKGGCKNGYLRHTESKISDCDGAHAPGCLEEGAFINLLAPLFNEKATLLLESRPDLLKVVR
ELLLGQLFLTEQEVSGEHLDGKTEKTPKQKGELVHFVQTNSFSKPHDELKLSCEAQLVKAGEVPKVGLKDASVQTVATEG
DLLRFKHEATREAWEEKPINTALSAEHRPENLHGVPGWQAALLSLPGITNREAKKSRLPILIKPSRSLGNMYRLPATQEV
VTQLQSQILELQGELKEFKTCNKQLHQKLILAEAVMEGRPTPDKTLLNAQPPVGAAYQDSPGEQKGIKTTSSVWRDKEMD
SDQQRSYEIDSEICPPDDLASLPSCKENPEDVLSPTSVATYLSSKSQPSAKVSVMGTDQSESINTSNETEYLKQKIHDLE
TELEGYQNFIFQLQKHSQCSEAIITVLCGTEGAQDGLSKPKNGSDGEEMTFSSLHQVRYVKHVKILGPLAPEMIDSRVLE
NLKQQLEEQEYKLQKEQNLNMQLFSEIHNLQNKFRDLSPPRYDSLVQSQARELSLQRQQIKDGHGICVISRQHMNTMIKA
FEELLQASDVDYCVAEGFQEQLNQCAELLEKLEKLFLNGKSVGVEMNTQNELMERIEEDNLTYQHLLPESPEPSASHALS
DYETSEKSFFSRDQKQDNETEKTSVMVNSFSQDLLMEHIQEIRTLRKRLEESIKTNEKLRKQLERQGSEFVQGSTSIFAS
GSELHSSLTSEIHFLRKQNQALNAMLIKGSRDKQKENDKLRESLSRKTVSLEHLQREYASVKEENERLQKEGSEKERHNQ
QLIQEVRCSGQELSRVQEELKLRQQLLSQNDKLLQSLRVELKAYEKLDEEHRRLREASGEGWKGQDPFRDLHSLLMEIQA
LRLQLERSIETSSTLQSRLKEQLARGAEKAQEGALTLAVQAVSIPEVPLQPDKHDGDKYPMESDNSFDLFDSSQAVTPKS
VSETPPLSGNDTDSLSCDSGSSATSTPCVSRLVTGHHLWASKNGRHVLGLIEDYEALLKQISQGQRLLAEMDIQTQEAPS
STSQELGTKGPHPAPLSKFVSSVSTAKLTLEEAYRRLKLLWRVSLPEDGQCPLHCEQIGEMKAEVTKLHKKLFEQEKKLQ
NTMKLLQLSKRQEKVIFDQLVVTHKILRKARGNLELRPGGAHPGTCSPSRPGS
;
A,G
2 'polypeptide(L)'
;MASITQLFDDLCEALLPAAKTHLGQRSVNRKRAKRSLKKVAYNALFTNLFQDETQQLQPDMSKLPARNKILMLSFDLRVG
GLGPKADRLEELVEELEAAPCCPLLEVGSVLDLLVQLAGSGPPQVLPRKRDYFLNNKHVGRNVPYSGYDCDDLSVFEMDV
QSLISREECLCHSMIQETLQVMEAAPGTGLPTVGLFSFGDPCGDRFERDTRVSLFGALVHSRTYDMDVRLGLPPVPDNAD
LSGLAIKVPPSVDQWEDEGFQSASNLTPDSQSEPSVTPDVDLWEAALTYEASKRRCWERVGCPPGHREEPYLTEAGRDAF
DKFCRLHQGELQLLAGGVLQAPQPVLVKECELVKDVLNVLIGVVSATFSLCQPAQAFVVKRGVHVSGASPESISSLLSEV
AEYGTCYTRLSHFSLQPVLDSLYSKGLVFQAFTSGLRRYLQYYRACVLSTPPTLSLLTIGFLFKKLGRQLRYLAELCGVG
AVLPGTCGGGPRAAFPTGVKLLSYLYQEALHNCSNEHYPVLLSLLKTSCEPYTRFIHDWVYSGVFRDAYGEFMIQVNHEY
LSFRDKLYWTHGYVLISKEVEDCVPVFLKHIAHDIYVCGKTINLLKLCCPRHYLCWSDVPVPRISVIFSLEELKEIEKDC
AVYVGRMERVARHSSVSKEEKELRMEIAKQELIAHAREAASRVLSALSDRQMSERMALDARKREQFQRLKEQFVKDQERR
QAARQEELDDDFSYARELRDRERRLKSLEEELERKARQALVDHYSKLSAEAARREQKALWRIQRHRLESARLRFLLEDEK
HIQEMLKAVSEAHQPQEPPDVLLSVHPQVTSPGPEHPEGGQGCDSGSAEQHSPAWDGWNRPGLLTPQPLKPLAVGAGGRG
LQQAEGARPFSDSLSIGDFLPVGPGAEPSVQTGMVPLLEVALQTINLDLPPSAPGEAPAAASTQPSRPQEYDFSTVLRPA
VATSPAPGPLQAAECSLGSSGLQLWEDSCGKMDACGSASRETLLPSHPPRRAALEEGSSQPTERLFGQVSGGGLPTGDYA
SEIAPTRPRWNTHGHVSDASIRVGENVSDVAPTQPRWNTHGHVSNASISLGESVSDVAPTRPRWNIHGHVSNASIRVGEN
VSDVAPTRPRWNTHGHVSNASIRVGENVSDVAPTRPRWNTHGHVSDASISLGESVSDMAPARPRWNTHGHVSDASISLGE
SVSDMAPTRPRWNTHGHVSDTSIRVGENVSDVAPIRSRCNTHGHVSDASISLGEPVSDVVSTRPRWNTHVPIPPPHMVLG
ALSPEAEPNTPRPQQSPPGHTSQSALSLGAQSTVLDCGPRLPVEVGPSLSSPSSGCGEGSISVGENVSDVAPTQPWWPNT
PGDSVSEELGPGRSGDTEDLSPNWPLNSQEDTAAQSSPGRGEEAEASAAEAQGGEQAYLAGLAGQYHLERYPDSYESMSE
PPIAHLLRPVLPRAFAFPVDPQVQSAADETAVQLSELLTLPVLMKRSITAPLAAHISLVNKAAVDYFFVELHLEAHYEAL
RHFLLMEDGEFAQSLSDLLFEKLGAGQTPGELLNPLVLNSVLSKALQCSLHGDTPHASNLSLALKYLPEVFAPNAPDVLS
CLELRYKVDWPLNIVITEGCVSKYSGVFSFLLQLKLMMWALKDVCFHLKRTALLSHMAGSVQFRQLQLFKHEMQHFVKVI
QGYIANQILHVTWCEFRARLATVGDLEEIQRAHAEYLHKAVFRGLLTEKAAPVMNVIHSIFSLVLKFRSQLISQAWGPPG
GPRGAEHPNFALMQQSYNTFKYYSHFLFKVVTKLVNRGYQPHLEDFLLRINFNNYYQDA
;
L
3 'polypeptide(L)'
;MSEFRIHHDVNELLSLLRVHGGDGAEVYIDLLQKNRTPYVTTTVSAHSAKVKIAEFSRTPEDFLKKYDELKSKNTRNLDP
LVYLLSKLTEDKETLQYLQQNAKERAELAAAAVGSSTTSINVPAAASKISMQELEELRKQLGSVATGSTLQQSLELKRKM
LRDKQNKKNSGQHLPIFPAWVYERPALIGDFLIGAGISTDTALPIVLLRWNLALSPRLKCSGVISAHCNLHLPGTLPLAS
QESAVVEDLLYVLVGVDGRYVSAQPLAGRQSRTFLVDPNLDLSIRELVHRILPVAASYSAVTRFIEEKSSFEYGQVNHAL
AAAMRTLVKEHLILVSQLEQLHRQGLLSLQKLWFYIQPAMRTMDILASLATSVDKGECLGGSTLSLLHDRSFSYTGDSQA
QELCLYLTKAASAPYFEVLEKWIYRGIIHDPYSEFMVEEHELRKERIQEDYNDKYWDQRYTIVQQQIPSFLQKMADKILS
TGKYLNVVRECGHDVTCPVAKEIIYTLKERAYVEQIEKAFNYASKVLLDFLMEEKELVAHLRSIKRYFLMDQGDFFVHFM
DLAEEELRKPVEDITPPRLEALLELALRMSTANTDPFKDDLKIDLMPHDLITQLLRVLAIETKQEKAMAHADPTELALSG
LEAFSFDYIVKWPLSLIINRKALTRYQMLFRHMFYCKHVERQLCSVWISNKTAKQHSLHSAQWFAGAFTLRQRMLNFVQN
IQYYMMFEVMEPTWHILEKNLKSASNIDDVLGHHTGFLDTCLKDCMLTNPELLKVFSKLMSVCVMFTNCMQKFTQSMKLD
GELGGQTLEHSTVLGLPAGAEERARKELARKHLAEHADTVQLVSGFEATINKFDKNFSAHLLDLLARLSIYSTSDCEHGM
ASVISRLDFNGFYTERLERLSAERSQKATPQVPVLRGPPAPAPRVAVTAQ
;
M
4 'polypeptide(L)'
;MPREIITLQLGQCGNQIGFEFWKQLCAEHGISPEAIVEEFATEGTDRKDVFFYQADDEHYIPRAVLLDLEPRVIHSILNS
PYAKLYNPENIYLSEHGGGAGNNWASGFSQGEKIHEDIFDIIDREADGSDSLEGFVLCHSIAGGTGSGLGSYLLERLNDR
YPKKLVQTYSVFPNQDEMSDVVVQPYNSLLTLKRLTQNADCLVVLDNTALNRIATDRLHIQNPSFSQINQLVSTIMSAST
TTLRYPGYMNNDLIGLIASLIPTPRLHFLMTGYTPLTTDQSVASVRKTTVLDVMRRLLQPKNVMVSTGRDRQTNHCYIAI
LNIIQGEVDPTQVHKSLQRIRERKLANFIPWGPASIQVALSRKSPYLPSAHRVSGLMMANHTSISSLFERTCRQYDKLRK
REAFLEQFRKEDMFKDNFDEMDTSREIVQQLIDEYHAATRPDYISWGTQEQ
;
l,m
5 'polypeptide(L)'
;MAAQGVGPGPGSAAPPGLEAARQKLALRRKKVLSTEEMELYELAQAAGGGIDPDVFKILVDLLKLNVAPLAVFQMLKSMC
AGQRLASEPQDPAAVSLPTSSVPETRGRDKGSAALGGVLALAERSNHEGSSQRMPRQPSATRLPKGGGPGKSPTQGST
;
C
#
# COMPACT_ATOMS: atom_id res chain seq x y z
N ARG A 58 0.39 7.29 26.43
CA ARG A 58 -0.72 6.49 25.93
C ARG A 58 -1.91 6.52 26.89
N ASN A 59 -3.08 6.90 26.37
CA ASN A 59 -4.31 6.86 27.17
C ASN A 59 -5.51 6.46 26.32
N MET A 60 -5.30 6.30 25.01
CA MET A 60 -6.36 6.00 24.04
C MET A 60 -7.31 7.19 23.87
N LYS A 61 -7.11 8.24 24.68
CA LYS A 61 -7.89 9.45 24.55
C LYS A 61 -7.00 10.59 24.06
N ASP A 62 -5.69 10.46 24.30
CA ASP A 62 -4.73 11.45 23.85
C ASP A 62 -4.66 11.48 22.33
N PHE A 63 -4.96 10.35 21.69
CA PHE A 63 -4.98 10.31 20.23
C PHE A 63 -6.02 11.27 19.66
N GLU A 64 -7.20 11.30 20.28
CA GLU A 64 -8.22 12.26 19.86
C GLU A 64 -7.74 13.69 20.10
N ASN A 65 -7.11 13.94 21.26
CA ASN A 65 -6.60 15.28 21.55
C ASN A 65 -5.45 15.64 20.62
N GLN A 66 -4.56 14.69 20.33
CA GLN A 66 -3.44 14.96 19.44
C GLN A 66 -3.92 15.29 18.03
N ILE A 67 -4.89 14.52 17.52
CA ILE A 67 -5.41 14.75 16.18
C ILE A 67 -6.08 16.12 16.11
N THR A 68 -6.86 16.47 17.13
CA THR A 68 -7.52 17.78 17.14
C THR A 68 -6.50 18.91 17.15
N GLU A 69 -5.42 18.74 17.91
CA GLU A 69 -4.41 19.81 17.99
C GLU A 69 -3.74 20.04 16.64
N LEU A 70 -3.38 18.97 15.93
CA LEU A 70 -2.81 19.13 14.60
C LEU A 70 -3.81 19.74 13.63
N LYS A 71 -5.08 19.32 13.71
CA LYS A 71 -6.11 19.92 12.87
C LYS A 71 -6.33 21.38 13.24
N LYS A 72 -6.19 21.72 14.51
CA LYS A 72 -6.25 23.12 14.91
C LYS A 72 -5.13 23.93 14.26
N GLU A 73 -3.92 23.37 14.22
CA GLU A 73 -2.81 24.07 13.59
C GLU A 73 -3.03 24.23 12.09
N ASN A 74 -3.91 23.41 11.50
CA ASN A 74 -4.19 23.53 10.08
C ASN A 74 -5.30 24.54 9.81
N PHE A 75 -6.41 24.44 10.56
CA PHE A 75 -7.56 25.32 10.29
C PHE A 75 -7.26 26.75 10.66
N ASN A 76 -6.67 26.98 11.84
CA ASN A 76 -6.40 28.33 12.28
C ASN A 76 -5.42 29.04 11.36
N LEU A 77 -4.38 28.33 10.92
CA LEU A 77 -3.41 28.93 10.02
C LEU A 77 -4.00 29.17 8.64
N LYS A 78 -4.89 28.28 8.20
CA LYS A 78 -5.58 28.49 6.93
C LYS A 78 -6.44 29.75 6.99
N LEU A 79 -7.06 30.02 8.13
CA LEU A 79 -7.88 31.22 8.28
C LEU A 79 -7.05 32.48 8.13
N ARG A 80 -5.86 32.51 8.73
CA ARG A 80 -5.02 33.69 8.65
C ARG A 80 -4.56 33.96 7.22
N ILE A 81 -4.43 32.89 6.42
CA ILE A 81 -4.12 33.06 5.00
C ILE A 81 -5.24 33.83 4.29
N TYR A 82 -6.48 33.46 4.58
CA TYR A 82 -7.62 34.09 3.91
C TYR A 82 -7.65 35.59 4.20
N PHE A 83 -7.51 35.95 5.47
CA PHE A 83 -7.56 37.35 5.87
C PHE A 83 -6.48 38.15 5.16
N LEU A 84 -5.28 37.56 5.02
CA LEU A 84 -4.15 38.29 4.48
C LEU A 84 -4.19 38.35 2.95
N GLU A 85 -4.94 37.46 2.30
CA GLU A 85 -5.06 37.52 0.85
C GLU A 85 -5.79 38.79 0.41
N GLU A 86 -6.94 39.09 1.02
CA GLU A 86 -7.67 40.30 0.65
C GLU A 86 -6.91 41.56 1.02
N ARG A 87 -6.01 41.48 2.00
CA ARG A 87 -5.14 42.62 2.29
C ARG A 87 -4.25 42.93 1.09
N MET A 88 -3.71 41.90 0.43
CA MET A 88 -2.94 42.11 -0.79
C MET A 88 -3.83 42.69 -1.88
N GLN A 89 -5.05 42.17 -2.03
CA GLN A 89 -5.98 42.69 -3.02
C GLN A 89 -6.37 44.12 -2.69
N GLN A 90 -6.63 44.42 -1.42
CA GLN A 90 -7.03 45.76 -1.03
C GLN A 90 -5.86 46.74 -1.12
N GLU A 91 -4.65 46.31 -0.80
CA GLU A 91 -3.50 47.21 -0.85
C GLU A 91 -3.25 47.68 -2.27
N PHE A 92 -3.34 46.78 -3.25
CA PHE A 92 -3.13 47.15 -4.64
C PHE A 92 -4.34 47.89 -5.21
N ARG B 56 -15.27 2.96 16.39
CA ARG B 56 -14.93 2.66 17.78
C ARG B 56 -13.42 2.66 17.99
N ALA B 57 -12.71 1.88 17.15
CA ALA B 57 -11.27 1.78 17.21
C ALA B 57 -10.68 2.23 15.89
N ARG B 58 -9.64 3.06 15.96
CA ARG B 58 -9.02 3.59 14.75
C ARG B 58 -8.24 2.50 14.03
N ASN B 59 -8.02 2.71 12.73
CA ASN B 59 -7.34 1.72 11.91
C ASN B 59 -5.89 1.52 12.34
N MET B 60 -5.26 2.56 12.88
CA MET B 60 -3.93 2.51 13.50
C MET B 60 -2.86 2.31 12.43
N LYS B 61 -3.28 2.15 11.18
CA LYS B 61 -2.36 2.17 10.04
C LYS B 61 -2.51 3.40 9.18
N ASP B 62 -3.75 3.75 8.81
CA ASP B 62 -3.98 5.05 8.18
C ASP B 62 -3.66 6.21 9.11
N PHE B 63 -3.62 5.96 10.43
CA PHE B 63 -3.24 6.99 11.36
C PHE B 63 -1.83 7.49 11.09
N GLU B 64 -0.90 6.58 10.80
CA GLU B 64 0.44 6.99 10.39
C GLU B 64 0.41 7.78 9.10
N ASN B 65 -0.39 7.33 8.13
CA ASN B 65 -0.49 8.05 6.86
C ASN B 65 -1.22 9.38 7.04
N GLN B 66 -2.23 9.41 7.91
CA GLN B 66 -2.98 10.64 8.10
C GLN B 66 -2.17 11.68 8.86
N ILE B 67 -1.42 11.26 9.87
CA ILE B 67 -0.65 12.22 10.67
C ILE B 67 0.50 12.80 9.85
N THR B 68 1.12 11.98 8.99
CA THR B 68 2.25 12.47 8.20
C THR B 68 1.80 13.37 7.06
N GLU B 69 0.56 13.22 6.60
CA GLU B 69 0.07 14.08 5.54
C GLU B 69 -0.24 15.49 6.05
N LEU B 70 -0.85 15.59 7.23
CA LEU B 70 -1.19 16.89 7.77
C LEU B 70 0.05 17.66 8.19
N LYS B 71 1.00 16.99 8.84
CA LYS B 71 2.21 17.67 9.30
C LYS B 71 3.05 18.17 8.13
N LYS B 72 3.17 17.36 7.08
CA LYS B 72 3.93 17.81 5.90
C LYS B 72 3.18 18.91 5.16
N GLU B 73 1.85 18.88 5.20
CA GLU B 73 1.07 19.95 4.59
C GLU B 73 1.19 21.24 5.39
N ASN B 74 1.19 21.13 6.72
CA ASN B 74 1.25 22.33 7.56
C ASN B 74 2.56 23.07 7.37
N PHE B 75 3.67 22.36 7.26
CA PHE B 75 4.95 23.02 6.98
C PHE B 75 4.92 23.70 5.61
N ASN B 76 4.31 23.04 4.63
CA ASN B 76 4.17 23.65 3.32
C ASN B 76 3.32 24.91 3.39
N LEU B 77 2.24 24.87 4.18
CA LEU B 77 1.42 26.06 4.36
C LEU B 77 2.12 27.11 5.19
N LYS B 78 2.92 26.70 6.19
CA LYS B 78 3.66 27.65 6.99
C LYS B 78 4.68 28.41 6.15
N LEU B 79 5.35 27.71 5.23
CA LEU B 79 6.34 28.34 4.36
C LEU B 79 5.73 29.35 3.41
N ARG B 80 4.41 29.31 3.19
CA ARG B 80 3.76 30.27 2.30
C ARG B 80 3.46 31.57 3.02
N ILE B 81 3.05 31.49 4.29
CA ILE B 81 2.66 32.69 5.03
C ILE B 81 3.88 33.57 5.30
N TYR B 82 5.05 32.96 5.51
CA TYR B 82 6.22 33.76 5.86
C TYR B 82 6.79 34.47 4.65
N PHE B 83 6.88 33.78 3.50
CA PHE B 83 7.36 34.42 2.29
C PHE B 83 6.39 35.47 1.77
N LEU B 84 5.13 35.44 2.18
CA LEU B 84 4.19 36.47 1.74
C LEU B 84 4.14 37.60 2.75
N GLU B 85 4.33 37.29 4.03
CA GLU B 85 4.37 38.34 5.04
C GLU B 85 5.59 39.24 4.87
N GLU B 86 6.72 38.67 4.49
CA GLU B 86 7.90 39.49 4.24
C GLU B 86 7.69 40.41 3.03
N ARG B 87 6.88 39.97 2.07
CA ARG B 87 6.51 40.85 0.96
C ARG B 87 5.69 42.04 1.45
N MET B 88 4.83 41.82 2.44
CA MET B 88 4.09 42.92 3.05
C MET B 88 5.04 43.93 3.69
N GLN B 89 6.05 43.42 4.42
CA GLN B 89 7.05 44.31 5.00
C GLN B 89 7.89 44.98 3.92
N GLN B 90 8.24 44.25 2.86
CA GLN B 90 9.04 44.79 1.78
C GLN B 90 8.18 45.61 0.82
N GLU C 351 -93.43 19.51 -29.97
CA GLU C 351 -93.46 18.05 -30.01
C GLU C 351 -92.75 17.47 -28.79
N LEU C 352 -92.01 18.33 -28.08
CA LEU C 352 -91.26 18.02 -26.86
C LEU C 352 -90.07 17.10 -27.11
N VAL C 353 -89.88 16.64 -28.35
CA VAL C 353 -88.74 15.77 -28.63
C VAL C 353 -87.43 16.56 -28.54
N LYS C 354 -87.44 17.82 -29.00
CA LYS C 354 -86.25 18.64 -28.90
C LYS C 354 -85.95 19.02 -27.46
N ASP C 355 -86.99 19.17 -26.63
CA ASP C 355 -86.77 19.50 -25.23
C ASP C 355 -86.09 18.36 -24.49
N VAL C 356 -86.60 17.13 -24.66
CA VAL C 356 -86.02 15.99 -23.94
C VAL C 356 -84.63 15.66 -24.47
N LEU C 357 -84.41 15.80 -25.78
CA LEU C 357 -83.12 15.48 -26.36
C LEU C 357 -82.04 16.51 -26.04
N ASN C 358 -82.42 17.69 -25.56
CA ASN C 358 -81.47 18.76 -25.25
C ASN C 358 -81.20 18.88 -23.76
N VAL C 359 -81.33 17.79 -23.01
CA VAL C 359 -80.99 17.75 -21.60
C VAL C 359 -79.71 16.97 -21.34
N LEU C 360 -79.54 15.84 -22.04
CA LEU C 360 -78.32 15.06 -21.91
C LEU C 360 -77.11 15.78 -22.47
N ILE C 361 -77.31 16.73 -23.38
CA ILE C 361 -76.19 17.53 -23.90
C ILE C 361 -75.66 18.45 -22.81
N GLY C 362 -76.55 19.03 -22.01
CA GLY C 362 -76.19 19.95 -20.96
C GLY C 362 -76.81 21.32 -21.08
N VAL C 363 -77.32 21.69 -22.26
CA VAL C 363 -77.96 22.98 -22.44
C VAL C 363 -79.29 23.00 -21.70
N VAL C 364 -79.66 24.18 -21.20
CA VAL C 364 -80.92 24.37 -20.51
C VAL C 364 -82.03 24.54 -21.53
N SER C 365 -83.28 24.43 -21.08
CA SER C 365 -84.44 24.56 -21.96
C SER C 365 -85.50 25.40 -21.25
N ALA C 366 -86.64 25.57 -21.91
CA ALA C 366 -87.74 26.34 -21.31
C ALA C 366 -88.26 25.66 -20.06
N THR C 367 -88.43 24.34 -20.11
CA THR C 367 -88.91 23.59 -18.95
C THR C 367 -87.79 23.17 -18.02
N PHE C 368 -86.59 22.91 -18.55
CA PHE C 368 -85.45 22.47 -17.76
C PHE C 368 -84.65 23.69 -17.33
N SER C 369 -84.75 24.03 -16.04
CA SER C 369 -84.03 25.16 -15.47
C SER C 369 -82.73 24.66 -14.83
N LEU C 370 -82.06 25.55 -14.10
CA LEU C 370 -80.83 25.20 -13.42
C LEU C 370 -80.59 26.08 -12.19
N PRO C 390 -102.71 14.53 -19.79
CA PRO C 390 -102.39 13.83 -18.54
C PRO C 390 -101.51 14.67 -17.61
N GLU C 391 -101.12 14.10 -16.48
CA GLU C 391 -100.23 14.77 -15.55
C GLU C 391 -99.10 13.87 -15.04
N SER C 392 -99.04 12.61 -15.45
CA SER C 392 -97.94 11.73 -15.06
C SER C 392 -96.69 11.95 -15.90
N ILE C 393 -96.76 12.77 -16.95
CA ILE C 393 -95.61 13.02 -17.80
C ILE C 393 -94.50 13.72 -17.03
N SER C 394 -94.84 14.46 -15.98
CA SER C 394 -93.82 15.12 -15.17
C SER C 394 -92.89 14.11 -14.52
N SER C 395 -93.42 12.95 -14.13
CA SER C 395 -92.57 11.89 -13.60
C SER C 395 -91.59 11.39 -14.65
N LEU C 396 -92.05 11.26 -15.90
CA LEU C 396 -91.18 10.78 -16.96
C LEU C 396 -90.05 11.78 -17.23
N LEU C 397 -90.38 13.08 -17.28
CA LEU C 397 -89.35 14.08 -17.46
C LEU C 397 -88.41 14.13 -16.26
N SER C 398 -88.91 13.84 -15.07
CA SER C 398 -88.06 13.82 -13.88
C SER C 398 -86.97 12.76 -14.00
N GLU C 399 -87.33 11.58 -14.50
CA GLU C 399 -86.34 10.52 -14.67
C GLU C 399 -85.28 10.91 -15.69
N VAL C 400 -85.70 11.52 -16.79
CA VAL C 400 -84.74 11.96 -17.80
C VAL C 400 -83.85 13.08 -17.25
N ALA C 401 -84.43 13.97 -16.44
CA ALA C 401 -83.64 15.04 -15.84
C ALA C 401 -82.56 14.49 -14.92
N GLU C 402 -82.88 13.46 -14.14
CA GLU C 402 -81.88 12.83 -13.29
C GLU C 402 -80.80 12.15 -14.12
N TYR C 403 -81.14 11.73 -15.34
CA TYR C 403 -80.13 11.13 -16.21
C TYR C 403 -79.15 12.19 -16.71
N GLY C 404 -79.62 13.43 -16.88
CA GLY C 404 -78.73 14.48 -17.35
C GLY C 404 -77.92 15.16 -16.26
N THR C 405 -78.45 15.18 -15.04
CA THR C 405 -77.74 15.88 -13.96
C THR C 405 -76.43 15.18 -13.61
N CYS C 406 -76.38 13.85 -13.70
CA CYS C 406 -75.11 13.16 -13.46
C CYS C 406 -74.11 13.47 -14.57
N TYR C 407 -74.59 13.59 -15.82
CA TYR C 407 -73.71 13.99 -16.90
C TYR C 407 -73.14 15.38 -16.66
N THR C 408 -73.98 16.33 -16.24
CA THR C 408 -73.50 17.67 -15.96
C THR C 408 -72.51 17.67 -14.80
N ARG C 409 -72.79 16.89 -13.75
CA ARG C 409 -71.87 16.80 -12.62
C ARG C 409 -70.53 16.22 -13.04
N LEU C 410 -70.54 15.17 -13.86
CA LEU C 410 -69.29 14.59 -14.34
C LEU C 410 -68.52 15.58 -15.20
N SER C 411 -69.23 16.31 -16.07
CA SER C 411 -68.54 17.30 -16.91
C SER C 411 -67.92 18.41 -16.06
N HIS C 412 -68.62 18.85 -15.02
CA HIS C 412 -68.07 19.87 -14.13
C HIS C 412 -66.94 19.35 -13.27
N PHE C 413 -66.96 18.06 -12.91
CA PHE C 413 -65.93 17.47 -12.06
C PHE C 413 -64.67 17.09 -12.81
N SER C 414 -64.78 16.70 -14.08
CA SER C 414 -63.65 16.24 -14.86
C SER C 414 -63.32 17.19 -16.00
N LEU C 415 -63.36 18.49 -15.72
CA LEU C 415 -63.05 19.50 -16.73
C LEU C 415 -61.55 19.79 -16.82
N GLN C 416 -60.83 19.70 -15.71
CA GLN C 416 -59.39 19.98 -15.72
C GLN C 416 -58.67 18.91 -16.53
N PRO C 417 -57.80 19.29 -17.47
CA PRO C 417 -57.07 18.33 -18.30
C PRO C 417 -56.03 17.54 -17.50
N LYS C 425 -54.37 16.07 -6.86
CA LYS C 425 -53.32 16.28 -7.84
C LYS C 425 -52.51 15.00 -8.06
N GLY C 426 -52.24 14.68 -9.32
CA GLY C 426 -51.48 13.50 -9.66
C GLY C 426 -51.52 13.17 -11.13
N LEU C 427 -50.44 12.60 -11.66
CA LEU C 427 -50.42 12.23 -13.07
C LEU C 427 -51.42 11.14 -13.38
N VAL C 428 -51.61 10.19 -12.47
CA VAL C 428 -52.58 9.13 -12.67
C VAL C 428 -53.99 9.70 -12.73
N PHE C 429 -54.28 10.71 -11.90
CA PHE C 429 -55.60 11.33 -11.92
C PHE C 429 -55.85 12.03 -13.25
N GLN C 430 -54.82 12.64 -13.83
CA GLN C 430 -54.98 13.30 -15.12
C GLN C 430 -55.33 12.30 -16.21
N ALA C 431 -54.68 11.14 -16.20
CA ALA C 431 -55.00 10.11 -17.20
C ALA C 431 -56.42 9.61 -17.03
N PHE C 432 -56.86 9.42 -15.78
CA PHE C 432 -58.24 9.00 -15.53
C PHE C 432 -59.22 10.06 -16.01
N THR C 433 -58.92 11.33 -15.79
CA THR C 433 -59.77 12.41 -16.28
C THR C 433 -59.83 12.41 -17.80
N SER C 434 -58.68 12.18 -18.46
CA SER C 434 -58.66 12.13 -19.92
C SER C 434 -59.50 10.97 -20.42
N GLY C 435 -59.41 9.80 -19.77
CA GLY C 435 -60.25 8.68 -20.17
C GLY C 435 -61.72 8.95 -19.97
N LEU C 436 -62.08 9.60 -18.86
CA LEU C 436 -63.47 9.94 -18.62
C LEU C 436 -64.00 10.91 -19.67
N ARG C 437 -63.20 11.92 -20.03
CA ARG C 437 -63.60 12.87 -21.05
C ARG C 437 -63.73 12.19 -22.41
N ARG C 438 -62.83 11.25 -22.73
CA ARG C 438 -62.95 10.50 -23.97
C ARG C 438 -64.23 9.67 -23.99
N TYR C 439 -64.57 9.06 -22.86
CA TYR C 439 -65.83 8.31 -22.80
C TYR C 439 -67.03 9.22 -22.99
N LEU C 440 -67.01 10.40 -22.35
CA LEU C 440 -68.15 11.30 -22.46
C LEU C 440 -68.37 11.76 -23.89
N GLN C 441 -67.28 11.96 -24.64
CA GLN C 441 -67.41 12.38 -26.03
C GLN C 441 -68.10 11.30 -26.86
N TYR C 442 -67.81 10.04 -26.59
CA TYR C 442 -68.54 8.96 -27.25
C TYR C 442 -70.01 9.00 -26.89
N TYR C 443 -70.32 9.27 -25.62
CA TYR C 443 -71.71 9.37 -25.19
C TYR C 443 -72.43 10.52 -25.91
N ARG C 444 -71.75 11.66 -26.05
CA ARG C 444 -72.32 12.77 -26.81
C ARG C 444 -72.47 12.40 -28.28
N ALA C 445 -71.52 11.63 -28.82
CA ALA C 445 -71.62 11.21 -30.20
C ALA C 445 -72.80 10.28 -30.41
N CYS C 446 -73.05 9.37 -29.46
CA CYS C 446 -74.15 8.43 -29.60
C CYS C 446 -75.49 9.15 -29.63
N VAL C 447 -75.68 10.14 -28.74
CA VAL C 447 -76.92 10.90 -28.72
C VAL C 447 -76.92 11.91 -29.87
N LEU C 448 -78.13 12.33 -30.25
CA LEU C 448 -78.32 13.26 -31.37
C LEU C 448 -77.81 12.68 -32.68
N SER C 449 -77.75 11.36 -32.78
CA SER C 449 -77.28 10.69 -33.99
C SER C 449 -78.37 9.87 -34.64
N THR C 450 -78.99 8.94 -33.91
CA THR C 450 -80.01 8.07 -34.49
C THR C 450 -81.37 8.76 -34.65
N PRO C 451 -82.00 9.25 -33.58
CA PRO C 451 -83.41 9.64 -33.68
C PRO C 451 -83.56 11.08 -34.15
N PRO C 452 -84.19 11.29 -35.31
CA PRO C 452 -84.59 12.65 -35.68
C PRO C 452 -85.73 13.16 -34.82
N THR C 453 -86.80 12.37 -34.73
CA THR C 453 -87.95 12.68 -33.89
C THR C 453 -88.76 11.41 -33.71
N LEU C 454 -88.85 10.93 -32.47
CA LEU C 454 -89.54 9.69 -32.15
C LEU C 454 -90.59 9.96 -31.07
N SER C 455 -91.27 8.90 -30.67
CA SER C 455 -92.27 9.01 -29.60
C SER C 455 -91.60 9.21 -28.25
N LEU C 456 -92.34 9.81 -27.32
CA LEU C 456 -91.80 10.06 -25.99
C LEU C 456 -91.48 8.76 -25.27
N LEU C 457 -92.33 7.75 -25.43
CA LEU C 457 -92.05 6.44 -24.83
C LEU C 457 -90.81 5.81 -25.45
N THR C 458 -90.63 5.97 -26.76
CA THR C 458 -89.51 5.33 -27.44
C THR C 458 -88.18 5.86 -26.94
N ILE C 459 -88.08 7.18 -26.75
CA ILE C 459 -86.82 7.75 -26.27
C ILE C 459 -86.58 7.36 -24.81
N GLY C 460 -87.65 7.18 -24.03
CA GLY C 460 -87.48 6.74 -22.66
C GLY C 460 -86.95 5.32 -22.57
N PHE C 461 -87.50 4.40 -23.38
CA PHE C 461 -87.03 3.02 -23.37
C PHE C 461 -85.62 2.91 -23.93
N LEU C 462 -85.32 3.69 -24.97
CA LEU C 462 -84.01 3.59 -25.61
C LEU C 462 -82.89 4.00 -24.66
N PHE C 463 -83.13 5.03 -23.84
CA PHE C 463 -82.13 5.53 -22.91
C PHE C 463 -82.31 4.93 -21.51
N LYS C 464 -82.81 3.71 -21.41
CA LYS C 464 -82.97 3.05 -20.13
C LYS C 464 -81.77 2.18 -19.78
N LYS C 465 -81.34 1.33 -20.71
CA LYS C 465 -80.18 0.47 -20.47
C LYS C 465 -78.87 1.24 -20.40
N LEU C 466 -78.87 2.52 -20.78
CA LEU C 466 -77.67 3.35 -20.75
C LEU C 466 -77.69 4.37 -19.63
N GLY C 467 -78.85 4.90 -19.26
CA GLY C 467 -78.91 5.88 -18.19
C GLY C 467 -78.48 5.33 -16.85
N ARG C 468 -78.86 4.08 -16.56
CA ARG C 468 -78.47 3.46 -15.31
C ARG C 468 -76.95 3.32 -15.23
N GLN C 469 -76.31 2.97 -16.34
CA GLN C 469 -74.85 2.89 -16.36
C GLN C 469 -74.22 4.24 -16.09
N LEU C 470 -74.81 5.31 -16.64
CA LEU C 470 -74.30 6.65 -16.37
C LEU C 470 -74.40 6.98 -14.88
N ARG C 471 -75.50 6.60 -14.24
CA ARG C 471 -75.63 6.83 -12.80
C ARG C 471 -74.59 6.06 -12.02
N TYR C 472 -74.27 4.84 -12.46
CA TYR C 472 -73.25 4.05 -11.77
C TYR C 472 -71.89 4.73 -11.83
N LEU C 473 -71.54 5.29 -13.00
CA LEU C 473 -70.28 6.03 -13.11
C LEU C 473 -70.27 7.24 -12.20
N ALA C 474 -71.42 7.91 -12.05
CA ALA C 474 -71.50 9.03 -11.12
C ALA C 474 -71.25 8.58 -9.70
N GLU C 475 -71.79 7.42 -9.32
CA GLU C 475 -71.55 6.88 -7.99
C GLU C 475 -70.09 6.47 -7.82
N LEU C 476 -69.46 6.00 -8.90
CA LEU C 476 -68.06 5.59 -8.82
C LEU C 476 -67.17 6.79 -8.49
N CYS C 477 -67.45 7.94 -9.10
CA CYS C 477 -66.72 9.16 -8.79
C CYS C 477 -67.31 9.82 -7.55
N GLY C 478 -66.77 10.99 -7.19
CA GLY C 478 -67.30 11.72 -6.05
C GLY C 478 -68.72 12.21 -6.27
N VAL C 479 -69.00 12.71 -7.47
CA VAL C 479 -70.32 13.23 -7.78
C VAL C 479 -71.32 12.09 -7.97
N ALA C 494 -63.37 11.31 0.40
CA ALA C 494 -62.80 11.98 -0.76
C ALA C 494 -62.49 10.98 -1.87
N PHE C 495 -61.47 11.28 -2.67
CA PHE C 495 -61.06 10.42 -3.77
C PHE C 495 -59.56 10.18 -3.67
N PRO C 496 -59.11 8.94 -3.83
CA PRO C 496 -57.67 8.65 -3.67
C PRO C 496 -56.85 9.12 -4.86
N THR C 497 -55.52 9.00 -4.74
CA THR C 497 -54.61 9.37 -5.81
C THR C 497 -53.37 8.51 -5.73
N GLY C 498 -52.66 8.42 -6.85
CA GLY C 498 -51.45 7.62 -6.91
C GLY C 498 -51.72 6.13 -7.01
N VAL C 499 -50.90 5.34 -6.34
CA VAL C 499 -51.08 3.88 -6.38
C VAL C 499 -52.40 3.48 -5.72
N LYS C 500 -52.86 4.27 -4.75
CA LYS C 500 -54.12 3.95 -4.08
C LYS C 500 -55.29 3.96 -5.05
N LEU C 501 -55.32 4.94 -5.96
CA LEU C 501 -56.41 4.99 -6.94
C LEU C 501 -56.37 3.79 -7.87
N LEU C 502 -55.16 3.38 -8.29
CA LEU C 502 -55.05 2.22 -9.18
C LEU C 502 -55.56 0.96 -8.48
N SER C 503 -55.20 0.77 -7.21
CA SER C 503 -55.69 -0.37 -6.46
C SER C 503 -57.20 -0.30 -6.26
N TYR C 504 -57.73 0.89 -5.98
CA TYR C 504 -59.16 1.04 -5.77
C TYR C 504 -59.95 0.70 -7.03
N LEU C 505 -59.47 1.15 -8.19
CA LEU C 505 -60.15 0.82 -9.44
C LEU C 505 -60.05 -0.66 -9.75
N TYR C 506 -58.90 -1.28 -9.44
CA TYR C 506 -58.74 -2.71 -9.70
C TYR C 506 -59.73 -3.54 -8.89
N GLN C 507 -59.91 -3.20 -7.61
CA GLN C 507 -60.88 -3.91 -6.79
C GLN C 507 -62.30 -3.67 -7.29
N GLU C 508 -62.57 -2.49 -7.83
CA GLU C 508 -63.88 -2.21 -8.40
C GLU C 508 -64.16 -3.10 -9.61
N ALA C 509 -63.14 -3.33 -10.44
CA ALA C 509 -63.33 -4.16 -11.61
C ALA C 509 -63.71 -5.60 -11.24
N LEU C 510 -63.03 -6.17 -10.25
CA LEU C 510 -63.34 -7.52 -9.81
C LEU C 510 -64.70 -7.59 -9.13
N HIS C 511 -65.19 -6.45 -8.60
CA HIS C 511 -66.45 -6.46 -7.87
C HIS C 511 -67.63 -6.74 -8.79
N ASN C 512 -67.58 -6.24 -10.01
CA ASN C 512 -68.66 -6.40 -11.00
C ASN C 512 -68.10 -6.88 -12.33
N CYS C 513 -67.26 -7.92 -12.28
CA CYS C 513 -66.62 -8.42 -13.49
C CYS C 513 -67.64 -9.01 -14.46
N SER C 514 -68.61 -9.77 -13.95
CA SER C 514 -69.51 -10.50 -14.83
C SER C 514 -70.47 -9.56 -15.56
N ASN C 515 -70.75 -8.39 -15.00
CA ASN C 515 -71.80 -7.52 -15.53
C ASN C 515 -71.32 -6.85 -16.82
N GLU C 516 -72.13 -5.94 -17.34
CA GLU C 516 -71.84 -5.26 -18.59
C GLU C 516 -70.89 -4.08 -18.42
N HIS C 517 -70.51 -3.74 -17.19
CA HIS C 517 -69.60 -2.63 -16.95
C HIS C 517 -68.13 -3.01 -17.11
N TYR C 518 -67.84 -4.28 -17.43
CA TYR C 518 -66.44 -4.68 -17.60
C TYR C 518 -65.72 -3.94 -18.70
N PRO C 519 -66.26 -3.80 -19.93
CA PRO C 519 -65.52 -3.05 -20.96
C PRO C 519 -65.21 -1.61 -20.57
N VAL C 520 -66.15 -0.93 -19.90
CA VAL C 520 -65.93 0.47 -19.53
C VAL C 520 -64.85 0.57 -18.45
N LEU C 521 -64.95 -0.27 -17.43
CA LEU C 521 -63.96 -0.23 -16.35
C LEU C 521 -62.59 -0.65 -16.85
N LEU C 522 -62.53 -1.67 -17.72
CA LEU C 522 -61.25 -2.10 -18.27
C LEU C 522 -60.62 -1.00 -19.11
N SER C 523 -61.41 -0.31 -19.92
CA SER C 523 -60.87 0.76 -20.75
C SER C 523 -60.31 1.89 -19.89
N LEU C 524 -61.03 2.28 -18.83
CA LEU C 524 -60.53 3.34 -17.95
C LEU C 524 -59.26 2.90 -17.24
N LEU C 525 -59.22 1.66 -16.76
CA LEU C 525 -58.03 1.17 -16.08
C LEU C 525 -56.84 1.09 -17.03
N LYS C 526 -57.10 0.71 -18.30
CA LYS C 526 -56.01 0.63 -19.27
C LYS C 526 -55.39 2.00 -19.52
N THR C 527 -56.22 3.04 -19.62
CA THR C 527 -55.71 4.39 -19.86
C THR C 527 -55.33 5.13 -18.59
N SER C 528 -55.62 4.58 -17.42
CA SER C 528 -55.23 5.18 -16.16
C SER C 528 -53.90 4.66 -15.63
N CYS C 529 -53.42 3.52 -16.15
CA CYS C 529 -52.14 2.97 -15.76
C CYS C 529 -51.01 3.39 -16.70
N GLU C 530 -51.30 4.26 -17.67
CA GLU C 530 -50.28 4.68 -18.62
C GLU C 530 -49.10 5.37 -17.96
N PRO C 531 -49.27 6.35 -17.06
CA PRO C 531 -48.10 6.92 -16.39
C PRO C 531 -47.32 5.91 -15.58
N TYR C 532 -48.01 4.95 -14.95
CA TYR C 532 -47.32 3.94 -14.17
C TYR C 532 -46.51 3.01 -15.07
N THR C 533 -47.04 2.64 -16.23
CA THR C 533 -46.29 1.81 -17.16
C THR C 533 -45.06 2.53 -17.67
N ARG C 534 -45.17 3.84 -17.92
CA ARG C 534 -44.01 4.61 -18.35
C ARG C 534 -42.92 4.61 -17.29
N PHE C 535 -43.31 4.76 -16.02
CA PHE C 535 -42.34 4.71 -14.93
C PHE C 535 -41.70 3.34 -14.82
N ILE C 536 -42.49 2.27 -14.98
CA ILE C 536 -41.94 0.92 -14.89
C ILE C 536 -40.92 0.68 -16.00
N HIS C 537 -41.25 1.13 -17.22
CA HIS C 537 -40.33 0.96 -18.34
C HIS C 537 -39.10 1.85 -18.18
N ASP C 538 -39.14 2.82 -17.26
CA ASP C 538 -38.02 3.73 -17.09
C ASP C 538 -36.83 3.02 -16.47
N TRP C 539 -37.05 2.26 -15.39
CA TRP C 539 -35.95 1.52 -14.77
C TRP C 539 -35.48 0.38 -15.67
N VAL C 540 -36.40 -0.24 -16.41
CA VAL C 540 -36.04 -1.39 -17.22
C VAL C 540 -35.02 -1.01 -18.28
N TYR C 541 -35.21 0.13 -18.93
CA TYR C 541 -34.35 0.56 -20.04
C TYR C 541 -33.33 1.60 -19.61
N SER C 542 -33.79 2.71 -19.02
CA SER C 542 -32.91 3.82 -18.68
C SER C 542 -32.41 3.76 -17.24
N GLY C 543 -33.33 3.68 -16.28
CA GLY C 543 -32.96 3.67 -14.88
C GLY C 543 -32.83 5.04 -14.24
N VAL C 544 -33.09 6.11 -14.98
CA VAL C 544 -33.05 7.46 -14.43
C VAL C 544 -34.36 7.69 -13.70
N PHE C 545 -34.31 7.76 -12.37
CA PHE C 545 -35.52 7.90 -11.57
C PHE C 545 -36.24 9.19 -11.90
N ARG C 546 -37.57 9.11 -11.97
CA ARG C 546 -38.42 10.26 -12.26
C ARG C 546 -39.54 10.32 -11.23
N ASP C 547 -39.85 11.53 -10.78
CA ASP C 547 -40.90 11.73 -9.79
C ASP C 547 -41.61 13.02 -10.10
N ALA C 548 -42.94 12.98 -10.16
CA ALA C 548 -43.75 14.16 -10.46
C ALA C 548 -44.21 14.85 -9.18
N TYR C 549 -44.98 14.14 -8.35
CA TYR C 549 -45.47 14.68 -7.08
C TYR C 549 -45.35 13.67 -5.94
N GLY C 550 -44.51 12.65 -6.09
CA GLY C 550 -44.43 11.61 -5.09
C GLY C 550 -45.65 10.72 -5.02
N GLU C 551 -46.39 10.61 -6.12
CA GLU C 551 -47.62 9.82 -6.12
C GLU C 551 -47.35 8.34 -5.89
N PHE C 552 -46.16 7.86 -6.27
CA PHE C 552 -45.85 6.45 -6.16
C PHE C 552 -45.56 6.08 -4.71
N MET C 553 -45.61 4.78 -4.43
CA MET C 553 -45.28 4.27 -3.11
C MET C 553 -43.79 4.33 -2.80
N ILE C 554 -42.97 4.64 -3.80
CA ILE C 554 -41.51 4.60 -3.68
C ILE C 554 -40.95 5.99 -3.88
N GLN C 555 -39.97 6.36 -3.06
CA GLN C 555 -39.36 7.68 -3.13
C GLN C 555 -37.84 7.58 -3.12
N VAL C 556 -37.17 8.73 -3.02
CA VAL C 556 -35.72 8.77 -2.98
C VAL C 556 -35.24 9.83 -2.00
N LYS C 566 -20.21 3.94 0.59
CA LYS C 566 -20.96 3.80 1.83
C LYS C 566 -22.11 2.82 1.66
N LEU C 567 -23.17 3.00 2.47
CA LEU C 567 -24.32 2.11 2.37
C LEU C 567 -25.07 2.30 1.07
N TYR C 568 -25.33 3.55 0.67
CA TYR C 568 -25.85 3.90 -0.65
C TYR C 568 -27.22 3.29 -0.92
N TRP C 569 -27.81 2.63 0.07
CA TRP C 569 -29.06 1.92 -0.15
C TRP C 569 -30.18 2.45 0.73
N THR C 570 -30.32 3.78 0.77
CA THR C 570 -31.36 4.44 1.56
C THR C 570 -32.56 4.83 0.72
N HIS C 571 -32.92 4.03 -0.28
CA HIS C 571 -34.09 4.28 -1.11
C HIS C 571 -35.29 3.55 -0.49
N GLY C 572 -36.23 4.31 0.07
CA GLY C 572 -37.39 3.71 0.69
C GLY C 572 -38.28 3.02 -0.33
N TYR C 573 -39.00 2.00 0.13
CA TYR C 573 -39.88 1.22 -0.72
C TYR C 573 -41.34 1.33 -0.31
N VAL C 574 -41.66 1.14 0.96
CA VAL C 574 -43.04 1.20 1.43
C VAL C 574 -43.26 2.43 2.28
N VAL C 586 -54.44 -5.95 -5.61
CA VAL C 586 -53.27 -5.23 -6.09
C VAL C 586 -52.46 -6.11 -7.03
N PHE C 587 -51.38 -5.56 -7.56
CA PHE C 587 -50.50 -6.31 -8.44
C PHE C 587 -49.78 -7.41 -7.65
N LEU C 588 -49.38 -8.45 -8.38
CA LEU C 588 -48.73 -9.60 -7.75
C LEU C 588 -47.46 -9.17 -7.02
N LYS C 589 -47.33 -9.63 -5.78
CA LYS C 589 -46.19 -9.24 -4.95
C LYS C 589 -44.89 -9.91 -5.38
N HIS C 590 -44.95 -10.91 -6.26
CA HIS C 590 -43.73 -11.57 -6.72
C HIS C 590 -42.88 -10.66 -7.61
N ILE C 591 -43.40 -9.52 -8.05
CA ILE C 591 -42.66 -8.62 -8.91
C ILE C 591 -42.37 -7.28 -8.26
N ALA C 592 -43.14 -6.85 -7.26
CA ALA C 592 -42.93 -5.54 -6.65
C ALA C 592 -41.55 -5.43 -6.03
N HIS C 593 -41.13 -6.45 -5.27
CA HIS C 593 -39.80 -6.43 -4.68
C HIS C 593 -38.73 -6.62 -5.75
N ASP C 594 -39.01 -7.44 -6.77
CA ASP C 594 -38.05 -7.65 -7.84
C ASP C 594 -37.82 -6.36 -8.61
N ILE C 595 -38.88 -5.61 -8.90
CA ILE C 595 -38.74 -4.33 -9.59
C ILE C 595 -37.93 -3.35 -8.74
N TYR C 596 -38.21 -3.30 -7.44
CA TYR C 596 -37.52 -2.35 -6.57
C TYR C 596 -36.03 -2.62 -6.52
N VAL C 597 -35.63 -3.89 -6.46
CA VAL C 597 -34.21 -4.21 -6.42
C VAL C 597 -33.59 -4.11 -7.81
N CYS C 598 -34.39 -4.25 -8.87
CA CYS C 598 -33.85 -4.12 -10.22
C CYS C 598 -33.38 -2.70 -10.50
N GLY C 599 -34.13 -1.71 -10.02
CA GLY C 599 -33.73 -0.33 -10.25
C GLY C 599 -32.41 0.02 -9.58
N LYS C 600 -32.21 -0.48 -8.36
CA LYS C 600 -30.96 -0.23 -7.66
C LYS C 600 -29.77 -0.85 -8.38
N THR C 601 -29.96 -2.06 -8.91
CA THR C 601 -28.86 -2.74 -9.60
C THR C 601 -28.41 -1.98 -10.83
N ILE C 602 -29.36 -1.51 -11.65
CA ILE C 602 -28.98 -0.77 -12.85
C ILE C 602 -28.44 0.61 -12.48
N ASN C 603 -28.93 1.20 -11.39
CA ASN C 603 -28.38 2.48 -10.94
C ASN C 603 -26.95 2.31 -10.44
N LEU C 604 -26.67 1.20 -9.75
CA LEU C 604 -25.32 0.93 -9.28
C LEU C 604 -24.35 0.79 -10.44
N LEU C 605 -24.75 0.06 -11.48
CA LEU C 605 -23.89 -0.13 -12.64
C LEU C 605 -23.68 1.16 -13.42
N LYS C 606 -24.60 2.11 -13.31
CA LYS C 606 -24.45 3.39 -14.00
C LYS C 606 -23.28 4.19 -13.46
N LEU C 607 -23.00 4.08 -12.16
CA LEU C 607 -21.92 4.82 -11.52
C LEU C 607 -20.59 4.08 -11.57
N CYS C 608 -20.53 2.92 -12.21
CA CYS C 608 -19.30 2.16 -12.32
C CYS C 608 -19.10 1.63 -13.73
N VAL C 1482 -61.59 -12.93 -16.34
CA VAL C 1482 -60.31 -13.24 -15.74
C VAL C 1482 -59.43 -11.99 -15.69
N LEU C 1483 -58.62 -11.89 -14.63
CA LEU C 1483 -57.67 -10.79 -14.47
C LEU C 1483 -56.28 -11.42 -14.37
N MET C 1484 -55.65 -11.64 -15.52
CA MET C 1484 -54.29 -12.17 -15.60
C MET C 1484 -53.38 -11.07 -16.14
N LYS C 1485 -52.39 -10.70 -15.33
CA LYS C 1485 -51.44 -9.66 -15.71
C LYS C 1485 -50.25 -10.31 -16.41
N ARG C 1486 -50.45 -10.65 -17.67
CA ARG C 1486 -49.41 -11.27 -18.48
C ARG C 1486 -48.72 -10.28 -19.41
N SER C 1487 -49.42 -9.25 -19.89
CA SER C 1487 -48.81 -8.28 -20.79
C SER C 1487 -47.71 -7.48 -20.13
N ILE C 1488 -47.73 -7.35 -18.80
CA ILE C 1488 -46.71 -6.57 -18.10
C ILE C 1488 -45.46 -7.41 -17.87
N THR C 1489 -45.64 -8.64 -17.39
CA THR C 1489 -44.50 -9.50 -17.06
C THR C 1489 -43.90 -10.21 -18.26
N ALA C 1490 -44.59 -10.21 -19.41
CA ALA C 1490 -44.03 -10.89 -20.59
C ALA C 1490 -42.72 -10.28 -21.06
N PRO C 1491 -42.58 -8.96 -21.23
CA PRO C 1491 -41.26 -8.40 -21.59
C PRO C 1491 -40.43 -7.95 -20.40
N LEU C 1492 -40.83 -8.27 -19.18
CA LEU C 1492 -40.18 -7.79 -17.96
C LEU C 1492 -39.27 -8.85 -17.35
N ALA C 1493 -39.72 -10.11 -17.29
CA ALA C 1493 -38.92 -11.15 -16.67
C ALA C 1493 -37.62 -11.39 -17.44
N ALA C 1494 -37.69 -11.39 -18.76
CA ALA C 1494 -36.50 -11.65 -19.57
C ALA C 1494 -35.44 -10.57 -19.36
N HIS C 1495 -35.85 -9.31 -19.35
CA HIS C 1495 -34.89 -8.23 -19.19
C HIS C 1495 -34.32 -8.20 -17.77
N ILE C 1496 -35.15 -8.46 -16.77
CA ILE C 1496 -34.69 -8.46 -15.38
C ILE C 1496 -33.65 -9.56 -15.17
N SER C 1497 -33.92 -10.75 -15.71
CA SER C 1497 -32.96 -11.84 -15.61
C SER C 1497 -31.66 -11.49 -16.32
N LEU C 1498 -31.75 -10.86 -17.49
CA LEU C 1498 -30.55 -10.50 -18.23
C LEU C 1498 -29.70 -9.50 -17.45
N VAL C 1499 -30.33 -8.50 -16.84
CA VAL C 1499 -29.58 -7.49 -16.11
C VAL C 1499 -28.93 -8.10 -14.87
N ASN C 1500 -29.67 -8.91 -14.13
CA ASN C 1500 -29.13 -9.51 -12.92
C ASN C 1500 -27.94 -10.43 -13.23
N LYS C 1501 -28.05 -11.23 -14.29
CA LYS C 1501 -26.95 -12.11 -14.66
C LYS C 1501 -25.74 -11.31 -15.10
N ALA C 1502 -25.96 -10.21 -15.83
CA ALA C 1502 -24.85 -9.35 -16.23
C ALA C 1502 -24.17 -8.73 -15.01
N ALA C 1503 -24.96 -8.31 -14.01
CA ALA C 1503 -24.38 -7.71 -12.82
C ALA C 1503 -23.51 -8.71 -12.06
N VAL C 1504 -23.99 -9.94 -11.91
CA VAL C 1504 -23.21 -10.96 -11.20
C VAL C 1504 -21.96 -11.31 -12.00
N ASP C 1505 -22.10 -11.45 -13.32
CA ASP C 1505 -20.95 -11.78 -14.16
C ASP C 1505 -19.89 -10.70 -14.09
N TYR C 1506 -20.31 -9.43 -14.04
CA TYR C 1506 -19.35 -8.33 -13.99
C TYR C 1506 -18.55 -8.37 -12.69
N PHE C 1507 -19.20 -8.71 -11.57
CA PHE C 1507 -18.50 -8.74 -10.30
C PHE C 1507 -17.43 -9.83 -10.27
N PHE C 1508 -17.74 -11.01 -10.80
CA PHE C 1508 -16.81 -12.13 -10.70
C PHE C 1508 -15.64 -12.00 -11.66
N VAL C 1509 -15.87 -11.46 -12.86
CA VAL C 1509 -14.88 -11.50 -13.91
C VAL C 1509 -13.95 -10.28 -13.85
N GLU C 1510 -14.52 -9.09 -13.98
CA GLU C 1510 -13.73 -7.87 -14.12
C GLU C 1510 -13.45 -7.18 -12.79
N LEU C 1511 -13.88 -7.75 -11.66
CA LEU C 1511 -13.60 -7.19 -10.35
C LEU C 1511 -12.87 -8.15 -9.43
N HIS C 1512 -12.74 -9.43 -9.79
CA HIS C 1512 -12.01 -10.42 -8.99
C HIS C 1512 -12.58 -10.52 -7.57
N LEU C 1513 -13.91 -10.60 -7.48
CA LEU C 1513 -14.54 -10.76 -6.18
C LEU C 1513 -14.13 -12.08 -5.52
N GLU C 1514 -14.09 -13.16 -6.30
CA GLU C 1514 -13.64 -14.44 -5.75
C GLU C 1514 -12.18 -14.37 -5.31
N ALA C 1515 -11.38 -13.53 -5.95
CA ALA C 1515 -9.99 -13.38 -5.55
C ALA C 1515 -9.88 -12.77 -4.16
N HIS C 1516 -10.76 -11.82 -3.83
CA HIS C 1516 -10.75 -11.25 -2.49
C HIS C 1516 -11.06 -12.31 -1.43
N TYR C 1517 -12.04 -13.17 -1.70
CA TYR C 1517 -12.43 -14.16 -0.70
C TYR C 1517 -11.29 -15.12 -0.40
N GLU C 1518 -10.59 -15.60 -1.43
CA GLU C 1518 -9.48 -16.51 -1.18
C GLU C 1518 -8.31 -15.78 -0.53
N ALA C 1519 -8.13 -14.49 -0.85
CA ALA C 1519 -7.12 -13.70 -0.17
C ALA C 1519 -7.55 -13.36 1.25
N LEU C 1520 -8.84 -13.09 1.44
CA LEU C 1520 -9.35 -12.81 2.78
C LEU C 1520 -9.18 -14.01 3.70
N ARG C 1521 -9.47 -15.20 3.21
CA ARG C 1521 -9.30 -16.41 4.01
C ARG C 1521 -7.83 -16.63 4.35
N HIS C 1522 -6.93 -16.26 3.44
CA HIS C 1522 -5.51 -16.46 3.69
C HIS C 1522 -5.02 -15.63 4.86
N PHE C 1523 -5.46 -14.37 4.95
CA PHE C 1523 -4.91 -13.45 5.94
C PHE C 1523 -5.74 -13.38 7.22
N LEU C 1524 -7.02 -13.01 7.10
CA LEU C 1524 -7.83 -12.80 8.30
C LEU C 1524 -8.06 -14.10 9.07
N LEU C 1525 -8.36 -15.18 8.37
CA LEU C 1525 -8.52 -16.48 9.01
C LEU C 1525 -7.19 -17.16 9.29
N MET C 1526 -6.07 -16.51 8.97
CA MET C 1526 -4.74 -16.96 9.37
C MET C 1526 -4.46 -18.36 8.81
N GLU C 1527 -4.94 -18.61 7.58
CA GLU C 1527 -4.73 -19.91 6.96
C GLU C 1527 -3.38 -20.03 6.28
N ASP C 1528 -2.80 -18.91 5.84
CA ASP C 1528 -1.55 -18.95 5.09
C ASP C 1528 -0.39 -19.27 6.02
N GLY C 1529 0.35 -20.33 5.69
CA GLY C 1529 1.52 -20.67 6.46
C GLY C 1529 2.68 -19.73 6.22
N GLU C 1530 3.63 -19.74 7.15
CA GLU C 1530 4.83 -18.91 7.11
C GLU C 1530 4.49 -17.43 7.19
N PHE C 1531 3.19 -17.12 7.33
CA PHE C 1531 2.71 -15.81 7.73
C PHE C 1531 1.98 -15.87 9.06
N ALA C 1532 1.25 -16.96 9.30
CA ALA C 1532 0.66 -17.20 10.62
C ALA C 1532 1.74 -17.33 11.68
N GLN C 1533 2.76 -18.14 11.41
CA GLN C 1533 3.82 -18.36 12.39
C GLN C 1533 4.68 -17.11 12.53
N SER C 1534 4.98 -16.42 11.43
CA SER C 1534 5.88 -15.28 11.48
C SER C 1534 5.27 -14.13 12.28
N LEU C 1535 4.01 -13.80 12.01
CA LEU C 1535 3.37 -12.70 12.74
C LEU C 1535 3.24 -13.03 14.22
N SER C 1536 2.86 -14.27 14.54
CA SER C 1536 2.73 -14.66 15.94
C SER C 1536 4.08 -14.67 16.64
N ASP C 1537 5.13 -15.13 15.96
CA ASP C 1537 6.43 -15.26 16.59
C ASP C 1537 7.00 -13.89 16.94
N LEU C 1538 6.94 -12.94 15.99
CA LEU C 1538 7.53 -11.63 16.22
C LEU C 1538 6.84 -10.91 17.37
N LEU C 1539 5.51 -10.97 17.44
CA LEU C 1539 4.80 -10.28 18.51
C LEU C 1539 5.13 -10.87 19.88
N PHE C 1540 5.19 -12.20 19.96
CA PHE C 1540 5.38 -12.85 21.25
C PHE C 1540 6.84 -12.88 21.70
N GLU C 1541 7.78 -12.52 20.82
CA GLU C 1541 9.18 -12.51 21.22
C GLU C 1541 9.44 -11.48 22.32
N LYS C 1542 8.79 -10.32 22.22
CA LYS C 1542 9.01 -9.26 23.20
C LYS C 1542 8.56 -9.70 24.59
N LEU C 1543 7.27 -9.96 24.77
CA LEU C 1543 6.75 -10.36 26.07
C LEU C 1543 7.01 -11.84 26.31
N PRO C 1549 3.18 -2.98 27.80
CA PRO C 1549 3.34 -1.67 28.44
C PRO C 1549 3.47 -0.54 27.42
N GLY C 1550 4.44 0.35 27.63
CA GLY C 1550 4.65 1.45 26.72
C GLY C 1550 5.16 1.03 25.35
N GLU C 1551 5.69 -0.18 25.24
CA GLU C 1551 6.13 -0.73 23.97
C GLU C 1551 5.04 -1.65 23.41
N LEU C 1552 5.28 -2.17 22.21
CA LEU C 1552 4.39 -3.09 21.51
C LEU C 1552 3.04 -2.47 21.17
N LEU C 1553 2.83 -1.19 21.50
CA LEU C 1553 1.58 -0.50 21.18
C LEU C 1553 1.77 0.78 20.40
N ASN C 1554 2.98 1.32 20.33
CA ASN C 1554 3.22 2.51 19.52
C ASN C 1554 3.09 2.18 18.04
N PRO C 1555 2.67 3.14 17.22
CA PRO C 1555 2.52 2.87 15.78
C PRO C 1555 3.81 2.48 15.10
N LEU C 1556 4.97 2.84 15.67
CA LEU C 1556 6.24 2.53 15.03
C LEU C 1556 6.48 1.03 14.95
N VAL C 1557 6.17 0.29 16.02
CA VAL C 1557 6.54 -1.12 16.09
C VAL C 1557 5.50 -2.01 15.43
N LEU C 1558 4.21 -1.79 15.70
CA LEU C 1558 3.19 -2.68 15.18
C LEU C 1558 2.89 -2.47 13.70
N ASN C 1559 3.08 -1.25 13.19
CA ASN C 1559 2.91 -1.03 11.76
C ASN C 1559 4.09 -1.56 10.96
N SER C 1560 5.22 -1.79 11.61
CA SER C 1560 6.40 -2.34 10.95
C SER C 1560 6.47 -3.85 11.00
N VAL C 1561 5.91 -4.47 12.04
CA VAL C 1561 5.93 -5.94 12.13
C VAL C 1561 5.08 -6.54 11.03
N LEU C 1562 3.97 -5.88 10.68
CA LEU C 1562 3.17 -6.33 9.54
C LEU C 1562 3.96 -6.23 8.25
N SER C 1563 4.69 -5.12 8.06
CA SER C 1563 5.47 -4.95 6.84
C SER C 1563 6.56 -6.02 6.72
N LYS C 1564 7.23 -6.33 7.83
CA LYS C 1564 8.28 -7.33 7.81
C LYS C 1564 7.71 -8.72 7.55
N ALA C 1565 6.53 -9.01 8.09
CA ALA C 1565 5.97 -10.36 7.99
C ALA C 1565 5.54 -10.68 6.56
N LEU C 1566 5.23 -9.66 5.75
CA LEU C 1566 4.71 -9.92 4.41
C LEU C 1566 5.75 -10.60 3.53
N GLN C 1567 7.01 -10.19 3.61
CA GLN C 1567 8.04 -10.84 2.80
C GLN C 1567 8.21 -12.30 3.20
N CYS C 1568 8.18 -12.61 4.49
CA CYS C 1568 8.30 -13.98 4.94
C CYS C 1568 7.06 -14.81 4.61
N SER C 1569 5.94 -14.16 4.31
CA SER C 1569 4.74 -14.90 3.93
C SER C 1569 4.94 -15.64 2.63
N LEU C 1570 5.57 -14.99 1.64
CA LEU C 1570 5.84 -15.51 0.30
C LEU C 1570 4.56 -15.68 -0.52
N HIS C 1571 3.39 -15.49 0.09
CA HIS C 1571 2.12 -15.50 -0.62
C HIS C 1571 1.50 -14.13 -0.37
N GLY C 1572 1.86 -13.17 -1.21
CA GLY C 1572 1.38 -11.80 -1.05
C GLY C 1572 2.18 -10.82 -1.88
N ASP C 1573 2.48 -9.65 -1.29
CA ASP C 1573 3.20 -8.57 -1.98
C ASP C 1573 2.46 -8.12 -3.24
N THR C 1574 1.14 -8.22 -3.22
CA THR C 1574 0.28 -7.81 -4.32
C THR C 1574 -0.62 -6.67 -3.86
N PRO C 1575 -1.35 -6.01 -4.77
CA PRO C 1575 -2.39 -5.07 -4.29
C PRO C 1575 -3.41 -5.75 -3.39
N HIS C 1576 -3.61 -7.05 -3.54
CA HIS C 1576 -4.45 -7.79 -2.60
C HIS C 1576 -3.86 -7.75 -1.20
N ALA C 1577 -2.54 -7.92 -1.08
CA ALA C 1577 -1.88 -7.96 0.22
C ALA C 1577 -1.93 -6.62 0.93
N SER C 1578 -2.19 -5.53 0.21
CA SER C 1578 -2.30 -4.23 0.85
C SER C 1578 -3.61 -4.14 1.63
N ASN C 1579 -3.85 -2.97 2.22
CA ASN C 1579 -5.04 -2.65 3.00
C ASN C 1579 -5.14 -3.44 4.30
N LEU C 1580 -4.11 -4.23 4.65
CA LEU C 1580 -4.08 -4.89 5.94
C LEU C 1580 -3.60 -3.91 7.00
N SER C 1581 -4.34 -3.81 8.10
CA SER C 1581 -4.05 -2.86 9.16
C SER C 1581 -4.22 -3.53 10.52
N LEU C 1582 -3.22 -3.37 11.38
CA LEU C 1582 -3.30 -3.88 12.76
C LEU C 1582 -3.91 -2.80 13.62
N ALA C 1583 -5.23 -2.88 13.82
CA ALA C 1583 -5.94 -1.93 14.66
C ALA C 1583 -5.99 -2.43 16.10
N LEU C 1584 -6.03 -1.49 17.04
CA LEU C 1584 -6.12 -1.80 18.45
C LEU C 1584 -7.38 -1.14 19.03
N LYS C 1585 -8.07 -1.88 19.89
CA LYS C 1585 -9.31 -1.39 20.49
C LYS C 1585 -9.25 -1.29 22.00
N TYR C 1586 -8.14 -1.63 22.63
CA TYR C 1586 -8.03 -1.58 24.08
C TYR C 1586 -6.56 -1.49 24.46
N LEU C 1587 -6.26 -0.74 25.51
CA LEU C 1587 -4.89 -0.57 25.98
C LEU C 1587 -4.75 -1.14 27.39
N PRO C 1588 -4.28 -2.37 27.54
CA PRO C 1588 -4.10 -2.93 28.89
C PRO C 1588 -2.94 -2.25 29.61
N GLU C 1589 -3.07 -2.19 30.94
CA GLU C 1589 -2.02 -1.59 31.75
C GLU C 1589 -0.80 -2.50 31.85
N VAL C 1590 -1.03 -3.80 32.02
CA VAL C 1590 0.06 -4.76 32.15
C VAL C 1590 -0.35 -6.10 31.56
N PRO C 1596 1.29 -14.70 32.81
CA PRO C 1596 0.24 -15.49 33.47
C PRO C 1596 -1.11 -15.34 32.78
N ASP C 1597 -1.39 -14.14 32.26
CA ASP C 1597 -2.64 -13.90 31.57
C ASP C 1597 -2.62 -14.58 30.20
N VAL C 1598 -3.79 -14.67 29.58
CA VAL C 1598 -3.93 -15.33 28.29
C VAL C 1598 -4.68 -14.41 27.33
N LEU C 1599 -4.88 -13.16 27.72
CA LEU C 1599 -5.57 -12.18 26.91
C LEU C 1599 -4.57 -11.18 26.33
N SER C 1600 -4.66 -10.94 25.01
CA SER C 1600 -3.85 -9.93 24.33
C SER C 1600 -4.72 -9.37 23.20
N CYS C 1601 -5.38 -8.26 23.48
CA CYS C 1601 -6.33 -7.69 22.53
C CYS C 1601 -5.61 -7.07 21.35
N LEU C 1602 -6.05 -7.41 20.14
CA LEU C 1602 -5.49 -6.88 18.91
C LEU C 1602 -6.43 -7.27 17.77
N GLU C 1603 -6.70 -6.32 16.87
CA GLU C 1603 -7.61 -6.54 15.76
C GLU C 1603 -6.83 -6.61 14.45
N LEU C 1604 -7.56 -6.96 13.38
CA LEU C 1604 -6.97 -7.03 12.05
C LEU C 1604 -8.12 -6.83 11.06
N ARG C 1605 -8.21 -5.64 10.50
CA ARG C 1605 -9.35 -5.24 9.67
C ARG C 1605 -8.92 -5.09 8.22
N TYR C 1606 -9.66 -5.74 7.33
CA TYR C 1606 -9.47 -5.57 5.90
C TYR C 1606 -10.14 -4.28 5.44
N LYS C 1607 -9.63 -3.72 4.34
CA LYS C 1607 -10.16 -2.50 3.76
C LYS C 1607 -10.55 -2.75 2.31
N VAL C 1608 -11.70 -2.20 1.91
CA VAL C 1608 -12.23 -2.38 0.57
C VAL C 1608 -12.62 -1.02 -0.01
N ASP C 1609 -12.73 -0.97 -1.32
CA ASP C 1609 -13.03 0.26 -2.04
C ASP C 1609 -14.55 0.42 -2.21
N TRP C 1610 -14.95 1.41 -3.00
CA TRP C 1610 -16.38 1.69 -3.16
C TRP C 1610 -17.16 0.55 -3.81
N PRO C 1611 -16.76 -0.01 -4.95
CA PRO C 1611 -17.64 -0.99 -5.62
C PRO C 1611 -17.94 -2.22 -4.78
N LEU C 1612 -16.99 -2.68 -3.97
CA LEU C 1612 -17.19 -3.88 -3.17
C LEU C 1612 -17.53 -3.58 -1.71
N ASN C 1613 -17.72 -2.31 -1.35
CA ASN C 1613 -18.13 -1.98 0.00
C ASN C 1613 -19.54 -2.49 0.30
N ILE C 1614 -20.39 -2.57 -0.72
CA ILE C 1614 -21.75 -3.06 -0.52
C ILE C 1614 -21.80 -4.57 -0.30
N VAL C 1615 -21.00 -5.33 -1.04
CA VAL C 1615 -21.04 -6.79 -0.93
C VAL C 1615 -20.58 -7.25 0.44
N ILE C 1616 -19.47 -6.69 0.93
CA ILE C 1616 -18.92 -7.06 2.23
C ILE C 1616 -19.42 -6.05 3.26
N THR C 1617 -20.18 -6.53 4.24
CA THR C 1617 -20.74 -5.65 5.26
C THR C 1617 -19.71 -5.34 6.34
N GLU C 1618 -19.94 -4.23 7.05
CA GLU C 1618 -19.05 -3.87 8.16
C GLU C 1618 -19.12 -4.89 9.28
N GLY C 1619 -20.32 -5.41 9.57
CA GLY C 1619 -20.46 -6.42 10.61
C GLY C 1619 -19.72 -7.69 10.29
N CYS C 1620 -19.66 -8.08 9.02
CA CYS C 1620 -18.91 -9.27 8.63
C CYS C 1620 -17.44 -9.12 8.95
N VAL C 1621 -16.87 -7.95 8.66
CA VAL C 1621 -15.46 -7.70 8.94
C VAL C 1621 -15.21 -7.72 10.45
N SER C 1622 -16.15 -7.19 11.24
CA SER C 1622 -15.99 -7.18 12.68
C SER C 1622 -15.93 -8.60 13.24
N LYS C 1623 -16.77 -9.50 12.73
CA LYS C 1623 -16.74 -10.88 13.19
C LYS C 1623 -15.49 -11.62 12.71
N TYR C 1624 -14.91 -11.18 11.59
CA TYR C 1624 -13.62 -11.72 11.18
C TYR C 1624 -12.54 -11.40 12.20
N SER C 1625 -12.54 -10.17 12.73
CA SER C 1625 -11.60 -9.83 13.79
C SER C 1625 -11.83 -10.67 15.04
N GLY C 1626 -13.11 -10.89 15.39
CA GLY C 1626 -13.42 -11.65 16.58
C GLY C 1626 -12.92 -13.09 16.51
N VAL C 1627 -13.17 -13.75 15.37
CA VAL C 1627 -12.67 -15.11 15.20
C VAL C 1627 -11.15 -15.10 15.07
N PHE C 1628 -10.58 -14.02 14.50
CA PHE C 1628 -9.13 -13.93 14.41
C PHE C 1628 -8.50 -13.77 15.79
N SER C 1629 -9.14 -13.00 16.67
CA SER C 1629 -8.59 -12.81 18.01
C SER C 1629 -8.53 -14.11 18.78
N PHE C 1630 -9.60 -14.92 18.70
CA PHE C 1630 -9.57 -16.23 19.33
C PHE C 1630 -8.55 -17.14 18.66
N LEU C 1631 -8.50 -17.13 17.33
CA LEU C 1631 -7.58 -18.01 16.63
C LEU C 1631 -6.12 -17.63 16.88
N LEU C 1632 -5.84 -16.34 17.04
CA LEU C 1632 -4.50 -15.92 17.44
C LEU C 1632 -4.17 -16.42 18.83
N GLN C 1633 -5.15 -16.42 19.73
CA GLN C 1633 -4.92 -16.94 21.08
C GLN C 1633 -4.58 -18.42 21.06
N LEU C 1634 -5.14 -19.17 20.11
CA LEU C 1634 -4.79 -20.57 19.98
C LEU C 1634 -3.32 -20.75 19.62
N LYS C 1635 -2.82 -19.90 18.73
CA LYS C 1635 -1.42 -20.01 18.31
C LYS C 1635 -0.47 -19.63 19.44
N LEU C 1636 -0.98 -18.98 20.48
CA LEU C 1636 -0.13 -18.58 21.60
C LEU C 1636 0.44 -19.80 22.31
N MET C 1637 -0.31 -20.90 22.38
CA MET C 1637 0.23 -22.13 22.96
C MET C 1637 1.41 -22.65 22.16
N MET C 1638 1.25 -22.73 20.82
CA MET C 1638 2.29 -23.35 20.00
C MET C 1638 3.62 -22.63 20.14
N TRP C 1639 3.60 -21.30 20.21
CA TRP C 1639 4.84 -20.57 20.47
C TRP C 1639 5.36 -20.86 21.87
N ALA C 1640 4.49 -20.79 22.87
CA ALA C 1640 4.91 -21.04 24.25
C ALA C 1640 5.32 -22.49 24.45
N LEU C 1641 4.53 -23.42 23.91
CA LEU C 1641 4.83 -24.83 24.08
C LEU C 1641 6.12 -25.23 23.37
N LYS C 1642 6.35 -24.66 22.18
CA LYS C 1642 7.62 -24.91 21.50
C LYS C 1642 8.79 -24.33 22.28
N ASP C 1643 8.58 -23.16 22.90
CA ASP C 1643 9.65 -22.53 23.66
C ASP C 1643 10.04 -23.38 24.87
N VAL C 1644 9.05 -23.87 25.62
CA VAL C 1644 9.36 -24.70 26.77
C VAL C 1644 9.92 -26.05 26.32
N CYS C 1645 9.53 -26.53 25.14
CA CYS C 1645 10.16 -27.72 24.58
C CYS C 1645 11.63 -27.47 24.28
N PHE C 1646 11.94 -26.31 23.70
CA PHE C 1646 13.33 -25.94 23.48
C PHE C 1646 14.04 -25.66 24.81
N HIS C 1647 13.31 -25.10 25.79
CA HIS C 1647 13.91 -24.82 27.08
C HIS C 1647 14.34 -26.09 27.79
N LEU C 1648 13.51 -27.13 27.73
CA LEU C 1648 13.88 -28.41 28.34
C LEU C 1648 14.97 -29.14 27.56
N LYS C 1649 15.11 -28.83 26.26
CA LYS C 1649 16.12 -29.49 25.45
C LYS C 1649 17.53 -29.15 25.93
N ARG C 1650 17.77 -27.88 26.30
CA ARG C 1650 19.10 -27.47 26.73
C ARG C 1650 19.52 -28.08 28.06
N THR C 1651 18.59 -28.64 28.82
CA THR C 1651 18.95 -29.27 30.09
C THR C 1651 19.87 -30.46 29.86
N ALA C 1652 19.58 -31.27 28.85
CA ALA C 1652 20.39 -32.44 28.53
C ALA C 1652 21.75 -32.03 27.98
N MET C 1657 23.17 -37.30 30.82
CA MET C 1657 23.76 -36.91 32.10
C MET C 1657 22.69 -36.73 33.15
N ALA C 1658 21.91 -35.65 33.03
CA ALA C 1658 20.85 -35.33 33.98
C ALA C 1658 19.58 -36.09 33.58
N GLY C 1659 19.64 -37.41 33.74
CA GLY C 1659 18.49 -38.26 33.44
C GLY C 1659 18.07 -39.08 34.65
N SER C 1660 16.88 -38.78 35.18
CA SER C 1660 16.37 -39.48 36.35
C SER C 1660 14.84 -39.48 36.27
N VAL C 1661 14.19 -39.87 37.36
CA VAL C 1661 12.74 -39.90 37.41
C VAL C 1661 12.17 -38.50 37.27
N GLN C 1662 12.78 -37.53 37.93
CA GLN C 1662 12.24 -36.17 37.95
C GLN C 1662 12.17 -35.57 36.55
N PHE C 1663 13.21 -35.74 35.74
CA PHE C 1663 13.22 -35.15 34.40
C PHE C 1663 12.19 -35.82 33.49
N ARG C 1664 12.16 -37.16 33.49
CA ARG C 1664 11.25 -37.86 32.58
C ARG C 1664 9.80 -37.67 32.98
N GLN C 1665 9.53 -37.60 34.29
CA GLN C 1665 8.16 -37.43 34.74
C GLN C 1665 7.59 -36.09 34.29
N LEU C 1666 8.39 -35.02 34.34
CA LEU C 1666 7.93 -33.72 33.90
C LEU C 1666 7.67 -33.70 32.40
N GLN C 1667 8.53 -34.36 31.63
CA GLN C 1667 8.39 -34.32 30.17
C GLN C 1667 7.15 -35.06 29.70
N LEU C 1668 6.77 -36.14 30.39
CA LEU C 1668 5.52 -36.82 30.04
C LEU C 1668 4.32 -35.90 30.26
N PHE C 1669 4.39 -35.03 31.26
CA PHE C 1669 3.33 -34.05 31.47
C PHE C 1669 3.21 -33.10 30.28
N LYS C 1670 4.35 -32.66 29.73
CA LYS C 1670 4.32 -31.77 28.59
C LYS C 1670 3.68 -32.43 27.38
N HIS C 1671 3.97 -33.71 27.15
CA HIS C 1671 3.35 -34.42 26.05
C HIS C 1671 1.84 -34.51 26.23
N GLU C 1672 1.40 -34.78 27.46
CA GLU C 1672 -0.04 -34.77 27.74
C GLU C 1672 -0.62 -33.37 27.56
N MET C 1673 0.11 -32.35 27.98
CA MET C 1673 -0.33 -30.98 27.75
C MET C 1673 -0.43 -30.68 26.26
N GLN C 1674 0.55 -31.14 25.48
CA GLN C 1674 0.59 -30.82 24.05
C GLN C 1674 -0.57 -31.47 23.30
N HIS C 1675 -0.89 -32.72 23.63
CA HIS C 1675 -1.86 -33.47 22.83
C HIS C 1675 -3.24 -32.83 22.89
N PHE C 1676 -3.63 -32.31 24.05
CA PHE C 1676 -4.93 -31.65 24.16
C PHE C 1676 -5.01 -30.42 23.27
N VAL C 1677 -3.95 -29.61 23.24
CA VAL C 1677 -3.96 -28.41 22.42
C VAL C 1677 -3.98 -28.76 20.94
N LYS C 1678 -3.18 -29.75 20.54
CA LYS C 1678 -3.13 -30.13 19.13
C LYS C 1678 -4.45 -30.73 18.66
N VAL C 1679 -5.08 -31.57 19.48
CA VAL C 1679 -6.29 -32.26 19.04
C VAL C 1679 -7.43 -31.28 18.83
N ILE C 1680 -7.52 -30.24 19.65
CA ILE C 1680 -8.61 -29.28 19.51
C ILE C 1680 -8.28 -28.27 18.42
N GLN C 1681 -6.99 -28.00 18.20
CA GLN C 1681 -6.59 -27.13 17.10
C GLN C 1681 -6.96 -27.74 15.76
N GLY C 1682 -6.78 -29.06 15.62
CA GLY C 1682 -7.20 -29.73 14.39
C GLY C 1682 -8.70 -29.65 14.18
N TYR C 1683 -9.48 -29.77 15.25
CA TYR C 1683 -10.93 -29.66 15.14
C TYR C 1683 -11.33 -28.28 14.63
N ILE C 1684 -10.69 -27.23 15.17
CA ILE C 1684 -10.99 -25.86 14.74
C ILE C 1684 -10.63 -25.68 13.28
N ALA C 1685 -9.46 -26.19 12.88
CA ALA C 1685 -9.02 -26.06 11.50
C ALA C 1685 -9.95 -26.79 10.56
N ASN C 1686 -10.35 -28.01 10.91
CA ASN C 1686 -11.22 -28.78 10.04
C ASN C 1686 -12.60 -28.14 9.92
N GLN C 1687 -13.14 -27.66 11.04
CA GLN C 1687 -14.53 -27.18 11.05
C GLN C 1687 -14.68 -25.81 10.42
N ILE C 1688 -13.65 -24.97 10.46
CA ILE C 1688 -13.75 -23.58 10.03
C ILE C 1688 -13.16 -23.38 8.64
N LEU C 1689 -11.97 -23.94 8.39
CA LEU C 1689 -11.23 -23.63 7.17
C LEU C 1689 -11.48 -24.60 6.03
N HIS C 1690 -11.99 -25.80 6.29
CA HIS C 1690 -12.13 -26.80 5.25
C HIS C 1690 -13.58 -27.16 4.95
N VAL C 1691 -14.35 -27.63 5.93
CA VAL C 1691 -15.72 -28.05 5.65
C VAL C 1691 -16.62 -26.85 5.37
N THR C 1692 -16.45 -25.77 6.13
CA THR C 1692 -17.25 -24.57 5.88
C THR C 1692 -16.85 -23.92 4.56
N TRP C 1693 -15.56 -23.95 4.23
CA TRP C 1693 -15.11 -23.40 2.95
C TRP C 1693 -15.51 -24.27 1.78
N CYS C 1694 -15.83 -25.55 2.01
CA CYS C 1694 -16.39 -26.36 0.93
C CYS C 1694 -17.73 -25.79 0.48
N GLU C 1695 -18.58 -25.39 1.42
CA GLU C 1695 -19.71 -24.55 1.09
C GLU C 1695 -19.22 -23.14 0.77
N PHE C 1696 -20.06 -22.38 0.08
CA PHE C 1696 -19.78 -21.03 -0.42
C PHE C 1696 -18.76 -21.05 -1.55
N ARG C 1697 -18.17 -22.20 -1.87
CA ARG C 1697 -17.34 -22.35 -3.06
C ARG C 1697 -18.12 -22.93 -4.22
N ALA C 1698 -18.82 -24.04 -4.02
CA ALA C 1698 -19.76 -24.54 -5.00
C ALA C 1698 -21.13 -23.88 -4.87
N ARG C 1699 -21.39 -23.19 -3.77
CA ARG C 1699 -22.68 -22.52 -3.59
C ARG C 1699 -22.81 -21.32 -4.52
N LEU C 1700 -21.74 -20.55 -4.69
CA LEU C 1700 -21.81 -19.36 -5.54
C LEU C 1700 -22.09 -19.73 -6.99
N ALA C 1701 -21.42 -20.77 -7.49
CA ALA C 1701 -21.62 -21.21 -8.86
C ALA C 1701 -22.88 -22.05 -9.00
N LEU C 1706 -27.74 -10.31 -7.26
CA LEU C 1706 -26.90 -9.49 -6.40
C LEU C 1706 -27.17 -9.76 -4.92
N GLU C 1707 -28.46 -9.85 -4.58
CA GLU C 1707 -28.83 -10.13 -3.20
C GLU C 1707 -28.44 -11.55 -2.80
N GLU C 1708 -28.25 -12.43 -3.79
CA GLU C 1708 -27.76 -13.77 -3.50
C GLU C 1708 -26.41 -13.74 -2.81
N ILE C 1709 -25.53 -12.84 -3.25
CA ILE C 1709 -24.20 -12.73 -2.65
C ILE C 1709 -24.32 -12.31 -1.19
N GLN C 1710 -25.21 -11.36 -0.91
CA GLN C 1710 -25.33 -10.83 0.45
C GLN C 1710 -25.86 -11.88 1.42
N ARG C 1711 -26.93 -12.59 1.03
CA ARG C 1711 -27.46 -13.63 1.91
C ARG C 1711 -26.47 -14.76 2.12
N ALA C 1712 -25.79 -15.19 1.05
CA ALA C 1712 -24.88 -16.32 1.16
C ALA C 1712 -23.69 -15.98 2.06
N HIS C 1713 -23.16 -14.77 1.95
CA HIS C 1713 -21.98 -14.40 2.74
C HIS C 1713 -22.31 -14.38 4.23
N ALA C 1714 -23.50 -13.90 4.59
CA ALA C 1714 -23.90 -13.91 6.00
C ALA C 1714 -24.01 -15.34 6.53
N GLU C 1715 -24.56 -16.25 5.72
CA GLU C 1715 -24.69 -17.63 6.16
C GLU C 1715 -23.33 -18.30 6.31
N TYR C 1716 -22.40 -18.02 5.39
CA TYR C 1716 -21.08 -18.65 5.47
C TYR C 1716 -20.34 -18.25 6.73
N LEU C 1717 -20.35 -16.95 7.06
CA LEU C 1717 -19.72 -16.50 8.30
C LEU C 1717 -20.46 -17.02 9.51
N HIS C 1718 -21.79 -17.01 9.47
CA HIS C 1718 -22.57 -17.45 10.63
C HIS C 1718 -22.31 -18.92 10.94
N LYS C 1719 -22.18 -19.75 9.91
CA LYS C 1719 -21.78 -21.13 10.12
C LYS C 1719 -20.35 -21.22 10.62
N ALA C 1720 -19.48 -20.33 10.14
CA ALA C 1720 -18.08 -20.35 10.59
C ALA C 1720 -17.98 -20.01 12.07
N VAL C 1721 -18.72 -19.01 12.54
CA VAL C 1721 -18.69 -18.67 13.96
C VAL C 1721 -19.49 -19.66 14.80
N PHE C 1722 -20.47 -20.34 14.20
CA PHE C 1722 -21.21 -21.36 14.93
C PHE C 1722 -20.35 -22.58 15.19
N ARG C 1723 -19.61 -23.03 14.17
CA ARG C 1723 -18.74 -24.20 14.34
C ARG C 1723 -17.50 -23.88 15.15
N GLY C 1724 -17.15 -22.61 15.30
CA GLY C 1724 -15.99 -22.21 16.05
C GLY C 1724 -16.18 -22.12 17.54
N LEU C 1725 -17.37 -22.45 18.04
CA LEU C 1725 -17.73 -22.42 19.46
C LEU C 1725 -17.71 -21.02 20.05
N LEU C 1726 -17.72 -19.97 19.22
CA LEU C 1726 -17.80 -18.60 19.74
C LEU C 1726 -19.23 -18.18 20.06
N THR C 1727 -20.23 -18.98 19.68
CA THR C 1727 -21.62 -18.62 19.95
C THR C 1727 -21.89 -18.66 21.45
N GLU C 1728 -22.81 -17.77 21.88
CA GLU C 1728 -23.17 -17.70 23.29
C GLU C 1728 -23.81 -18.99 23.80
N LYS C 1729 -24.42 -19.77 22.92
CA LYS C 1729 -25.04 -21.02 23.33
C LYS C 1729 -24.02 -22.01 23.88
N ALA C 1730 -22.79 -21.94 23.38
CA ALA C 1730 -21.71 -22.80 23.84
C ALA C 1730 -20.79 -22.11 24.85
N ALA C 1731 -21.36 -21.21 25.66
CA ALA C 1731 -20.55 -20.51 26.66
C ALA C 1731 -19.89 -21.44 27.68
N PRO C 1732 -20.58 -22.46 28.25
CA PRO C 1732 -19.86 -23.35 29.19
C PRO C 1732 -18.66 -24.02 28.57
N VAL C 1733 -18.72 -24.37 27.29
CA VAL C 1733 -17.54 -24.91 26.61
C VAL C 1733 -16.44 -23.86 26.54
N MET C 1734 -16.82 -22.62 26.25
CA MET C 1734 -15.83 -21.54 26.20
C MET C 1734 -15.25 -21.24 27.58
N ASN C 1735 -16.06 -21.41 28.63
CA ASN C 1735 -15.58 -21.13 29.98
C ASN C 1735 -14.60 -22.18 30.46
N VAL C 1736 -14.91 -23.46 30.22
CA VAL C 1736 -14.07 -24.53 30.74
C VAL C 1736 -12.72 -24.56 30.02
N ILE C 1737 -12.72 -24.28 28.71
CA ILE C 1737 -11.45 -24.24 27.99
C ILE C 1737 -10.60 -23.07 28.46
N HIS C 1738 -11.23 -21.95 28.83
CA HIS C 1738 -10.47 -20.82 29.33
C HIS C 1738 -9.73 -21.16 30.61
N SER C 1739 -10.31 -22.04 31.44
CA SER C 1739 -9.58 -22.55 32.60
C SER C 1739 -8.36 -23.35 32.16
N ILE C 1740 -8.53 -24.20 31.14
CA ILE C 1740 -7.37 -24.91 30.58
C ILE C 1740 -6.38 -23.92 29.99
N PHE C 1741 -6.89 -22.88 29.32
CA PHE C 1741 -6.04 -21.83 28.80
C PHE C 1741 -5.22 -21.19 29.91
N SER C 1742 -5.85 -20.91 31.05
CA SER C 1742 -5.13 -20.32 32.17
C SER C 1742 -4.13 -21.31 32.76
N LEU C 1743 -4.52 -22.58 32.87
CA LEU C 1743 -3.66 -23.56 33.54
C LEU C 1743 -2.36 -23.79 32.80
N VAL C 1744 -2.43 -23.89 31.47
CA VAL C 1744 -1.22 -24.17 30.69
C VAL C 1744 -0.25 -23.00 30.73
N LEU C 1745 -0.75 -21.76 30.72
CA LEU C 1745 0.14 -20.61 30.86
C LEU C 1745 0.79 -20.59 32.24
N LYS C 1746 0.07 -21.05 33.27
CA LYS C 1746 0.69 -21.19 34.58
C LYS C 1746 1.83 -22.21 34.52
N PHE C 1747 1.64 -23.31 33.80
CA PHE C 1747 2.73 -24.25 33.59
C PHE C 1747 3.87 -23.61 32.82
N ARG C 1748 3.55 -22.71 31.89
CA ARG C 1748 4.58 -21.97 31.17
C ARG C 1748 5.36 -21.05 32.11
N SER C 1749 4.66 -20.43 33.07
CA SER C 1749 5.32 -19.51 33.98
C SER C 1749 6.41 -20.20 34.79
N GLN C 1750 6.13 -21.40 35.28
CA GLN C 1750 7.13 -22.19 36.01
C GLN C 1750 8.02 -22.89 34.99
N LEU C 1751 8.96 -22.13 34.45
CA LEU C 1751 9.88 -22.64 33.43
C LEU C 1751 10.82 -23.68 34.00
N HIS C 1767 14.86 -28.85 39.99
CA HIS C 1767 13.48 -29.06 40.40
C HIS C 1767 13.21 -28.43 41.77
N PRO C 1768 13.10 -27.11 41.81
CA PRO C 1768 12.85 -26.44 43.09
C PRO C 1768 11.37 -26.37 43.44
N ASN C 1769 10.51 -26.50 42.42
CA ASN C 1769 9.06 -26.37 42.60
C ASN C 1769 8.32 -27.45 41.82
N PHE C 1770 8.81 -28.69 41.90
CA PHE C 1770 8.15 -29.78 41.20
C PHE C 1770 6.76 -30.05 41.74
N ALA C 1771 6.57 -29.87 43.06
CA ALA C 1771 5.25 -30.10 43.65
C ALA C 1771 4.20 -29.17 43.04
N LEU C 1772 4.58 -27.92 42.77
CA LEU C 1772 3.66 -27.00 42.13
C LEU C 1772 3.29 -27.48 40.73
N MET C 1773 4.27 -28.00 39.98
CA MET C 1773 3.99 -28.52 38.64
C MET C 1773 3.04 -29.71 38.70
N GLN C 1774 3.26 -30.62 39.66
CA GLN C 1774 2.37 -31.78 39.78
C GLN C 1774 0.96 -31.36 40.14
N GLN C 1775 0.81 -30.38 41.04
CA GLN C 1775 -0.51 -29.89 41.40
C GLN C 1775 -1.21 -29.26 40.19
N SER C 1776 -0.46 -28.51 39.39
CA SER C 1776 -1.05 -27.89 38.20
C SER C 1776 -1.54 -28.94 37.22
N TYR C 1777 -0.75 -30.00 36.99
CA TYR C 1777 -1.17 -31.05 36.07
C TYR C 1777 -2.42 -31.75 36.57
N ASN C 1778 -2.46 -32.06 37.88
CA ASN C 1778 -3.63 -32.74 38.43
C ASN C 1778 -4.88 -31.88 38.30
N THR C 1779 -4.73 -30.57 38.48
CA THR C 1779 -5.86 -29.66 38.26
C THR C 1779 -6.30 -29.71 36.80
N PHE C 1780 -5.36 -29.77 35.87
CA PHE C 1780 -5.70 -29.86 34.46
C PHE C 1780 -6.45 -31.14 34.14
N LYS C 1781 -6.01 -32.26 34.71
CA LYS C 1781 -6.66 -33.54 34.44
C LYS C 1781 -8.10 -33.55 34.91
N TYR C 1782 -8.36 -32.98 36.10
CA TYR C 1782 -9.74 -32.87 36.57
C TYR C 1782 -10.55 -31.95 35.66
N TYR C 1783 -9.97 -30.82 35.26
CA TYR C 1783 -10.70 -29.90 34.37
C TYR C 1783 -10.93 -30.52 33.01
N SER C 1784 -9.96 -31.27 32.49
CA SER C 1784 -10.14 -31.95 31.21
C SER C 1784 -11.25 -33.00 31.31
N HIS C 1785 -11.30 -33.72 32.42
CA HIS C 1785 -12.37 -34.69 32.62
C HIS C 1785 -13.73 -33.99 32.70
N PHE C 1786 -13.78 -32.83 33.35
CA PHE C 1786 -15.03 -32.08 33.43
C PHE C 1786 -15.47 -31.62 32.04
N LEU C 1787 -14.52 -31.25 31.18
CA LEU C 1787 -14.86 -30.85 29.82
C LEU C 1787 -15.52 -31.99 29.07
N PHE C 1788 -14.99 -33.21 29.22
CA PHE C 1788 -15.60 -34.37 28.56
C PHE C 1788 -17.00 -34.63 29.10
N LYS C 1789 -17.22 -34.37 30.39
CA LYS C 1789 -18.53 -34.64 30.99
C LYS C 1789 -19.56 -33.61 30.51
N VAL C 1790 -19.18 -32.33 30.45
CA VAL C 1790 -20.15 -31.29 30.08
C VAL C 1790 -20.51 -31.40 28.60
N VAL C 1791 -19.55 -31.72 27.74
CA VAL C 1791 -19.86 -31.84 26.32
C VAL C 1791 -20.75 -33.04 26.05
N THR C 1792 -20.55 -34.13 26.79
CA THR C 1792 -21.40 -35.32 26.60
C THR C 1792 -22.84 -35.03 26.95
N LYS C 1793 -23.07 -34.29 28.06
CA LYS C 1793 -24.43 -33.95 28.46
C LYS C 1793 -25.09 -32.98 27.50
N LEU C 1794 -24.31 -32.21 26.74
CA LEU C 1794 -24.86 -31.21 25.84
C LEU C 1794 -25.30 -31.80 24.50
N VAL C 1795 -24.99 -33.07 24.23
CA VAL C 1795 -25.39 -33.68 22.96
C VAL C 1795 -26.90 -33.84 22.90
N ASN C 1796 -27.53 -34.19 24.03
CA ASN C 1796 -28.98 -34.39 24.04
C ASN C 1796 -29.72 -33.10 23.69
N ARG C 1797 -29.28 -31.98 24.25
CA ARG C 1797 -29.93 -30.69 23.99
C ARG C 1797 -29.64 -30.21 22.57
N GLN C 1800 -27.00 -30.10 18.57
CA GLN C 1800 -25.95 -29.48 17.77
C GLN C 1800 -25.11 -30.55 17.06
N PRO C 1801 -25.41 -30.77 15.77
CA PRO C 1801 -24.63 -31.74 15.00
C PRO C 1801 -23.15 -31.40 14.90
N HIS C 1802 -22.80 -30.11 14.90
CA HIS C 1802 -21.40 -29.73 14.80
C HIS C 1802 -20.62 -30.18 16.04
N LEU C 1803 -21.23 -30.06 17.21
CA LEU C 1803 -20.56 -30.45 18.45
C LEU C 1803 -20.36 -31.96 18.54
N GLU C 1804 -21.08 -32.75 17.75
CA GLU C 1804 -20.94 -34.19 17.79
C GLU C 1804 -19.53 -34.63 17.43
N ASP C 1805 -18.91 -33.95 16.45
CA ASP C 1805 -17.56 -34.31 16.05
C ASP C 1805 -16.55 -34.00 17.15
N PHE C 1806 -16.86 -33.05 18.03
CA PHE C 1806 -15.90 -32.64 19.05
C PHE C 1806 -15.60 -33.78 20.03
N LEU C 1807 -16.64 -34.51 20.46
CA LEU C 1807 -16.42 -35.59 21.42
C LEU C 1807 -15.60 -36.72 20.80
N LEU C 1808 -15.77 -36.97 19.50
CA LEU C 1808 -14.93 -37.96 18.84
C LEU C 1808 -13.48 -37.52 18.78
N ARG C 1809 -13.23 -36.22 18.61
CA ARG C 1809 -11.85 -35.73 18.59
C ARG C 1809 -11.21 -35.85 19.97
N ILE C 1810 -11.90 -35.39 21.01
CA ILE C 1810 -11.31 -35.34 22.34
C ILE C 1810 -11.16 -36.75 22.92
N ASN C 1811 -12.14 -37.62 22.69
CA ASN C 1811 -12.15 -38.95 23.27
C ASN C 1811 -11.95 -39.99 22.18
N PHE C 1812 -10.96 -40.86 22.36
CA PHE C 1812 -10.71 -41.93 21.40
C PHE C 1812 -9.96 -43.03 22.14
N ASN C 1813 -10.64 -44.15 22.38
CA ASN C 1813 -10.09 -45.27 23.16
C ASN C 1813 -9.73 -44.81 24.58
N ASN C 1814 -10.71 -44.21 25.25
CA ASN C 1814 -10.57 -43.75 26.63
C ASN C 1814 -11.97 -43.41 27.14
N TYR C 1815 -12.04 -42.86 28.35
CA TYR C 1815 -13.31 -42.42 28.92
C TYR C 1815 -13.15 -41.09 29.64
N PHE D 4 -10.27 29.57 -0.51
CA PHE D 4 -10.44 29.19 0.89
C PHE D 4 -11.47 30.09 1.56
N ARG D 5 -12.71 30.03 1.09
CA ARG D 5 -13.79 30.87 1.61
C ARG D 5 -14.63 30.18 2.67
N ILE D 6 -14.75 28.85 2.61
CA ILE D 6 -15.57 28.12 3.57
C ILE D 6 -15.03 28.31 4.99
N HIS D 7 -13.71 28.29 5.15
CA HIS D 7 -13.11 28.50 6.46
C HIS D 7 -13.46 29.88 7.01
N HIS D 8 -13.70 30.85 6.13
CA HIS D 8 -14.17 32.15 6.58
C HIS D 8 -15.60 32.08 7.06
N ASP D 9 -16.45 31.36 6.32
CA ASP D 9 -17.87 31.33 6.65
C ASP D 9 -18.13 30.71 8.02
N VAL D 10 -17.40 29.65 8.36
CA VAL D 10 -17.60 29.00 9.65
C VAL D 10 -17.15 29.92 10.78
N ASN D 11 -16.03 30.62 10.60
CA ASN D 11 -15.55 31.52 11.65
C ASN D 11 -16.45 32.73 11.78
N GLU D 12 -16.89 33.30 10.66
CA GLU D 12 -17.80 34.44 10.71
C GLU D 12 -19.13 34.05 11.34
N LEU D 13 -19.66 32.88 10.98
CA LEU D 13 -20.87 32.38 11.62
C LEU D 13 -20.63 32.14 13.10
N LEU D 14 -19.42 31.69 13.47
CA LEU D 14 -19.07 31.53 14.86
C LEU D 14 -19.04 32.87 15.60
N SER D 15 -18.80 33.97 14.90
CA SER D 15 -18.82 35.28 15.54
C SER D 15 -20.22 35.87 15.56
N LEU D 16 -21.03 35.58 14.54
CA LEU D 16 -22.39 36.12 14.50
C LEU D 16 -23.25 35.56 15.61
N LEU D 17 -23.22 34.24 15.80
CA LEU D 17 -23.94 33.60 16.88
C LEU D 17 -22.97 33.21 18.00
N ARG D 18 -23.53 32.70 19.10
CA ARG D 18 -22.76 32.38 20.28
C ARG D 18 -22.75 30.88 20.52
N VAL D 19 -21.57 30.34 20.83
CA VAL D 19 -21.41 28.93 21.13
C VAL D 19 -20.85 28.75 22.53
N GLY D 24 -15.39 21.66 17.94
CA GLY D 24 -14.95 22.95 17.44
C GLY D 24 -15.23 23.15 15.96
N ALA D 25 -14.80 24.29 15.43
CA ALA D 25 -15.02 24.57 14.01
C ALA D 25 -14.30 23.60 13.11
N GLU D 26 -13.31 22.87 13.65
CA GLU D 26 -12.53 21.95 12.83
C GLU D 26 -13.41 20.83 12.28
N VAL D 27 -14.22 20.21 13.13
CA VAL D 27 -15.07 19.10 12.69
C VAL D 27 -16.21 19.63 11.83
N TYR D 28 -16.69 20.85 12.11
CA TYR D 28 -17.83 21.38 11.40
C TYR D 28 -17.53 21.60 9.92
N ILE D 29 -16.27 21.84 9.57
CA ILE D 29 -15.92 22.01 8.16
C ILE D 29 -15.66 20.68 7.47
N ASP D 30 -15.29 19.64 8.23
CA ASP D 30 -15.09 18.32 7.64
C ASP D 30 -16.40 17.69 7.19
N LEU D 31 -17.53 18.16 7.73
CA LEU D 31 -18.82 17.67 7.27
C LEU D 31 -19.15 18.19 5.87
N LEU D 32 -18.47 19.26 5.44
CA LEU D 32 -18.77 19.91 4.17
C LEU D 32 -17.70 19.64 3.12
N GLN D 33 -16.44 19.47 3.54
CA GLN D 33 -15.36 19.23 2.58
C GLN D 33 -15.57 17.92 1.83
N LYS D 34 -16.00 16.88 2.54
CA LYS D 34 -16.25 15.59 1.91
C LYS D 34 -17.53 15.57 1.09
N ASN D 35 -18.35 16.61 1.17
CA ASN D 35 -19.64 16.64 0.49
C ASN D 35 -19.57 17.34 -0.85
N ARG D 36 -18.80 18.42 -0.97
CA ARG D 36 -18.67 19.17 -2.22
C ARG D 36 -18.25 18.27 -3.38
N TYR D 39 -18.58 22.22 -8.90
CA TYR D 39 -19.28 22.78 -10.06
C TYR D 39 -20.63 22.10 -10.26
N VAL D 40 -20.87 21.03 -9.51
CA VAL D 40 -22.12 20.28 -9.62
C VAL D 40 -23.20 20.95 -8.81
N THR D 41 -24.44 20.83 -9.27
CA THR D 41 -25.60 21.40 -8.59
C THR D 41 -26.64 20.30 -8.38
N THR D 42 -27.17 20.21 -7.17
CA THR D 42 -28.16 19.21 -6.84
C THR D 42 -29.57 19.82 -6.84
N THR D 43 -30.57 18.95 -6.96
CA THR D 43 -31.96 19.37 -6.94
C THR D 43 -32.76 18.46 -6.03
N VAL D 44 -33.84 19.00 -5.46
CA VAL D 44 -34.72 18.28 -4.56
C VAL D 44 -36.17 18.57 -4.95
N SER D 45 -37.08 17.78 -4.37
CA SER D 45 -38.50 17.99 -4.62
C SER D 45 -38.96 19.31 -4.03
N ALA D 46 -39.85 19.99 -4.77
CA ALA D 46 -40.33 21.29 -4.31
C ALA D 46 -41.72 21.21 -3.71
N HIS D 47 -42.59 20.36 -4.27
CA HIS D 47 -43.97 20.28 -3.78
C HIS D 47 -44.03 19.82 -2.33
N SER D 48 -43.23 18.82 -1.97
CA SER D 48 -43.20 18.35 -0.58
C SER D 48 -42.71 19.44 0.36
N ALA D 49 -41.67 20.16 -0.04
CA ALA D 49 -41.15 21.25 0.79
C ALA D 49 -42.17 22.38 0.90
N LYS D 50 -42.83 22.72 -0.20
CA LYS D 50 -43.78 23.83 -0.19
C LYS D 50 -44.97 23.55 0.74
N VAL D 51 -45.52 22.33 0.67
CA VAL D 51 -46.64 22.00 1.54
C VAL D 51 -46.19 21.89 2.98
N LYS D 52 -44.93 21.50 3.22
CA LYS D 52 -44.41 21.44 4.58
C LYS D 52 -44.36 22.82 5.23
N ILE D 53 -43.94 23.84 4.46
CA ILE D 53 -43.92 25.20 4.99
C ILE D 53 -45.35 25.67 5.30
N ALA D 54 -46.28 25.40 4.40
CA ALA D 54 -47.67 25.79 4.59
C ALA D 54 -48.40 24.77 5.47
N THR D 59 -48.33 33.79 8.82
CA THR D 59 -49.14 33.55 7.62
C THR D 59 -48.30 32.94 6.50
N PRO D 60 -48.56 31.66 6.21
CA PRO D 60 -47.85 31.01 5.10
C PRO D 60 -48.29 31.50 3.72
N GLU D 61 -49.44 32.16 3.62
CA GLU D 61 -49.99 32.53 2.32
C GLU D 61 -49.04 33.41 1.53
N ASP D 62 -48.25 34.24 2.22
CA ASP D 62 -47.30 35.12 1.55
C ASP D 62 -46.22 34.32 0.83
N PHE D 63 -45.80 33.19 1.41
CA PHE D 63 -44.79 32.35 0.77
C PHE D 63 -45.28 31.80 -0.56
N LEU D 64 -46.57 31.47 -0.64
CA LEU D 64 -47.09 30.77 -1.81
C LEU D 64 -47.16 31.65 -3.05
N LYS D 65 -47.44 32.95 -2.88
CA LYS D 65 -47.49 33.80 -4.07
C LYS D 65 -46.15 34.44 -4.42
N LYS D 66 -45.33 34.78 -3.41
CA LYS D 66 -44.03 35.40 -3.67
C LYS D 66 -43.00 34.40 -4.16
N TYR D 67 -43.28 33.10 -4.08
CA TYR D 67 -42.31 32.11 -4.56
C TYR D 67 -42.22 32.12 -6.08
N ASP D 68 -43.37 32.27 -6.76
CA ASP D 68 -43.40 32.10 -8.21
C ASP D 68 -42.55 33.14 -8.93
N GLU D 69 -42.31 34.30 -8.31
CA GLU D 69 -41.48 35.32 -8.92
C GLU D 69 -40.04 34.83 -9.06
N LEU D 70 -39.54 34.14 -8.03
CA LEU D 70 -38.13 33.74 -8.02
C LEU D 70 -37.79 32.77 -9.14
N LYS D 71 -38.62 31.73 -9.33
CA LYS D 71 -38.34 30.77 -10.40
C LYS D 71 -38.49 31.41 -11.77
N SER D 72 -39.32 32.45 -11.87
CA SER D 72 -39.44 33.18 -13.13
C SER D 72 -38.13 33.88 -13.48
N LYS D 73 -37.43 34.41 -12.48
CA LYS D 73 -36.16 35.09 -12.70
C LYS D 73 -35.01 34.12 -12.91
N ASN D 74 -35.24 32.82 -12.81
CA ASN D 74 -34.20 31.80 -12.97
C ASN D 74 -33.06 32.01 -11.98
N THR D 75 -33.42 32.26 -10.72
CA THR D 75 -32.43 32.41 -9.67
C THR D 75 -32.09 31.06 -9.05
N ASN D 77 -29.57 28.09 -7.64
CA ASN D 77 -29.26 28.49 -6.27
C ASN D 77 -30.53 28.77 -5.47
N LEU D 78 -31.67 28.44 -6.06
CA LEU D 78 -32.95 28.62 -5.38
C LEU D 78 -33.41 27.34 -4.69
N ASP D 79 -33.43 26.24 -5.43
CA ASP D 79 -33.98 24.98 -4.91
C ASP D 79 -33.29 24.48 -3.65
N PRO D 80 -31.96 24.44 -3.55
CA PRO D 80 -31.34 23.94 -2.30
C PRO D 80 -31.74 24.74 -1.06
N LEU D 81 -31.89 26.06 -1.18
CA LEU D 81 -32.20 26.87 -0.01
C LEU D 81 -33.62 26.61 0.48
N VAL D 82 -34.56 26.40 -0.45
CA VAL D 82 -35.94 26.14 -0.07
C VAL D 82 -36.05 24.87 0.76
N TYR D 83 -35.30 23.83 0.37
CA TYR D 83 -35.26 22.60 1.15
C TYR D 83 -34.72 22.86 2.55
N LEU D 84 -33.77 23.80 2.66
CA LEU D 84 -33.18 24.10 3.96
C LEU D 84 -34.19 24.75 4.90
N LEU D 85 -35.08 25.59 4.37
CA LEU D 85 -36.11 26.19 5.20
C LEU D 85 -37.07 25.14 5.74
N SER D 86 -37.40 24.14 4.92
CA SER D 86 -38.28 23.07 5.39
C SER D 86 -37.64 22.30 6.54
N LYS D 87 -36.34 22.05 6.46
CA LYS D 87 -35.64 21.37 7.55
C LYS D 87 -35.61 22.25 8.80
N LEU D 88 -35.36 23.55 8.64
CA LEU D 88 -35.36 24.44 9.81
C LEU D 88 -36.73 24.57 10.44
N THR D 89 -37.81 24.46 9.65
CA THR D 89 -39.15 24.53 10.23
C THR D 89 -39.47 23.29 11.05
N GLU D 90 -38.92 22.13 10.66
CA GLU D 90 -39.18 20.89 11.40
C GLU D 90 -38.66 20.98 12.83
N ASP D 91 -37.44 21.49 13.00
CA ASP D 91 -36.84 21.62 14.32
C ASP D 91 -37.16 23.01 14.86
N LYS D 92 -38.09 23.06 15.82
CA LYS D 92 -38.53 24.36 16.35
C LYS D 92 -37.43 25.04 17.17
N GLU D 93 -36.57 24.27 17.82
CA GLU D 93 -35.53 24.86 18.66
C GLU D 93 -34.53 25.66 17.82
N THR D 94 -34.25 25.22 16.59
CA THR D 94 -33.38 25.99 15.71
C THR D 94 -33.98 27.35 15.39
N LEU D 95 -35.28 27.39 15.13
CA LEU D 95 -35.95 28.67 14.87
C LEU D 95 -35.90 29.57 16.10
N GLN D 96 -36.11 29.00 17.29
CA GLN D 96 -36.09 29.80 18.51
C GLN D 96 -34.71 30.40 18.75
N TYR D 97 -33.66 29.60 18.58
CA TYR D 97 -32.31 30.12 18.75
C TYR D 97 -31.99 31.16 17.69
N LEU D 98 -32.37 30.90 16.44
CA LEU D 98 -32.15 31.87 15.37
C LEU D 98 -32.94 33.15 15.64
N GLN D 99 -34.17 33.03 16.11
CA GLN D 99 -34.94 34.20 16.50
C GLN D 99 -34.27 34.93 17.66
N GLN D 100 -33.79 34.18 18.66
CA GLN D 100 -33.09 34.80 19.78
C GLN D 100 -31.81 35.48 19.32
N ASN D 101 -31.06 34.83 18.42
CA ASN D 101 -29.84 35.45 17.90
C ASN D 101 -30.16 36.69 17.08
N ALA D 102 -31.24 36.64 16.29
CA ALA D 102 -31.64 37.81 15.52
C ALA D 102 -32.04 38.97 16.43
N LYS D 103 -32.78 38.67 17.50
CA LYS D 103 -33.16 39.73 18.43
C LYS D 103 -31.93 40.32 19.12
N GLU D 104 -30.97 39.48 19.50
CA GLU D 104 -29.78 39.97 20.19
C GLU D 104 -28.97 40.89 19.29
N ARG D 105 -28.81 40.53 18.02
CA ARG D 105 -28.04 41.37 17.10
C ARG D 105 -28.76 42.67 16.80
N ALA D 106 -30.09 42.62 16.65
CA ALA D 106 -30.86 43.83 16.36
C ALA D 106 -30.79 44.81 17.52
N GLU D 107 -30.89 44.32 18.75
CA GLU D 107 -30.84 45.17 19.93
C GLU D 107 -29.45 45.76 20.14
N LEU D 232 -72.78 46.12 -35.78
CA LEU D 232 -73.55 46.09 -34.53
C LEU D 232 -74.20 44.73 -34.34
N PRO D 233 -73.53 43.85 -33.59
CA PRO D 233 -74.11 42.51 -33.34
C PRO D 233 -75.39 42.55 -32.53
N GLY D 234 -75.66 43.63 -31.81
CA GLY D 234 -76.91 43.71 -31.06
C GLY D 234 -78.14 43.68 -31.94
N THR D 235 -78.09 44.38 -33.07
CA THR D 235 -79.17 44.39 -34.05
C THR D 235 -78.85 43.55 -35.28
N LEU D 236 -78.07 42.48 -35.11
CA LEU D 236 -77.68 41.61 -36.20
C LEU D 236 -78.00 40.17 -35.81
N PRO D 237 -78.43 39.35 -36.77
CA PRO D 237 -78.88 37.99 -36.43
C PRO D 237 -77.78 37.17 -35.77
N LEU D 238 -78.17 36.35 -34.80
CA LEU D 238 -77.22 35.52 -34.08
C LEU D 238 -76.66 34.39 -34.94
N ALA D 239 -77.37 34.00 -36.01
CA ALA D 239 -76.88 32.93 -36.86
C ALA D 239 -75.74 33.42 -37.76
N SER D 240 -75.85 34.63 -38.29
CA SER D 240 -74.86 35.14 -39.24
C SER D 240 -73.71 35.88 -38.55
N GLN D 241 -73.80 36.14 -37.25
CA GLN D 241 -72.70 36.79 -36.55
C GLN D 241 -71.53 35.85 -36.27
N GLU D 242 -71.78 34.54 -36.31
CA GLU D 242 -70.69 33.58 -36.07
C GLU D 242 -69.62 33.70 -37.16
N SER D 243 -70.04 33.84 -38.42
CA SER D 243 -69.08 33.99 -39.50
C SER D 243 -68.25 35.26 -39.33
N ALA D 244 -68.90 36.36 -38.95
CA ALA D 244 -68.18 37.62 -38.74
C ALA D 244 -67.21 37.51 -37.56
N VAL D 245 -67.63 36.82 -36.49
CA VAL D 245 -66.77 36.70 -35.32
C VAL D 245 -65.55 35.86 -35.64
N VAL D 246 -65.75 34.71 -36.29
CA VAL D 246 -64.63 33.80 -36.55
C VAL D 246 -63.70 34.39 -37.60
N GLU D 247 -64.24 35.13 -38.58
CA GLU D 247 -63.39 35.71 -39.61
C GLU D 247 -62.54 36.85 -39.07
N ASP D 248 -63.06 37.61 -38.10
CA ASP D 248 -62.26 38.66 -37.49
C ASP D 248 -61.21 38.10 -36.54
N LEU D 249 -61.51 36.96 -35.91
CA LEU D 249 -60.53 36.29 -35.07
C LEU D 249 -59.37 35.73 -35.89
N LEU D 250 -59.56 35.60 -37.20
CA LEU D 250 -58.51 35.12 -38.08
C LEU D 250 -57.45 36.19 -38.36
N TYR D 251 -57.78 37.47 -38.17
CA TYR D 251 -56.83 38.55 -38.46
C TYR D 251 -55.94 38.88 -37.29
N VAL D 252 -56.44 38.76 -36.05
CA VAL D 252 -55.62 39.07 -34.89
C VAL D 252 -54.45 38.10 -34.75
N LEU D 253 -54.58 36.88 -35.27
CA LEU D 253 -53.47 35.93 -35.23
C LEU D 253 -52.27 36.45 -36.00
N VAL D 254 -52.51 37.11 -37.14
CA VAL D 254 -51.41 37.66 -37.93
C VAL D 254 -50.70 38.76 -37.16
N GLY D 255 -51.44 39.54 -36.39
CA GLY D 255 -50.85 40.62 -35.61
C GLY D 255 -51.49 41.96 -35.88
N VAL D 256 -52.41 42.01 -36.84
CA VAL D 256 -53.12 43.23 -37.20
C VAL D 256 -54.40 43.32 -36.38
N ASP D 257 -54.75 44.54 -35.97
CA ASP D 257 -55.95 44.75 -35.17
C ASP D 257 -57.20 44.50 -36.00
N GLY D 258 -58.19 43.87 -35.38
CA GLY D 258 -59.43 43.53 -36.05
C GLY D 258 -60.50 44.61 -35.90
N ARG D 259 -61.59 44.43 -36.65
CA ARG D 259 -62.70 45.38 -36.59
C ARG D 259 -63.35 45.38 -35.21
N TYR D 260 -63.56 44.20 -34.63
CA TYR D 260 -64.12 44.08 -33.29
C TYR D 260 -63.09 43.65 -32.26
N VAL D 261 -62.30 42.62 -32.56
CA VAL D 261 -61.27 42.14 -31.64
C VAL D 261 -60.01 42.97 -31.91
N SER D 262 -59.75 43.94 -31.03
CA SER D 262 -58.57 44.79 -31.13
C SER D 262 -57.66 44.55 -29.94
N ALA D 263 -56.50 45.22 -29.97
CA ALA D 263 -55.49 45.08 -28.94
C ALA D 263 -55.37 46.37 -28.15
N GLN D 264 -55.49 46.28 -26.84
CA GLN D 264 -55.35 47.44 -25.96
C GLN D 264 -53.88 47.78 -25.78
N PRO D 265 -53.47 49.02 -26.04
CA PRO D 265 -52.04 49.35 -26.01
C PRO D 265 -51.43 49.16 -24.63
N LEU D 266 -50.16 48.75 -24.60
CA LEU D 266 -49.45 48.49 -23.36
C LEU D 266 -49.32 49.76 -22.53
N SER D 271 -48.41 40.06 -21.30
CA SER D 271 -49.02 41.24 -20.69
C SER D 271 -50.02 41.88 -21.65
N ARG D 272 -50.05 41.41 -22.89
CA ARG D 272 -50.99 41.92 -23.87
C ARG D 272 -52.42 41.52 -23.50
N THR D 273 -53.34 42.48 -23.60
CA THR D 273 -54.75 42.23 -23.35
C THR D 273 -55.56 42.66 -24.57
N PHE D 274 -56.75 42.07 -24.71
CA PHE D 274 -57.58 42.29 -25.88
C PHE D 274 -59.00 42.63 -25.46
N LEU D 275 -59.71 43.33 -26.33
CA LEU D 275 -61.12 43.62 -26.18
C LEU D 275 -61.87 43.07 -27.38
N VAL D 276 -63.02 42.46 -27.14
CA VAL D 276 -63.78 41.75 -28.18
C VAL D 276 -64.99 42.54 -28.64
N ASP D 277 -65.94 42.81 -27.74
CA ASP D 277 -67.17 43.51 -28.07
C ASP D 277 -67.78 44.09 -26.82
N PRO D 278 -68.35 45.30 -26.86
CA PRO D 278 -69.09 45.82 -25.70
C PRO D 278 -70.48 45.23 -25.55
N ASN D 279 -71.02 44.59 -26.60
CA ASN D 279 -72.36 43.99 -26.54
C ASN D 279 -72.40 42.78 -27.48
N LEU D 280 -72.20 41.60 -26.89
CA LEU D 280 -72.20 40.36 -27.65
C LEU D 280 -72.81 39.26 -26.79
N ASP D 281 -73.19 38.16 -27.44
CA ASP D 281 -73.76 37.03 -26.73
C ASP D 281 -72.75 36.45 -25.75
N LEU D 282 -73.26 36.00 -24.60
CA LEU D 282 -72.37 35.52 -23.53
C LEU D 282 -71.58 34.30 -23.97
N SER D 283 -72.22 33.37 -24.67
CA SER D 283 -71.53 32.17 -25.12
C SER D 283 -70.42 32.49 -26.12
N ILE D 284 -70.70 33.43 -27.04
CA ILE D 284 -69.71 33.78 -28.05
C ILE D 284 -68.49 34.44 -27.41
N ARG D 285 -68.72 35.37 -26.48
CA ARG D 285 -67.61 36.07 -25.83
C ARG D 285 -66.75 35.10 -25.03
N GLU D 286 -67.37 34.17 -24.29
CA GLU D 286 -66.62 33.24 -23.47
C GLU D 286 -65.78 32.29 -24.32
N LEU D 287 -66.31 31.83 -25.44
CA LEU D 287 -65.56 30.92 -26.30
C LEU D 287 -64.43 31.65 -27.03
N VAL D 288 -64.65 32.90 -27.43
CA VAL D 288 -63.57 33.69 -28.04
C VAL D 288 -62.48 33.96 -27.02
N HIS D 289 -62.86 34.25 -25.77
CA HIS D 289 -61.88 34.45 -24.72
C HIS D 289 -61.02 33.21 -24.52
N ARG D 290 -61.58 32.02 -24.78
CA ARG D 290 -60.77 30.80 -24.76
C ARG D 290 -59.73 30.83 -25.87
N ILE D 291 -60.10 31.34 -27.05
CA ILE D 291 -59.18 31.43 -28.17
C ILE D 291 -58.31 32.68 -28.11
N LEU D 292 -58.63 33.62 -27.21
CA LEU D 292 -57.88 34.86 -27.13
C LEU D 292 -56.40 34.67 -26.80
N PRO D 293 -56.00 33.87 -25.80
CA PRO D 293 -54.59 33.91 -25.36
C PRO D 293 -53.57 33.55 -26.41
N VAL D 294 -53.95 32.83 -27.47
CA VAL D 294 -52.97 32.51 -28.51
C VAL D 294 -52.49 33.77 -29.22
N ALA D 295 -53.38 34.76 -29.37
CA ALA D 295 -52.97 36.03 -29.97
C ALA D 295 -51.96 36.76 -29.10
N ALA D 296 -52.17 36.75 -27.79
CA ALA D 296 -51.23 37.42 -26.89
C ALA D 296 -49.86 36.74 -26.92
N SER D 297 -49.85 35.40 -26.99
CA SER D 297 -48.58 34.69 -27.07
C SER D 297 -47.82 35.05 -28.35
N TYR D 298 -48.55 35.19 -29.47
CA TYR D 298 -47.90 35.58 -30.71
C TYR D 298 -47.32 36.99 -30.60
N SER D 299 -48.02 37.88 -29.90
CA SER D 299 -47.50 39.24 -29.72
C SER D 299 -46.20 39.23 -28.93
N ALA D 300 -46.12 38.39 -27.89
CA ALA D 300 -44.91 38.35 -27.07
C ALA D 300 -43.73 37.80 -27.85
N VAL D 301 -43.93 36.72 -28.62
CA VAL D 301 -42.81 36.10 -29.32
C VAL D 301 -42.30 36.98 -30.45
N THR D 302 -43.19 37.68 -31.17
CA THR D 302 -42.74 38.53 -32.25
C THR D 302 -42.01 39.75 -31.71
N ARG D 303 -42.34 40.18 -30.49
CA ARG D 303 -41.57 41.23 -29.84
C ARG D 303 -40.23 40.70 -29.35
N PHE D 304 -40.20 39.44 -28.91
CA PHE D 304 -38.95 38.85 -28.41
C PHE D 304 -37.93 38.71 -29.52
N ILE D 305 -38.34 38.18 -30.68
CA ILE D 305 -37.39 37.95 -31.76
C ILE D 305 -36.89 39.28 -32.33
N GLU D 306 -37.77 40.29 -32.42
CA GLU D 306 -37.33 41.59 -32.89
C GLU D 306 -36.35 42.25 -31.94
N GLU D 307 -36.58 42.12 -30.63
CA GLU D 307 -35.70 42.76 -29.65
C GLU D 307 -34.37 42.03 -29.51
N LYS D 308 -34.38 40.70 -29.50
CA LYS D 308 -33.18 39.91 -29.25
C LYS D 308 -32.27 39.77 -30.47
N SER D 309 -32.48 40.58 -31.50
CA SER D 309 -31.63 40.54 -32.69
C SER D 309 -30.43 41.47 -32.58
N SER D 310 -30.23 42.12 -31.43
CA SER D 310 -29.13 43.05 -31.27
C SER D 310 -27.80 42.30 -31.20
N PHE D 311 -26.72 43.05 -31.39
CA PHE D 311 -25.37 42.51 -31.36
C PHE D 311 -24.76 42.54 -29.96
N GLU D 312 -25.49 43.02 -28.95
CA GLU D 312 -24.98 43.16 -27.60
C GLU D 312 -25.56 42.11 -26.66
N TYR D 313 -25.99 40.97 -27.21
CA TYR D 313 -26.56 39.90 -26.40
C TYR D 313 -25.87 38.56 -26.60
N GLY D 314 -24.83 38.48 -27.41
CA GLY D 314 -24.10 37.25 -27.61
C GLY D 314 -24.62 36.47 -28.82
N GLN D 315 -23.76 35.57 -29.30
CA GLN D 315 -24.12 34.75 -30.47
C GLN D 315 -25.17 33.71 -30.12
N VAL D 316 -25.17 33.21 -28.89
CA VAL D 316 -26.13 32.17 -28.51
C VAL D 316 -27.55 32.71 -28.54
N ASN D 317 -27.73 33.98 -28.16
CA ASN D 317 -29.05 34.59 -28.26
C ASN D 317 -29.46 34.76 -29.71
N HIS D 318 -28.50 35.07 -30.60
CA HIS D 318 -28.82 35.22 -32.01
C HIS D 318 -29.31 33.90 -32.61
N ALA D 319 -28.64 32.79 -32.27
CA ALA D 319 -29.08 31.49 -32.77
C ALA D 319 -30.45 31.13 -32.21
N LEU D 320 -30.70 31.41 -30.93
CA LEU D 320 -31.99 31.11 -30.34
C LEU D 320 -33.10 31.91 -31.00
N ALA D 321 -32.87 33.19 -31.26
CA ALA D 321 -33.87 34.01 -31.92
C ALA D 321 -34.11 33.54 -33.35
N ALA D 322 -33.02 33.20 -34.06
CA ALA D 322 -33.16 32.74 -35.45
C ALA D 322 -33.82 31.38 -35.54
N ALA D 323 -33.61 30.52 -34.53
CA ALA D 323 -34.17 29.18 -34.58
C ALA D 323 -35.69 29.20 -34.59
N MET D 324 -36.29 30.06 -33.76
CA MET D 324 -37.75 30.11 -33.65
C MET D 324 -38.40 30.90 -34.78
N ARG D 325 -37.63 31.55 -35.64
CA ARG D 325 -38.20 32.29 -36.75
C ARG D 325 -38.93 31.38 -37.74
N THR D 326 -38.48 30.14 -37.89
CA THR D 326 -39.20 29.18 -38.72
C THR D 326 -40.49 28.73 -38.05
N LEU D 327 -40.50 28.64 -36.72
CA LEU D 327 -41.68 28.18 -36.00
C LEU D 327 -42.84 29.15 -36.20
N VAL D 328 -42.58 30.46 -36.08
CA VAL D 328 -43.64 31.44 -36.30
C VAL D 328 -44.03 31.49 -37.77
N LYS D 329 -43.07 31.25 -38.67
CA LYS D 329 -43.39 31.24 -40.10
C LYS D 329 -44.35 30.12 -40.44
N GLU D 330 -44.14 28.92 -39.86
CA GLU D 330 -45.04 27.80 -40.11
C GLU D 330 -46.44 28.10 -39.55
N HIS D 331 -46.50 28.74 -38.39
CA HIS D 331 -47.79 29.12 -37.82
C HIS D 331 -48.54 30.09 -38.73
N LEU D 332 -47.81 31.04 -39.31
CA LEU D 332 -48.43 31.97 -40.25
C LEU D 332 -48.94 31.25 -41.50
N ILE D 333 -48.19 30.25 -41.96
CA ILE D 333 -48.65 29.45 -43.11
C ILE D 333 -49.93 28.72 -42.77
N LEU D 334 -50.01 28.14 -41.56
CA LEU D 334 -51.25 27.51 -41.12
C LEU D 334 -52.37 28.54 -41.00
N VAL D 335 -52.04 29.77 -40.60
CA VAL D 335 -53.03 30.83 -40.56
C VAL D 335 -53.53 31.13 -41.98
N SER D 336 -52.61 31.23 -42.94
CA SER D 336 -53.01 31.46 -44.33
C SER D 336 -53.79 30.28 -44.88
N GLN D 337 -53.39 29.06 -44.53
CA GLN D 337 -54.12 27.88 -44.97
C GLN D 337 -55.55 27.87 -44.43
N LEU D 338 -55.71 28.22 -43.15
CA LEU D 338 -57.05 28.35 -42.59
C LEU D 338 -57.78 29.54 -43.18
N GLU D 339 -57.05 30.58 -43.60
CA GLU D 339 -57.66 31.70 -44.30
C GLU D 339 -58.28 31.26 -45.62
N GLN D 340 -57.57 30.40 -46.36
CA GLN D 340 -58.12 29.89 -47.61
C GLN D 340 -59.21 28.86 -47.38
N LEU D 341 -59.20 28.18 -46.23
CA LEU D 341 -60.25 27.24 -45.91
C LEU D 341 -61.52 27.94 -45.45
N HIS D 342 -61.40 29.12 -44.84
CA HIS D 342 -62.56 29.80 -44.28
C HIS D 342 -63.51 30.29 -45.36
N ARG D 343 -63.01 30.55 -46.57
CA ARG D 343 -63.87 31.02 -47.65
C ARG D 343 -64.96 30.01 -48.00
N GLN D 344 -64.74 28.73 -47.73
CA GLN D 344 -65.74 27.71 -47.99
C GLN D 344 -66.79 27.61 -46.90
N GLY D 345 -66.61 28.31 -45.77
CA GLY D 345 -67.55 28.26 -44.68
C GLY D 345 -67.41 27.08 -43.74
N LEU D 346 -66.41 26.21 -43.96
CA LEU D 346 -66.20 25.03 -43.14
C LEU D 346 -65.18 25.26 -42.03
N LEU D 347 -65.06 26.50 -41.55
CA LEU D 347 -64.18 26.84 -40.44
C LEU D 347 -65.05 27.54 -39.38
N SER D 348 -65.67 26.75 -38.52
CA SER D 348 -66.57 27.27 -37.51
C SER D 348 -65.80 27.67 -36.25
N LEU D 349 -66.51 28.32 -35.33
CA LEU D 349 -65.90 28.74 -34.08
C LEU D 349 -65.45 27.54 -33.26
N GLN D 350 -66.28 26.50 -33.21
CA GLN D 350 -65.88 25.26 -32.54
C GLN D 350 -64.76 24.57 -33.29
N LYS D 351 -64.81 24.58 -34.62
CA LYS D 351 -63.77 23.95 -35.42
C LYS D 351 -62.42 24.62 -35.21
N LEU D 352 -62.41 25.95 -35.12
CA LEU D 352 -61.16 26.67 -34.89
C LEU D 352 -60.59 26.33 -33.52
N TRP D 353 -61.46 26.20 -32.50
CA TRP D 353 -60.98 25.90 -31.15
C TRP D 353 -60.27 24.55 -31.11
N PHE D 354 -60.82 23.54 -31.78
CA PHE D 354 -60.14 22.26 -31.87
C PHE D 354 -58.86 22.38 -32.69
N TYR D 355 -58.90 23.17 -33.77
CA TYR D 355 -57.75 23.27 -34.66
C TYR D 355 -56.54 23.90 -33.97
N ILE D 356 -56.78 24.92 -33.14
CA ILE D 356 -55.67 25.64 -32.51
C ILE D 356 -55.05 24.90 -31.34
N GLN D 357 -55.60 23.74 -30.97
CA GLN D 357 -55.06 23.01 -29.82
C GLN D 357 -53.59 22.63 -29.98
N PRO D 358 -53.14 22.05 -31.10
CA PRO D 358 -51.69 21.87 -31.26
C PRO D 358 -50.94 23.19 -31.30
N ALA D 359 -51.56 24.23 -31.86
CA ALA D 359 -50.91 25.54 -31.89
C ALA D 359 -50.94 26.21 -30.51
N MET D 360 -51.98 25.93 -29.73
CA MET D 360 -52.10 26.53 -28.40
C MET D 360 -50.93 26.12 -27.51
N ARG D 361 -50.57 24.84 -27.52
CA ARG D 361 -49.43 24.39 -26.74
C ARG D 361 -48.13 24.92 -27.32
N THR D 362 -48.02 24.98 -28.65
CA THR D 362 -46.81 25.50 -29.28
C THR D 362 -46.61 26.97 -28.95
N MET D 363 -47.68 27.76 -28.99
CA MET D 363 -47.56 29.18 -28.65
C MET D 363 -47.35 29.36 -27.15
N ASP D 364 -47.96 28.51 -26.33
CA ASP D 364 -47.78 28.62 -24.88
C ASP D 364 -46.34 28.35 -24.46
N ILE D 365 -45.73 27.30 -25.02
CA ILE D 365 -44.36 26.98 -24.66
C ILE D 365 -43.40 28.03 -25.19
N LEU D 366 -43.68 28.58 -26.37
CA LEU D 366 -42.85 29.66 -26.89
C LEU D 366 -42.98 30.91 -26.02
N ALA D 367 -44.20 31.22 -25.58
CA ALA D 367 -44.40 32.38 -24.71
C ALA D 367 -43.70 32.21 -23.37
N SER D 368 -43.78 31.01 -22.79
CA SER D 368 -43.12 30.77 -21.51
C SER D 368 -41.61 30.91 -21.62
N LEU D 369 -41.03 30.40 -22.71
CA LEU D 369 -39.60 30.57 -22.95
C LEU D 369 -39.25 32.04 -23.12
N ALA D 370 -40.10 32.79 -23.81
CA ALA D 370 -39.86 34.22 -24.01
C ALA D 370 -39.88 34.97 -22.68
N THR D 371 -40.84 34.65 -21.82
CA THR D 371 -40.91 35.31 -20.51
C THR D 371 -39.70 34.96 -19.64
N SER D 372 -39.30 33.68 -19.66
CA SER D 372 -38.18 33.27 -18.83
C SER D 372 -36.88 33.96 -19.24
N VAL D 373 -36.63 34.06 -20.55
CA VAL D 373 -35.43 34.72 -21.02
C VAL D 373 -35.49 36.21 -20.76
N ASP D 374 -36.67 36.81 -20.91
CA ASP D 374 -36.80 38.26 -20.73
C ASP D 374 -36.70 38.65 -19.27
N LYS D 375 -37.40 37.94 -18.39
CA LYS D 375 -37.46 38.32 -16.97
C LYS D 375 -36.15 38.09 -16.24
N GLY D 376 -35.20 37.37 -16.83
CA GLY D 376 -33.90 37.19 -16.23
C GLY D 376 -32.79 37.25 -17.27
N GLU D 377 -31.78 38.08 -17.03
CA GLU D 377 -30.72 38.28 -18.02
C GLU D 377 -29.96 36.97 -18.24
N CYS D 378 -30.19 36.34 -19.39
CA CYS D 378 -29.58 35.06 -19.72
C CYS D 378 -28.78 35.19 -21.00
N LEU D 379 -27.52 34.78 -20.96
CA LEU D 379 -26.65 34.81 -22.13
C LEU D 379 -25.55 33.78 -21.92
N GLY D 380 -24.89 33.43 -23.03
CA GLY D 380 -23.85 32.41 -22.97
C GLY D 380 -24.41 31.07 -22.54
N GLY D 381 -23.72 30.43 -21.59
CA GLY D 381 -24.17 29.14 -21.11
C GLY D 381 -25.41 29.20 -20.24
N SER D 382 -25.74 30.37 -19.70
CA SER D 382 -26.92 30.50 -18.87
C SER D 382 -28.19 30.20 -19.65
N THR D 383 -28.28 30.72 -20.88
CA THR D 383 -29.44 30.42 -21.71
C THR D 383 -29.50 28.94 -22.06
N LEU D 384 -28.35 28.33 -22.37
CA LEU D 384 -28.33 26.91 -22.70
C LEU D 384 -28.77 26.06 -21.51
N SER D 385 -28.36 26.45 -20.30
CA SER D 385 -28.78 25.72 -19.11
C SER D 385 -30.30 25.79 -18.92
N LEU D 386 -30.88 26.96 -19.17
CA LEU D 386 -32.33 27.11 -19.03
C LEU D 386 -33.08 26.23 -20.02
N LEU D 387 -32.61 26.19 -21.27
CA LEU D 387 -33.26 25.36 -22.27
C LEU D 387 -33.10 23.88 -21.93
N HIS D 388 -31.91 23.47 -21.47
CA HIS D 388 -31.69 22.07 -21.11
C HIS D 388 -32.55 21.67 -19.91
N ASP D 389 -32.64 22.54 -18.90
CA ASP D 389 -33.47 22.24 -17.74
C ASP D 389 -34.94 22.15 -18.11
N ARG D 390 -35.40 23.06 -18.98
CA ARG D 390 -36.79 23.02 -19.42
C ARG D 390 -37.08 21.75 -20.22
N SER D 391 -36.14 21.34 -21.08
CA SER D 391 -36.34 20.14 -21.88
C SER D 391 -36.43 18.89 -21.01
N PHE D 392 -35.57 18.81 -19.99
CA PHE D 392 -35.60 17.66 -19.09
C PHE D 392 -36.86 17.65 -18.23
N SER D 393 -37.43 18.82 -17.96
CA SER D 393 -38.65 18.89 -17.15
C SER D 393 -39.81 18.22 -17.86
N TYR D 394 -39.94 18.42 -19.17
CA TYR D 394 -41.03 17.82 -19.95
C TYR D 394 -40.57 16.51 -20.58
N THR D 395 -40.14 15.60 -19.72
CA THR D 395 -39.70 14.28 -20.14
C THR D 395 -40.80 13.23 -20.10
N GLY D 396 -42.01 13.60 -19.67
CA GLY D 396 -43.10 12.65 -19.58
C GLY D 396 -44.30 13.07 -20.40
N ASP D 397 -44.08 13.94 -21.39
CA ASP D 397 -45.15 14.43 -22.25
C ASP D 397 -45.07 13.90 -23.66
N SER D 398 -43.87 13.80 -24.23
CA SER D 398 -43.61 13.35 -25.60
C SER D 398 -44.22 14.27 -26.65
N GLN D 399 -44.61 15.49 -26.26
CA GLN D 399 -45.15 16.46 -27.20
C GLN D 399 -44.36 17.76 -27.10
N ALA D 400 -43.98 18.13 -25.87
CA ALA D 400 -43.21 19.34 -25.63
C ALA D 400 -41.72 19.06 -25.47
N GLN D 401 -41.29 17.82 -25.66
CA GLN D 401 -39.88 17.46 -25.55
C GLN D 401 -39.14 17.62 -26.87
N GLU D 402 -39.77 17.26 -27.97
CA GLU D 402 -39.12 17.40 -29.28
C GLU D 402 -38.89 18.86 -29.62
N LEU D 403 -39.86 19.73 -29.31
CA LEU D 403 -39.71 21.15 -29.60
C LEU D 403 -38.54 21.75 -28.84
N CYS D 404 -38.44 21.44 -27.54
CA CYS D 404 -37.32 21.92 -26.74
C CYS D 404 -36.00 21.34 -27.22
N LEU D 405 -36.00 20.07 -27.62
CA LEU D 405 -34.78 19.43 -28.10
C LEU D 405 -34.26 20.11 -29.36
N TYR D 406 -35.16 20.40 -30.31
CA TYR D 406 -34.72 21.05 -31.55
C TYR D 406 -34.19 22.45 -31.28
N LEU D 407 -34.86 23.21 -30.42
CA LEU D 407 -34.40 24.56 -30.13
C LEU D 407 -33.03 24.55 -29.47
N THR D 408 -32.81 23.63 -28.52
CA THR D 408 -31.52 23.55 -27.84
C THR D 408 -30.43 23.14 -28.81
N LYS D 409 -30.69 22.14 -29.66
CA LYS D 409 -29.68 21.66 -30.59
C LYS D 409 -29.41 22.67 -31.70
N ALA D 410 -30.32 23.60 -31.95
CA ALA D 410 -30.11 24.64 -32.96
C ALA D 410 -29.42 25.87 -32.39
N ALA D 411 -29.63 26.16 -31.11
CA ALA D 411 -29.00 27.32 -30.47
C ALA D 411 -27.66 26.99 -29.85
N SER D 412 -27.27 25.73 -29.80
CA SER D 412 -26.00 25.32 -29.21
C SER D 412 -24.84 25.37 -30.21
N ALA D 413 -25.13 25.65 -31.48
CA ALA D 413 -24.06 25.73 -32.47
C ALA D 413 -23.02 26.82 -32.16
N PRO D 414 -23.40 28.05 -31.79
CA PRO D 414 -22.36 29.03 -31.45
C PRO D 414 -21.49 28.61 -30.27
N TYR D 415 -22.08 27.96 -29.26
CA TYR D 415 -21.29 27.52 -28.12
C TYR D 415 -20.41 26.33 -28.48
N PHE D 416 -20.97 25.37 -29.23
CA PHE D 416 -20.21 24.18 -29.58
C PHE D 416 -19.13 24.47 -30.62
N GLU D 417 -19.38 25.44 -31.51
CA GLU D 417 -18.39 25.73 -32.54
C GLU D 417 -17.11 26.30 -31.92
N VAL D 418 -17.24 27.17 -30.92
CA VAL D 418 -16.07 27.77 -30.30
C VAL D 418 -15.43 26.81 -29.30
N LEU D 419 -16.20 25.83 -28.82
CA LEU D 419 -15.62 24.80 -27.97
C LEU D 419 -14.65 23.93 -28.76
N GLU D 420 -14.93 23.73 -30.05
CA GLU D 420 -14.08 22.88 -30.87
C GLU D 420 -12.67 23.45 -31.02
N LYS D 421 -12.57 24.77 -31.26
CA LYS D 421 -11.24 25.35 -31.36
C LYS D 421 -10.56 25.50 -30.01
N TRP D 422 -11.34 25.62 -28.93
CA TRP D 422 -10.72 25.71 -27.61
C TRP D 422 -10.18 24.36 -27.14
N ILE D 423 -10.76 23.27 -27.61
CA ILE D 423 -10.32 21.94 -27.22
C ILE D 423 -9.22 21.43 -28.14
N TYR D 424 -9.43 21.52 -29.46
CA TYR D 424 -8.41 21.05 -30.40
C TYR D 424 -7.22 22.00 -30.49
N ARG D 425 -7.44 23.29 -30.27
CA ARG D 425 -6.39 24.30 -30.36
C ARG D 425 -6.42 25.18 -29.11
N GLY D 426 -5.53 26.16 -29.09
CA GLY D 426 -5.46 27.09 -27.97
C GLY D 426 -5.99 28.47 -28.27
N ILE D 427 -6.79 28.60 -29.32
CA ILE D 427 -7.32 29.90 -29.75
C ILE D 427 -8.70 30.10 -29.17
N ILE D 428 -8.90 31.24 -28.51
CA ILE D 428 -10.21 31.65 -28.00
C ILE D 428 -10.57 32.97 -28.67
N HIS D 429 -11.71 32.99 -29.36
CA HIS D 429 -12.16 34.24 -29.97
C HIS D 429 -12.83 35.12 -28.93
N ASP D 430 -13.91 34.63 -28.31
CA ASP D 430 -14.56 35.26 -27.16
C ASP D 430 -14.99 36.68 -27.48
N PRO D 431 -15.96 36.90 -28.38
CA PRO D 431 -16.42 38.26 -28.65
C PRO D 431 -17.08 38.93 -27.45
N TYR D 432 -17.85 38.19 -26.67
CA TYR D 432 -18.50 38.71 -25.48
C TYR D 432 -18.31 37.71 -24.34
N SER D 433 -18.46 38.20 -23.11
CA SER D 433 -18.19 37.38 -21.93
C SER D 433 -19.32 36.35 -21.79
N GLU D 434 -19.22 35.31 -22.62
CA GLU D 434 -20.21 34.24 -22.65
C GLU D 434 -19.62 32.85 -22.47
N PHE D 435 -18.32 32.66 -22.68
CA PHE D 435 -17.70 31.36 -22.50
C PHE D 435 -17.35 31.15 -21.02
N MET D 436 -17.11 29.89 -20.67
CA MET D 436 -16.82 29.50 -19.29
C MET D 436 -15.34 29.65 -18.94
N VAL D 437 -14.49 30.02 -19.89
CA VAL D 437 -13.06 30.18 -19.66
C VAL D 437 -12.67 31.62 -19.95
N GLU D 438 -11.95 32.24 -19.02
CA GLU D 438 -11.49 33.61 -19.17
C GLU D 438 -9.99 33.66 -18.89
N GLU D 439 -9.33 34.67 -19.46
CA GLU D 439 -7.89 34.79 -19.41
C GLU D 439 -7.50 36.11 -18.75
N HIS D 440 -6.51 36.05 -17.87
CA HIS D 440 -5.94 37.23 -17.22
C HIS D 440 -4.51 37.42 -17.70
N GLU D 441 -4.16 38.65 -18.03
CA GLU D 441 -2.83 38.96 -18.56
C GLU D 441 -1.81 39.01 -17.44
N LEU D 442 -0.85 38.09 -17.46
CA LEU D 442 0.23 38.06 -16.48
C LEU D 442 1.56 37.92 -17.20
N ARG D 443 2.58 38.60 -16.68
CA ARG D 443 3.91 38.54 -17.29
C ARG D 443 4.54 37.18 -17.02
N LYS D 444 5.15 36.60 -18.06
CA LYS D 444 5.68 35.24 -17.95
C LYS D 444 6.82 35.17 -16.96
N GLU D 445 7.70 36.17 -16.95
CA GLU D 445 8.88 36.14 -16.09
C GLU D 445 8.54 36.25 -14.61
N ARG D 446 7.25 36.39 -14.27
CA ARG D 446 6.86 36.53 -12.88
C ARG D 446 7.22 35.30 -12.06
N ILE D 447 7.09 34.11 -12.64
CA ILE D 447 7.34 32.88 -11.90
C ILE D 447 8.82 32.74 -11.53
N GLN D 448 9.72 33.13 -12.43
CA GLN D 448 11.14 33.04 -12.13
C GLN D 448 11.57 34.16 -11.17
N GLU D 449 10.85 35.28 -11.19
CA GLU D 449 11.27 36.44 -10.40
C GLU D 449 10.99 36.25 -8.92
N ASP D 450 9.82 35.72 -8.57
CA ASP D 450 9.45 35.64 -7.16
C ASP D 450 8.70 34.34 -6.88
N TYR D 451 8.26 34.20 -5.63
CA TYR D 451 7.74 32.96 -5.08
C TYR D 451 6.22 32.97 -4.93
N ASN D 452 5.61 34.13 -4.74
CA ASN D 452 4.24 34.18 -4.26
C ASN D 452 3.23 34.10 -5.40
N ASP D 453 3.48 34.79 -6.51
CA ASP D 453 2.49 34.94 -7.57
C ASP D 453 2.23 33.60 -8.25
N LYS D 454 0.95 33.21 -8.31
CA LYS D 454 0.55 32.00 -9.01
C LYS D 454 0.35 32.29 -10.50
N TYR D 455 0.74 31.33 -11.33
CA TYR D 455 0.55 31.46 -12.77
C TYR D 455 -0.22 30.27 -13.33
N TRP D 456 0.04 29.07 -12.80
CA TRP D 456 -0.64 27.88 -13.28
C TRP D 456 -2.14 27.94 -13.03
N ASP D 457 -2.53 28.44 -11.86
CA ASP D 457 -3.95 28.53 -11.50
C ASP D 457 -4.57 29.89 -11.84
N GLN D 458 -3.80 30.82 -12.41
CA GLN D 458 -4.31 32.15 -12.69
C GLN D 458 -4.40 32.46 -14.18
N ARG D 459 -3.71 31.72 -15.05
CA ARG D 459 -3.77 32.00 -16.47
C ARG D 459 -5.18 31.78 -17.02
N TYR D 460 -5.85 30.71 -16.60
CA TYR D 460 -7.20 30.42 -17.03
C TYR D 460 -8.01 29.95 -15.82
N THR D 461 -9.20 30.52 -15.65
CA THR D 461 -10.10 30.16 -14.55
C THR D 461 -11.50 29.98 -15.08
N ILE D 462 -12.30 29.21 -14.34
CA ILE D 462 -13.69 28.96 -14.71
C ILE D 462 -14.58 30.05 -14.13
N VAL D 463 -15.44 30.61 -14.97
CA VAL D 463 -16.57 31.42 -14.50
C VAL D 463 -17.76 30.50 -14.34
N GLN D 464 -18.33 30.46 -13.13
CA GLN D 464 -19.33 29.46 -12.81
C GLN D 464 -20.70 29.78 -13.39
N GLN D 465 -21.02 31.05 -13.60
CA GLN D 465 -22.33 31.43 -14.08
C GLN D 465 -22.57 30.95 -15.51
N GLN D 466 -21.51 30.78 -16.29
CA GLN D 466 -21.64 30.48 -17.71
C GLN D 466 -21.51 29.00 -18.03
N ILE D 467 -21.47 28.14 -17.02
CA ILE D 467 -21.39 26.69 -17.27
C ILE D 467 -22.67 26.23 -17.95
N PRO D 468 -22.59 25.45 -19.03
CA PRO D 468 -23.81 25.02 -19.73
C PRO D 468 -24.67 24.04 -18.94
N SER D 469 -24.25 23.64 -17.74
CA SER D 469 -24.98 22.77 -16.82
C SER D 469 -25.04 21.32 -17.28
N PHE D 470 -24.45 20.97 -18.43
CA PHE D 470 -24.33 19.58 -18.83
C PHE D 470 -22.90 19.19 -19.15
N LEU D 471 -21.93 20.07 -18.93
CA LEU D 471 -20.51 19.75 -19.11
C LEU D 471 -19.71 20.00 -17.84
N GLN D 472 -20.39 20.12 -16.69
CA GLN D 472 -19.70 20.47 -15.46
C GLN D 472 -18.79 19.34 -14.97
N LYS D 473 -19.18 18.08 -15.21
CA LYS D 473 -18.37 16.96 -14.76
C LYS D 473 -17.05 16.85 -15.52
N MET D 474 -16.95 17.42 -16.71
CA MET D 474 -15.70 17.45 -17.46
C MET D 474 -15.11 18.85 -17.58
N ALA D 475 -15.53 19.79 -16.72
CA ALA D 475 -15.05 21.16 -16.83
C ALA D 475 -13.55 21.25 -16.59
N ASP D 476 -13.05 20.53 -15.58
CA ASP D 476 -11.63 20.61 -15.26
C ASP D 476 -10.76 20.01 -16.35
N LYS D 477 -11.23 18.95 -17.01
CA LYS D 477 -10.47 18.37 -18.12
C LYS D 477 -10.35 19.37 -19.28
N ILE D 478 -11.42 20.12 -19.56
CA ILE D 478 -11.40 21.07 -20.66
C ILE D 478 -10.35 22.15 -20.42
N LEU D 479 -10.21 22.60 -19.17
CA LEU D 479 -9.16 23.56 -18.84
C LEU D 479 -7.78 22.97 -19.13
N SER D 480 -7.58 21.70 -18.76
CA SER D 480 -6.28 21.06 -18.98
C SER D 480 -5.96 20.97 -20.47
N THR D 481 -6.97 20.68 -21.29
CA THR D 481 -6.75 20.57 -22.73
C THR D 481 -6.19 21.85 -23.31
N GLY D 482 -6.84 22.97 -23.04
CA GLY D 482 -6.35 24.25 -23.54
C GLY D 482 -5.04 24.67 -22.90
N LYS D 483 -4.91 24.46 -21.60
CA LYS D 483 -3.69 24.85 -20.90
C LYS D 483 -2.49 24.10 -21.42
N TYR D 484 -2.64 22.79 -21.65
CA TYR D 484 -1.53 22.00 -22.18
C TYR D 484 -1.16 22.43 -23.59
N LEU D 485 -2.15 22.71 -24.43
CA LEU D 485 -1.89 23.06 -25.82
C LEU D 485 -1.34 24.47 -25.96
N ASN D 486 -1.71 25.38 -25.05
CA ASN D 486 -1.29 26.77 -25.18
C ASN D 486 0.23 26.91 -25.02
N VAL D 487 0.82 26.16 -24.08
CA VAL D 487 2.25 26.30 -23.85
C VAL D 487 3.05 25.70 -25.01
N VAL D 488 2.54 24.64 -25.64
CA VAL D 488 3.30 23.98 -26.71
C VAL D 488 3.04 24.57 -28.09
N ARG D 489 1.91 25.25 -28.29
CA ARG D 489 1.65 25.86 -29.59
C ARG D 489 2.61 27.01 -29.87
N GLU D 490 3.03 27.74 -28.84
CA GLU D 490 3.89 28.90 -29.00
C GLU D 490 5.37 28.57 -29.07
N CYS D 491 5.73 27.30 -28.89
CA CYS D 491 7.13 26.88 -28.97
C CYS D 491 7.45 26.06 -30.20
N GLY D 492 6.55 25.19 -30.63
CA GLY D 492 6.78 24.37 -31.80
C GLY D 492 6.28 22.94 -31.64
N GLU D 502 -15.51 17.19 -34.56
CA GLU D 502 -16.78 17.90 -34.68
C GLU D 502 -17.74 17.45 -33.59
N ILE D 503 -18.48 18.40 -33.03
CA ILE D 503 -19.37 18.16 -31.90
C ILE D 503 -20.79 18.55 -32.30
N ILE D 504 -21.75 17.66 -32.04
CA ILE D 504 -23.16 17.91 -32.27
C ILE D 504 -23.92 17.61 -30.98
N TYR D 505 -24.82 18.53 -30.60
CA TYR D 505 -25.63 18.31 -29.42
C TYR D 505 -26.52 17.08 -29.59
N THR D 506 -26.55 16.24 -28.57
CA THR D 506 -27.37 15.03 -28.55
C THR D 506 -28.06 14.91 -27.21
N LEU D 507 -29.19 14.20 -27.21
CA LEU D 507 -29.94 13.93 -26.00
C LEU D 507 -29.77 12.47 -25.61
N LYS D 508 -29.60 12.23 -24.31
CA LYS D 508 -29.41 10.91 -23.73
C LYS D 508 -28.17 10.21 -24.26
N GLU D 509 -27.28 10.92 -24.94
CA GLU D 509 -26.06 10.34 -25.49
C GLU D 509 -24.86 11.16 -25.03
N ARG D 510 -23.77 10.47 -24.72
CA ARG D 510 -22.56 11.09 -24.21
C ARG D 510 -21.42 11.00 -25.21
N ALA D 511 -21.75 11.15 -26.51
CA ALA D 511 -20.73 11.06 -27.55
C ALA D 511 -19.69 12.17 -27.42
N TYR D 512 -20.14 13.39 -27.11
CA TYR D 512 -19.20 14.48 -26.90
C TYR D 512 -18.36 14.27 -25.65
N VAL D 513 -18.92 13.60 -24.65
CA VAL D 513 -18.16 13.31 -23.43
C VAL D 513 -16.96 12.42 -23.75
N GLU D 514 -17.19 11.38 -24.56
CA GLU D 514 -16.09 10.52 -24.97
C GLU D 514 -15.15 11.25 -25.92
N GLN D 515 -15.68 12.15 -26.74
CA GLN D 515 -14.85 12.88 -27.70
C GLN D 515 -13.83 13.75 -26.99
N ILE D 516 -14.27 14.48 -25.95
CA ILE D 516 -13.37 15.40 -25.26
C ILE D 516 -12.33 14.63 -24.43
N GLU D 517 -12.67 13.43 -23.96
CA GLU D 517 -11.73 12.68 -23.14
C GLU D 517 -10.53 12.23 -23.95
N LYS D 518 -10.75 11.67 -25.14
CA LYS D 518 -9.60 11.28 -25.96
C LYS D 518 -8.86 12.49 -26.50
N ALA D 519 -9.57 13.62 -26.70
CA ALA D 519 -8.88 14.86 -27.00
C ALA D 519 -7.99 15.29 -25.85
N PHE D 520 -8.47 15.11 -24.62
CA PHE D 520 -7.64 15.35 -23.44
C PHE D 520 -6.46 14.39 -23.40
N ASN D 521 -6.70 13.12 -23.74
CA ASN D 521 -5.63 12.13 -23.73
C ASN D 521 -4.54 12.49 -24.73
N TYR D 522 -4.94 12.86 -25.95
CA TYR D 522 -3.95 13.23 -26.96
C TYR D 522 -3.21 14.52 -26.57
N ALA D 523 -3.95 15.50 -26.06
CA ALA D 523 -3.31 16.75 -25.64
C ALA D 523 -2.33 16.51 -24.49
N SER D 524 -2.71 15.66 -23.54
CA SER D 524 -1.80 15.32 -22.46
C SER D 524 -0.60 14.54 -22.97
N LYS D 525 -0.83 13.58 -23.87
CA LYS D 525 0.27 12.74 -24.37
C LYS D 525 1.28 13.57 -25.15
N VAL D 526 0.80 14.48 -26.01
CA VAL D 526 1.72 15.24 -26.85
C VAL D 526 2.57 16.17 -26.01
N LEU D 527 2.02 16.71 -24.93
CA LEU D 527 2.80 17.59 -24.05
C LEU D 527 3.88 16.82 -23.32
N LEU D 528 3.56 15.60 -22.86
CA LEU D 528 4.54 14.82 -22.11
C LEU D 528 5.75 14.47 -22.97
N ASP D 529 5.53 13.96 -24.17
CA ASP D 529 6.65 13.61 -25.04
C ASP D 529 7.38 14.86 -25.52
N PHE D 530 6.69 16.00 -25.57
CA PHE D 530 7.34 17.24 -25.99
C PHE D 530 8.45 17.64 -25.04
N LEU D 531 8.21 17.51 -23.73
CA LEU D 531 9.21 17.90 -22.73
C LEU D 531 10.14 16.75 -22.35
N MET D 532 9.89 15.54 -22.85
CA MET D 532 10.76 14.41 -22.53
C MET D 532 11.74 14.10 -23.65
N GLU D 533 11.29 14.15 -24.90
CA GLU D 533 12.19 13.87 -26.02
C GLU D 533 13.19 15.01 -26.20
N GLU D 534 12.70 16.21 -26.48
CA GLU D 534 13.52 17.40 -26.53
C GLU D 534 13.29 18.23 -25.28
N LYS D 535 14.29 19.07 -24.95
CA LYS D 535 14.39 19.74 -23.63
C LYS D 535 13.97 18.79 -22.51
N GLU D 536 14.69 17.67 -22.42
CA GLU D 536 14.32 16.57 -21.55
C GLU D 536 14.34 16.99 -20.08
N LEU D 537 13.42 16.40 -19.30
CA LEU D 537 13.29 16.76 -17.90
C LEU D 537 14.25 15.97 -17.03
N VAL D 538 14.47 14.70 -17.36
CA VAL D 538 15.23 13.82 -16.47
C VAL D 538 16.69 14.25 -16.36
N ALA D 539 17.28 14.69 -17.48
CA ALA D 539 18.67 15.15 -17.44
C ALA D 539 18.82 16.40 -16.59
N HIS D 540 17.86 17.31 -16.69
CA HIS D 540 17.92 18.55 -15.89
C HIS D 540 17.82 18.25 -14.41
N LEU D 541 16.92 17.33 -14.03
CA LEU D 541 16.81 16.96 -12.62
C LEU D 541 18.08 16.26 -12.14
N ARG D 542 18.70 15.45 -13.00
CA ARG D 542 19.98 14.85 -12.63
C ARG D 542 21.06 15.91 -12.47
N SER D 543 21.00 16.96 -13.29
CA SER D 543 21.96 18.05 -13.18
C SER D 543 21.78 18.82 -11.88
N ILE D 544 20.53 19.16 -11.53
CA ILE D 544 20.29 19.91 -10.30
C ILE D 544 20.63 19.07 -9.08
N LYS D 545 20.50 17.74 -9.20
CA LYS D 545 20.90 16.87 -8.10
C LYS D 545 22.42 16.85 -7.94
N ARG D 546 23.16 17.09 -9.02
CA ARG D 546 24.61 17.02 -8.96
C ARG D 546 25.21 18.14 -8.10
N TYR D 547 24.65 19.35 -8.17
CA TYR D 547 25.23 20.50 -7.48
C TYR D 547 24.45 20.86 -6.21
N PHE D 548 23.13 21.00 -6.32
CA PHE D 548 22.35 21.38 -5.14
C PHE D 548 22.35 20.29 -4.09
N LEU D 549 22.47 19.03 -4.49
CA LEU D 549 22.43 17.91 -3.56
C LEU D 549 23.78 17.23 -3.38
N MET D 550 24.86 17.83 -3.90
CA MET D 550 26.23 17.36 -3.71
C MET D 550 26.41 15.91 -4.18
N ASP D 551 25.85 15.58 -5.34
CA ASP D 551 26.12 14.27 -5.94
C ASP D 551 27.58 14.17 -6.38
N GLN D 552 28.10 15.23 -6.99
CA GLN D 552 29.48 15.24 -7.49
C GLN D 552 30.38 15.73 -6.37
N GLY D 553 31.04 14.80 -5.68
CA GLY D 553 31.94 15.17 -4.59
C GLY D 553 33.27 15.72 -5.04
N ASP D 554 33.73 15.35 -6.23
CA ASP D 554 34.99 15.88 -6.74
C ASP D 554 34.89 17.38 -6.96
N PHE D 555 33.74 17.86 -7.43
CA PHE D 555 33.54 19.29 -7.62
C PHE D 555 33.65 20.05 -6.31
N PHE D 556 33.01 19.54 -5.25
CA PHE D 556 32.93 20.28 -4.00
C PHE D 556 34.23 20.21 -3.21
N VAL D 557 34.89 19.04 -3.19
CA VAL D 557 36.09 18.87 -2.37
C VAL D 557 37.17 19.84 -2.80
N HIS D 558 37.19 20.24 -4.07
CA HIS D 558 38.11 21.25 -4.54
C HIS D 558 37.61 22.67 -4.26
N PHE D 559 36.29 22.86 -4.15
CA PHE D 559 35.73 24.19 -4.01
C PHE D 559 36.06 24.79 -2.64
N MET D 560 35.80 24.04 -1.57
CA MET D 560 36.13 24.54 -0.24
C MET D 560 37.63 24.70 -0.07
N ASP D 561 38.42 23.77 -0.63
CA ASP D 561 39.87 23.87 -0.54
C ASP D 561 40.43 25.04 -1.32
N LEU D 562 39.63 25.68 -2.17
CA LEU D 562 40.07 26.83 -2.94
C LEU D 562 39.52 28.16 -2.45
N ALA D 563 38.33 28.15 -1.84
CA ALA D 563 37.68 29.37 -1.37
C ALA D 563 37.53 29.41 0.15
N GLU D 564 38.38 28.66 0.86
CA GLU D 564 38.28 28.60 2.32
C GLU D 564 38.62 29.95 2.94
N GLU D 565 39.62 30.66 2.39
CA GLU D 565 40.08 31.90 2.98
C GLU D 565 39.20 33.09 2.62
N GLU D 566 38.36 32.98 1.59
CA GLU D 566 37.53 34.10 1.16
C GLU D 566 36.09 33.98 1.63
N LEU D 567 35.74 32.92 2.37
CA LEU D 567 34.39 32.76 2.88
C LEU D 567 34.29 32.97 4.39
N ARG D 568 35.41 33.01 5.10
CA ARG D 568 35.39 33.29 6.53
C ARG D 568 35.33 34.78 6.84
N LYS D 569 35.51 35.64 5.85
CA LYS D 569 35.42 37.07 6.07
C LYS D 569 33.97 37.48 6.33
N PRO D 570 33.75 38.59 7.02
CA PRO D 570 32.38 39.03 7.30
C PRO D 570 31.63 39.40 6.04
N VAL D 571 30.30 39.38 6.15
CA VAL D 571 29.39 39.61 5.04
C VAL D 571 29.48 41.07 4.59
N GLU D 572 28.91 41.39 3.42
CA GLU D 572 29.11 42.62 2.67
C GLU D 572 30.58 43.05 2.65
N ASP D 573 31.48 42.09 2.47
CA ASP D 573 32.89 42.39 2.27
C ASP D 573 33.54 41.57 1.18
N ILE D 574 32.79 40.73 0.47
CA ILE D 574 33.31 39.88 -0.60
C ILE D 574 32.54 40.20 -1.88
N THR D 575 33.27 40.51 -2.94
CA THR D 575 32.55 40.86 -4.16
C THR D 575 32.17 39.60 -4.94
N PRO D 576 31.01 39.61 -5.58
CA PRO D 576 30.56 38.42 -6.34
C PRO D 576 31.51 38.01 -7.45
N PRO D 577 32.13 38.94 -8.20
CA PRO D 577 32.98 38.49 -9.31
C PRO D 577 34.12 37.57 -8.90
N ARG D 578 34.77 37.82 -7.76
CA ARG D 578 35.88 36.96 -7.36
C ARG D 578 35.42 35.56 -7.03
N LEU D 579 34.21 35.43 -6.44
CA LEU D 579 33.66 34.11 -6.18
C LEU D 579 33.29 33.41 -7.49
N GLU D 580 32.73 34.15 -8.45
CA GLU D 580 32.34 33.55 -9.72
C GLU D 580 33.56 33.05 -10.50
N ALA D 581 34.65 33.83 -10.49
CA ALA D 581 35.86 33.40 -11.17
C ALA D 581 36.42 32.12 -10.56
N LEU D 582 36.42 32.03 -9.23
CA LEU D 582 36.86 30.82 -8.56
C LEU D 582 35.93 29.65 -8.90
N LEU D 583 34.63 29.93 -9.02
CA LEU D 583 33.67 28.89 -9.38
C LEU D 583 33.99 28.30 -10.75
N GLU D 584 34.29 29.16 -11.72
CA GLU D 584 34.58 28.69 -13.06
C GLU D 584 35.90 27.91 -13.10
N LEU D 585 36.91 28.39 -12.37
CA LEU D 585 38.20 27.71 -12.35
C LEU D 585 38.08 26.32 -11.72
N ALA D 586 37.34 26.22 -10.61
CA ALA D 586 37.15 24.92 -9.98
C ALA D 586 36.37 23.97 -10.87
N LEU D 587 35.34 24.48 -11.56
CA LEU D 587 34.55 23.64 -12.44
C LEU D 587 35.39 23.10 -13.60
N ARG D 588 36.25 23.94 -14.16
CA ARG D 588 37.12 23.48 -15.25
C ARG D 588 38.12 22.44 -14.77
N MET D 589 38.69 22.65 -13.59
CA MET D 589 39.70 21.72 -13.07
C MET D 589 39.08 20.39 -12.65
N SER D 590 37.88 20.42 -12.08
CA SER D 590 37.22 19.20 -11.63
C SER D 590 36.66 18.42 -12.81
N THR D 591 36.02 17.29 -12.52
CA THR D 591 35.42 16.45 -13.54
C THR D 591 34.01 16.90 -13.92
N ALA D 592 33.66 18.15 -13.65
CA ALA D 592 32.37 18.70 -14.02
C ALA D 592 32.32 19.22 -15.44
N ASN D 593 33.44 19.14 -16.17
CA ASN D 593 33.47 19.61 -17.55
C ASN D 593 32.54 18.81 -18.46
N THR D 594 32.20 17.59 -18.08
CA THR D 594 31.24 16.77 -18.85
C THR D 594 29.81 17.07 -18.45
N ASP D 595 29.44 18.35 -18.46
CA ASP D 595 28.10 18.79 -18.10
C ASP D 595 27.60 19.73 -19.20
N PRO D 596 26.68 19.29 -20.05
CA PRO D 596 26.17 20.18 -21.10
C PRO D 596 25.47 21.43 -20.57
N PHE D 597 24.93 21.38 -19.36
CA PHE D 597 24.18 22.49 -18.76
C PHE D 597 24.93 23.09 -17.58
N LYS D 598 26.26 23.17 -17.68
CA LYS D 598 27.08 23.69 -16.59
C LYS D 598 26.99 25.21 -16.47
N ASP D 599 26.37 25.90 -17.43
CA ASP D 599 26.34 27.35 -17.47
C ASP D 599 25.08 27.94 -16.84
N ASP D 600 24.51 27.25 -15.84
CA ASP D 600 23.30 27.72 -15.19
C ASP D 600 23.44 27.80 -13.68
N LEU D 601 24.66 27.90 -13.17
CA LEU D 601 24.91 28.03 -11.74
C LEU D 601 25.39 29.44 -11.44
N LYS D 602 24.68 30.13 -10.55
CA LYS D 602 25.00 31.51 -10.19
C LYS D 602 25.10 31.62 -8.68
N ILE D 603 26.07 32.41 -8.22
CA ILE D 603 26.29 32.62 -6.79
C ILE D 603 25.34 33.70 -6.29
N ASP D 604 24.75 33.45 -5.12
CA ASP D 604 23.87 34.42 -4.50
C ASP D 604 24.07 34.34 -2.98
N LEU D 605 23.76 35.44 -2.30
CA LEU D 605 23.95 35.53 -0.85
C LEU D 605 22.63 35.96 -0.21
N MET D 606 22.15 35.17 0.73
CA MET D 606 20.90 35.43 1.42
C MET D 606 21.10 36.42 2.57
N PRO D 607 20.06 37.20 2.90
CA PRO D 607 20.19 38.16 4.00
C PRO D 607 19.92 37.58 5.37
N HIS D 608 19.41 36.36 5.46
CA HIS D 608 19.07 35.74 6.74
C HIS D 608 19.73 34.38 6.87
N ASP D 609 20.01 34.00 8.11
CA ASP D 609 20.57 32.68 8.38
C ASP D 609 19.47 31.61 8.34
N LEU D 610 19.90 30.36 8.14
CA LEU D 610 18.96 29.27 7.96
C LEU D 610 18.21 28.95 9.24
N ILE D 611 18.91 28.95 10.38
CA ILE D 611 18.32 28.46 11.62
C ILE D 611 17.20 29.39 12.08
N THR D 612 17.47 30.70 12.12
CA THR D 612 16.44 31.63 12.57
C THR D 612 15.28 31.71 11.58
N GLN D 613 15.58 31.63 10.28
CA GLN D 613 14.50 31.63 9.29
C GLN D 613 13.60 30.42 9.46
N LEU D 614 14.19 29.25 9.71
CA LEU D 614 13.39 28.06 9.98
C LEU D 614 12.68 28.15 11.32
N LEU D 615 13.30 28.78 12.31
CA LEU D 615 12.66 28.94 13.61
C LEU D 615 11.43 29.84 13.50
N ARG D 616 11.54 30.94 12.74
CA ARG D 616 10.41 31.84 12.60
C ARG D 616 9.26 31.20 11.83
N VAL D 617 9.57 30.47 10.76
CA VAL D 617 8.53 29.85 9.94
C VAL D 617 7.87 28.66 10.62
N LEU D 618 8.49 28.12 11.68
CA LEU D 618 7.88 27.05 12.46
C LEU D 618 7.13 27.56 13.67
N ALA D 619 7.66 28.61 14.33
CA ALA D 619 6.98 29.16 15.50
C ALA D 619 5.72 29.92 15.12
N ILE D 620 5.63 30.40 13.88
CA ILE D 620 4.48 31.17 13.44
C ILE D 620 3.26 30.28 13.32
N SER D 639 27.09 37.82 9.29
CA SER D 639 26.73 36.49 8.80
C SER D 639 27.97 35.62 8.64
N GLY D 640 28.62 35.72 7.48
CA GLY D 640 29.81 34.94 7.21
C GLY D 640 29.65 33.91 6.12
N LEU D 641 30.16 32.71 6.35
CA LEU D 641 30.10 31.66 5.34
C LEU D 641 28.67 31.19 5.10
N GLU D 642 27.86 31.16 6.16
CA GLU D 642 26.51 30.61 6.07
C GLU D 642 25.65 31.34 5.05
N ALA D 643 25.97 32.59 4.73
CA ALA D 643 25.17 33.36 3.78
C ALA D 643 25.29 32.81 2.36
N PHE D 644 26.23 31.91 2.10
CA PHE D 644 26.41 31.36 0.77
C PHE D 644 25.19 30.53 0.36
N SER D 645 24.84 30.61 -0.92
CA SER D 645 23.71 29.88 -1.46
C SER D 645 23.84 29.79 -2.97
N PHE D 646 23.32 28.71 -3.53
CA PHE D 646 23.32 28.52 -4.98
C PHE D 646 21.98 28.94 -5.57
N ASP D 647 21.96 29.06 -6.90
CA ASP D 647 20.74 29.38 -7.64
C ASP D 647 20.84 28.77 -9.03
N TYR D 648 19.69 28.59 -9.67
CA TYR D 648 19.61 27.96 -10.97
C TYR D 648 18.67 28.73 -11.87
N ILE D 649 18.90 28.63 -13.18
CA ILE D 649 18.11 29.33 -14.18
C ILE D 649 17.67 28.35 -15.26
N VAL D 650 16.40 28.41 -15.63
CA VAL D 650 15.84 27.53 -16.64
C VAL D 650 14.98 28.35 -17.59
N LYS D 651 14.71 27.79 -18.77
CA LYS D 651 13.88 28.46 -19.76
C LYS D 651 12.40 28.24 -19.45
N TRP D 652 11.55 29.01 -20.13
CA TRP D 652 10.11 29.05 -19.83
C TRP D 652 9.41 27.69 -19.91
N PRO D 653 9.53 26.89 -20.98
CA PRO D 653 8.79 25.63 -21.00
C PRO D 653 9.17 24.69 -19.87
N LEU D 654 10.44 24.70 -19.46
CA LEU D 654 10.88 23.90 -18.32
C LEU D 654 10.50 24.57 -17.00
N SER D 655 10.48 25.91 -16.96
CA SER D 655 10.33 26.63 -15.71
C SER D 655 8.95 26.46 -15.11
N LEU D 656 7.99 25.91 -15.86
CA LEU D 656 6.62 25.82 -15.37
C LEU D 656 6.52 24.95 -14.13
N ILE D 657 7.27 23.84 -14.10
CA ILE D 657 7.25 22.96 -12.94
C ILE D 657 8.42 23.23 -12.01
N ILE D 658 9.60 23.56 -12.55
CA ILE D 658 10.73 23.97 -11.73
C ILE D 658 10.71 25.49 -11.56
N ASN D 659 9.97 25.96 -10.58
CA ASN D 659 9.83 27.38 -10.33
C ASN D 659 10.29 27.73 -8.91
N ARG D 660 10.16 29.02 -8.57
CA ARG D 660 10.58 29.48 -7.25
C ARG D 660 9.80 28.79 -6.14
N LYS D 661 8.56 28.40 -6.43
CA LYS D 661 7.74 27.70 -5.44
C LYS D 661 8.38 26.37 -5.03
N ALA D 662 9.13 25.73 -5.91
CA ALA D 662 9.79 24.47 -5.60
C ALA D 662 11.30 24.61 -5.48
N LEU D 663 11.87 25.60 -6.18
CA LEU D 663 13.33 25.76 -6.15
C LEU D 663 13.83 26.19 -4.79
N THR D 664 13.06 26.98 -4.05
CA THR D 664 13.52 27.49 -2.77
C THR D 664 13.73 26.37 -1.76
N ARG D 665 13.09 25.22 -1.97
CA ARG D 665 13.31 24.08 -1.10
C ARG D 665 14.65 23.41 -1.38
N TYR D 666 15.07 23.41 -2.65
CA TYR D 666 16.37 22.84 -3.01
C TYR D 666 17.50 23.59 -2.34
N GLN D 667 17.44 24.93 -2.37
CA GLN D 667 18.52 25.72 -1.79
C GLN D 667 18.45 25.70 -0.27
N MET D 668 17.24 25.64 0.29
CA MET D 668 17.09 25.50 1.74
C MET D 668 17.70 24.20 2.24
N LEU D 669 17.50 23.12 1.48
CA LEU D 669 18.12 21.85 1.82
C LEU D 669 19.64 21.93 1.69
N PHE D 670 20.11 22.69 0.69
CA PHE D 670 21.56 22.80 0.46
C PHE D 670 22.26 23.48 1.63
N ARG D 671 21.61 24.48 2.23
CA ARG D 671 22.25 25.27 3.28
C ARG D 671 22.65 24.39 4.46
N HIS D 672 21.74 23.51 4.91
CA HIS D 672 22.08 22.58 5.98
C HIS D 672 23.09 21.56 5.50
N MET D 673 22.96 21.12 4.24
CA MET D 673 23.91 20.18 3.66
C MET D 673 25.30 20.79 3.60
N PHE D 674 25.39 22.06 3.20
CA PHE D 674 26.69 22.71 3.08
C PHE D 674 27.31 22.95 4.45
N TYR D 675 26.48 23.36 5.43
CA TYR D 675 26.99 23.62 6.77
C TYR D 675 27.52 22.35 7.42
N CYS D 676 26.80 21.24 7.26
CA CYS D 676 27.25 19.97 7.85
C CYS D 676 28.50 19.46 7.16
N LYS D 677 28.57 19.58 5.83
CA LYS D 677 29.77 19.15 5.11
C LYS D 677 30.97 20.00 5.47
N HIS D 678 30.76 21.32 5.60
CA HIS D 678 31.89 22.21 5.87
C HIS D 678 32.45 21.99 7.27
N VAL D 679 31.59 21.83 8.27
CA VAL D 679 32.07 21.65 9.63
C VAL D 679 32.82 20.33 9.78
N GLU D 680 32.40 19.31 9.01
CA GLU D 680 33.10 18.03 9.04
C GLU D 680 34.49 18.16 8.42
N ARG D 681 34.62 18.98 7.38
CA ARG D 681 35.92 19.15 6.72
C ARG D 681 36.93 19.80 7.66
N GLN D 682 36.52 20.87 8.36
CA GLN D 682 37.41 21.49 9.34
C GLN D 682 37.72 20.52 10.48
N LEU D 683 36.70 19.79 10.95
CA LEU D 683 36.91 18.84 12.03
C LEU D 683 37.89 17.75 11.63
N CYS D 684 37.76 17.24 10.40
CA CYS D 684 38.71 16.24 9.91
C CYS D 684 40.10 16.82 9.78
N SER D 685 40.21 18.08 9.35
CA SER D 685 41.51 18.72 9.22
C SER D 685 42.19 18.91 10.57
N VAL D 686 41.43 18.97 11.66
CA VAL D 686 42.03 19.07 12.98
C VAL D 686 42.80 17.79 13.31
N TRP D 687 42.31 16.64 12.85
CA TRP D 687 42.96 15.37 13.16
C TRP D 687 44.40 15.33 12.68
N ILE D 688 44.70 16.00 11.57
CA ILE D 688 46.08 16.02 11.07
C ILE D 688 46.91 17.11 11.71
N SER D 689 46.29 18.17 12.24
CA SER D 689 47.05 19.24 12.87
C SER D 689 47.76 18.75 14.13
N ASN D 690 47.08 17.93 14.94
CA ASN D 690 47.66 17.40 16.16
C ASN D 690 48.28 16.02 15.97
N LYS D 691 48.32 15.51 14.74
CA LYS D 691 48.90 14.20 14.49
C LYS D 691 50.41 14.26 14.66
N THR D 692 50.91 13.63 15.71
CA THR D 692 52.34 13.62 16.01
C THR D 692 53.08 12.67 15.09
N PHE D 704 45.85 17.41 26.76
CA PHE D 704 46.92 16.89 25.90
C PHE D 704 46.62 15.45 25.48
N ALA D 705 45.85 14.74 26.30
CA ALA D 705 45.48 13.36 26.03
C ALA D 705 43.98 13.11 26.09
N GLY D 706 43.20 13.97 26.74
CA GLY D 706 41.76 13.80 26.80
C GLY D 706 41.00 14.30 25.61
N ALA D 707 41.68 14.94 24.66
CA ALA D 707 41.01 15.43 23.45
C ALA D 707 40.82 14.35 22.40
N PHE D 708 41.53 13.22 22.53
CA PHE D 708 41.36 12.14 21.55
C PHE D 708 40.01 11.46 21.70
N THR D 709 39.60 11.15 22.94
CA THR D 709 38.32 10.49 23.14
C THR D 709 37.16 11.41 22.79
N LEU D 710 37.31 12.71 23.02
CA LEU D 710 36.27 13.65 22.62
C LEU D 710 36.13 13.70 21.10
N ARG D 711 37.25 13.69 20.38
CA ARG D 711 37.21 13.74 18.92
C ARG D 711 36.55 12.49 18.35
N GLN D 712 36.82 11.33 18.94
CA GLN D 712 36.27 10.08 18.43
C GLN D 712 34.75 10.09 18.44
N ARG D 713 34.15 10.46 19.58
CA ARG D 713 32.70 10.54 19.65
C ARG D 713 32.18 11.73 18.85
N MET D 714 32.99 12.78 18.74
CA MET D 714 32.57 13.97 18.01
C MET D 714 32.46 13.69 16.51
N LEU D 715 33.49 13.07 15.94
CA LEU D 715 33.48 12.80 14.50
C LEU D 715 32.47 11.71 14.15
N ASN D 716 32.29 10.72 15.04
CA ASN D 716 31.37 9.64 14.75
C ASN D 716 29.91 10.09 14.78
N PHE D 717 29.64 11.30 15.28
CA PHE D 717 28.28 11.82 15.23
C PHE D 717 28.00 12.53 13.91
N VAL D 718 28.91 13.42 13.49
CA VAL D 718 28.69 14.19 12.28
C VAL D 718 28.67 13.28 11.05
N GLN D 719 29.51 12.26 11.03
CA GLN D 719 29.47 11.29 9.93
C GLN D 719 28.19 10.48 9.96
N ASN D 720 27.75 10.06 11.15
CA ASN D 720 26.55 9.23 11.25
C ASN D 720 25.30 9.99 10.80
N ILE D 721 25.17 11.25 11.22
CA ILE D 721 24.05 12.05 10.72
C ILE D 721 24.22 12.32 9.24
N GLN D 722 25.45 12.48 8.77
CA GLN D 722 25.69 12.66 7.35
C GLN D 722 25.27 11.43 6.56
N TYR D 723 25.63 10.24 7.03
CA TYR D 723 25.29 9.02 6.31
C TYR D 723 23.78 8.81 6.27
N TYR D 724 23.10 9.01 7.40
CA TYR D 724 21.64 8.92 7.41
C TYR D 724 21.02 9.98 6.52
N MET D 725 21.57 11.19 6.54
CA MET D 725 21.05 12.28 5.71
C MET D 725 21.16 11.94 4.24
N MET D 726 22.15 11.13 3.86
CA MET D 726 22.56 10.98 2.46
C MET D 726 22.15 9.64 1.87
N PHE D 727 22.46 8.54 2.54
CA PHE D 727 22.27 7.21 1.95
C PHE D 727 20.93 6.56 2.32
N GLU D 728 20.08 7.23 3.09
CA GLU D 728 18.79 6.66 3.43
C GLU D 728 17.64 7.63 3.21
N VAL D 729 17.93 8.89 2.88
CA VAL D 729 16.90 9.88 2.63
C VAL D 729 17.05 10.38 1.19
N MET D 730 18.28 10.70 0.79
CA MET D 730 18.49 11.30 -0.52
C MET D 730 18.24 10.29 -1.64
N GLU D 731 18.88 9.13 -1.58
CA GLU D 731 18.76 8.15 -2.64
C GLU D 731 17.41 7.43 -2.67
N PRO D 732 16.93 6.85 -1.57
CA PRO D 732 15.69 6.07 -1.67
C PRO D 732 14.50 6.87 -2.16
N THR D 733 14.39 8.15 -1.77
CA THR D 733 13.29 8.97 -2.26
C THR D 733 13.51 9.36 -3.72
N TRP D 734 14.75 9.65 -4.10
CA TRP D 734 15.03 10.02 -5.48
C TRP D 734 14.76 8.85 -6.43
N HIS D 735 15.14 7.63 -6.04
CA HIS D 735 14.88 6.48 -6.88
C HIS D 735 13.38 6.25 -7.05
N ILE D 736 12.59 6.58 -6.03
CA ILE D 736 11.14 6.53 -6.16
C ILE D 736 10.68 7.54 -7.21
N LEU D 737 11.25 8.74 -7.19
CA LEU D 737 10.90 9.76 -8.18
C LEU D 737 11.27 9.31 -9.58
N GLU D 738 12.45 8.70 -9.74
CA GLU D 738 12.88 8.27 -11.07
C GLU D 738 11.92 7.22 -11.64
N LYS D 739 11.47 6.28 -10.80
CA LYS D 739 10.49 5.31 -11.24
C LYS D 739 9.11 5.94 -11.43
N ASN D 740 8.83 7.03 -10.71
CA ASN D 740 7.50 7.63 -10.76
C ASN D 740 7.29 8.41 -12.05
N LEU D 741 8.33 9.09 -12.54
CA LEU D 741 8.20 9.88 -13.77
C LEU D 741 8.11 9.02 -15.02
N LYS D 742 8.41 7.72 -14.92
CA LYS D 742 8.35 6.85 -16.08
C LYS D 742 6.92 6.46 -16.46
N SER D 743 5.93 6.74 -15.62
CA SER D 743 4.55 6.40 -15.87
C SER D 743 3.64 7.60 -15.67
N ALA D 744 4.11 8.79 -16.05
CA ALA D 744 3.31 10.00 -15.91
C ALA D 744 2.19 10.04 -16.94
N SER D 745 1.09 10.69 -16.56
CA SER D 745 -0.07 10.85 -17.43
C SER D 745 -0.30 12.28 -17.88
N ASN D 746 -0.13 13.25 -16.97
CA ASN D 746 -0.26 14.66 -17.33
C ASN D 746 0.69 15.46 -16.45
N ILE D 747 0.98 16.68 -16.88
CA ILE D 747 1.95 17.52 -16.17
C ILE D 747 1.44 17.87 -14.79
N ASP D 748 0.12 17.79 -14.57
CA ASP D 748 -0.44 18.07 -13.25
C ASP D 748 0.07 17.06 -12.22
N ASP D 749 0.11 15.78 -12.60
CA ASP D 749 0.66 14.78 -11.70
C ASP D 749 2.17 14.90 -11.57
N VAL D 750 2.83 15.41 -12.61
CA VAL D 750 4.28 15.60 -12.55
C VAL D 750 4.64 16.62 -11.47
N LEU D 751 3.94 17.76 -11.47
CA LEU D 751 4.22 18.78 -10.47
C LEU D 751 3.80 18.33 -9.07
N GLY D 752 2.71 17.57 -8.97
CA GLY D 752 2.32 17.03 -7.67
C GLY D 752 3.34 16.06 -7.12
N HIS D 753 3.87 15.20 -7.98
CA HIS D 753 4.91 14.27 -7.54
C HIS D 753 6.19 15.01 -7.15
N HIS D 754 6.56 16.03 -7.94
CA HIS D 754 7.79 16.76 -7.64
C HIS D 754 7.71 17.49 -6.32
N THR D 755 6.59 18.19 -6.05
CA THR D 755 6.44 18.85 -4.77
C THR D 755 6.25 17.84 -3.65
N GLY D 756 5.76 16.64 -3.96
CA GLY D 756 5.73 15.58 -2.97
C GLY D 756 7.11 15.08 -2.60
N PHE D 757 7.98 14.95 -3.60
CA PHE D 757 9.34 14.49 -3.35
C PHE D 757 10.10 15.46 -2.45
N LEU D 758 10.00 16.76 -2.74
CA LEU D 758 10.68 17.75 -1.92
C LEU D 758 10.11 17.77 -0.51
N ASP D 759 8.79 17.75 -0.38
CA ASP D 759 8.16 17.90 0.93
C ASP D 759 8.52 16.73 1.86
N THR D 760 8.47 15.50 1.33
CA THR D 760 8.79 14.35 2.16
C THR D 760 10.28 14.32 2.52
N CYS D 761 11.12 14.91 1.67
CA CYS D 761 12.55 14.94 1.96
C CYS D 761 12.84 15.86 3.14
N LEU D 762 12.21 17.04 3.16
CA LEU D 762 12.36 17.96 4.30
C LEU D 762 11.84 17.33 5.57
N LYS D 763 10.72 16.60 5.50
CA LYS D 763 10.20 15.91 6.68
C LYS D 763 11.20 14.89 7.20
N ASP D 764 11.80 14.11 6.30
CA ASP D 764 12.79 13.12 6.70
C ASP D 764 14.08 13.75 7.19
N CYS D 765 14.30 15.04 6.94
CA CYS D 765 15.45 15.73 7.51
C CYS D 765 15.21 16.01 8.98
N MET D 766 16.19 16.63 9.63
CA MET D 766 16.03 17.06 11.01
C MET D 766 15.25 18.36 11.11
N LEU D 767 14.93 19.00 9.99
CA LEU D 767 14.17 20.24 9.98
C LEU D 767 12.70 19.94 10.24
N THR D 768 11.86 20.97 10.10
CA THR D 768 10.41 20.89 10.30
C THR D 768 10.06 20.42 11.71
N ASN D 769 10.93 20.64 12.67
CA ASN D 769 10.67 20.31 14.07
C ASN D 769 11.30 21.38 14.96
N PRO D 770 10.48 22.17 15.67
CA PRO D 770 11.04 23.29 16.44
C PRO D 770 11.93 22.85 17.60
N GLU D 771 11.42 21.94 18.44
CA GLU D 771 12.20 21.47 19.58
C GLU D 771 13.45 20.72 19.14
N LEU D 772 13.32 19.90 18.09
CA LEU D 772 14.45 19.09 17.64
C LEU D 772 15.54 19.97 17.02
N LEU D 773 15.15 20.96 16.22
CA LEU D 773 16.14 21.78 15.54
C LEU D 773 16.88 22.69 16.51
N LYS D 774 16.20 23.22 17.52
CA LYS D 774 16.85 24.14 18.45
C LYS D 774 18.01 23.48 19.19
N VAL D 775 17.79 22.26 19.69
CA VAL D 775 18.87 21.55 20.36
C VAL D 775 19.93 21.10 19.36
N PHE D 776 19.51 20.77 18.14
CA PHE D 776 20.48 20.40 17.11
C PHE D 776 21.36 21.58 16.72
N SER D 777 20.76 22.75 16.55
CA SER D 777 21.54 23.94 16.21
C SER D 777 22.44 24.36 17.36
N LYS D 778 21.96 24.21 18.60
CA LYS D 778 22.81 24.49 19.75
C LYS D 778 24.01 23.55 19.78
N LEU D 779 23.80 22.27 19.47
CA LEU D 779 24.90 21.33 19.43
C LEU D 779 25.88 21.67 18.30
N MET D 780 25.35 22.08 17.15
CA MET D 780 26.23 22.44 16.02
C MET D 780 27.04 23.69 16.34
N SER D 781 26.47 24.62 17.10
CA SER D 781 27.24 25.77 17.54
C SER D 781 28.41 25.33 18.43
N VAL D 782 28.18 24.33 19.28
CA VAL D 782 29.26 23.76 20.07
C VAL D 782 30.31 23.12 19.16
N CYS D 783 29.85 22.54 18.04
CA CYS D 783 30.77 21.85 17.13
C CYS D 783 31.81 22.80 16.56
N VAL D 784 31.36 23.95 16.04
CA VAL D 784 32.28 24.83 15.33
C VAL D 784 33.26 25.50 16.28
N MET D 785 32.82 25.90 17.47
CA MET D 785 33.68 26.65 18.37
C MET D 785 34.76 25.78 19.01
N PHE D 786 34.52 24.48 19.17
CA PHE D 786 35.54 23.60 19.75
C PHE D 786 36.75 23.50 18.84
N THR D 787 36.53 23.38 17.53
CA THR D 787 37.64 23.23 16.61
C THR D 787 38.52 24.48 16.57
N ASN D 788 37.95 25.65 16.84
CA ASN D 788 38.72 26.88 16.85
C ASN D 788 39.75 26.91 17.98
N CYS D 789 39.52 26.17 19.06
CA CYS D 789 40.47 26.14 20.17
C CYS D 789 41.71 25.32 19.87
N MET D 790 41.64 24.39 18.92
CA MET D 790 42.76 23.48 18.68
C MET D 790 43.94 24.20 18.04
N GLN D 791 43.68 25.09 17.07
CA GLN D 791 44.77 25.79 16.41
C GLN D 791 45.34 26.94 17.25
N LYS D 792 44.72 27.23 18.40
CA LYS D 792 45.24 28.30 19.26
C LYS D 792 46.64 27.98 19.76
N PHE D 793 46.98 26.70 19.86
CA PHE D 793 48.30 26.28 20.33
C PHE D 793 49.39 26.72 19.36
N PHE D 846 43.77 25.62 29.56
CA PHE D 846 43.33 24.75 28.47
C PHE D 846 42.78 23.44 29.02
N GLU D 847 43.44 22.91 30.04
CA GLU D 847 43.01 21.65 30.64
C GLU D 847 41.64 21.78 31.31
N ALA D 848 41.29 22.98 31.74
CA ALA D 848 40.00 23.22 32.40
C ALA D 848 38.88 23.49 31.41
N THR D 849 39.15 23.46 30.10
CA THR D 849 38.13 23.68 29.09
C THR D 849 37.68 22.40 28.39
N ILE D 850 38.57 21.41 28.28
CA ILE D 850 38.22 20.16 27.59
C ILE D 850 37.12 19.44 28.36
N ASN D 851 37.23 19.38 29.69
CA ASN D 851 36.18 18.76 30.49
C ASN D 851 34.87 19.51 30.35
N LYS D 852 34.93 20.85 30.28
CA LYS D 852 33.73 21.63 30.02
C LYS D 852 33.15 21.32 28.65
N PHE D 853 34.02 21.17 27.65
CA PHE D 853 33.56 20.78 26.32
C PHE D 853 32.91 19.40 26.34
N ASP D 854 33.51 18.45 27.06
CA ASP D 854 32.94 17.11 27.15
C ASP D 854 31.59 17.12 27.85
N LYS D 855 31.48 17.89 28.94
CA LYS D 855 30.22 17.91 29.69
C LYS D 855 29.12 18.62 28.92
N ASN D 856 29.48 19.58 28.06
CA ASN D 856 28.46 20.25 27.25
C ASN D 856 27.97 19.36 26.13
N PHE D 857 28.89 18.64 25.47
CA PHE D 857 28.50 17.80 24.34
C PHE D 857 27.69 16.59 24.80
N SER D 858 28.09 15.97 25.90
CA SER D 858 27.38 14.79 26.40
C SER D 858 25.96 15.15 26.82
N ALA D 859 25.80 16.27 27.53
CA ALA D 859 24.46 16.68 27.95
C ALA D 859 23.58 17.02 26.75
N HIS D 860 24.16 17.73 25.77
CA HIS D 860 23.39 18.06 24.57
C HIS D 860 23.00 16.81 23.80
N LEU D 861 23.93 15.86 23.65
CA LEU D 861 23.65 14.64 22.91
C LEU D 861 22.60 13.79 23.62
N LEU D 862 22.69 13.70 24.95
CA LEU D 862 21.69 12.94 25.70
C LEU D 862 20.31 13.59 25.58
N ASP D 863 20.25 14.92 25.64
CA ASP D 863 18.98 15.60 25.39
C ASP D 863 18.53 15.38 23.95
N LEU D 864 19.47 15.37 23.01
CA LEU D 864 19.13 15.09 21.62
C LEU D 864 18.52 13.70 21.47
N LEU D 865 19.12 12.69 22.11
CA LEU D 865 18.62 11.33 21.98
C LEU D 865 17.25 11.18 22.62
N ALA D 866 17.01 11.87 23.73
CA ALA D 866 15.73 11.76 24.41
C ALA D 866 14.58 12.26 23.53
N ARG D 867 14.80 13.37 22.83
CA ARG D 867 13.72 13.96 22.04
C ARG D 867 13.32 13.06 20.87
N LEU D 868 14.31 12.52 20.15
CA LEU D 868 13.99 11.67 19.00
C LEU D 868 13.40 10.34 19.45
N SER D 869 13.84 9.82 20.60
CA SER D 869 13.23 8.61 21.13
C SER D 869 11.76 8.84 21.44
N ILE D 870 11.42 9.99 22.02
CA ILE D 870 10.03 10.33 22.28
C ILE D 870 9.29 10.58 20.97
N TYR D 871 9.92 11.33 20.05
CA TYR D 871 9.27 11.67 18.79
C TYR D 871 9.08 10.47 17.89
N SER D 872 9.92 9.45 18.00
CA SER D 872 9.78 8.26 17.17
C SER D 872 8.82 7.24 17.76
N THR D 873 8.44 7.39 19.03
CA THR D 873 7.52 6.44 19.65
C THR D 873 6.08 6.94 19.58
N SER D 874 5.84 8.15 20.09
CA SER D 874 4.50 8.73 20.02
C SER D 874 4.08 8.98 18.57
N ASP D 875 5.00 9.46 17.74
CA ASP D 875 4.75 9.69 16.33
C ASP D 875 5.55 8.69 15.50
N CYS D 876 4.95 8.23 14.42
CA CYS D 876 5.54 7.19 13.58
C CYS D 876 6.43 7.83 12.52
N GLU D 877 7.73 7.57 12.60
CA GLU D 877 8.68 8.09 11.63
C GLU D 877 9.91 7.20 11.66
N HIS D 878 10.15 6.47 10.57
CA HIS D 878 11.26 5.51 10.55
C HIS D 878 12.62 6.21 10.55
N GLY D 879 12.68 7.45 10.07
CA GLY D 879 13.96 8.14 10.01
C GLY D 879 14.57 8.39 11.37
N MET D 880 13.75 8.85 12.32
CA MET D 880 14.25 9.10 13.67
C MET D 880 14.67 7.80 14.35
N ALA D 881 13.96 6.71 14.09
CA ALA D 881 14.37 5.41 14.61
C ALA D 881 15.70 4.98 14.02
N SER D 882 15.91 5.27 12.73
CA SER D 882 17.16 4.86 12.07
C SER D 882 18.37 5.58 12.67
N VAL D 883 18.26 6.90 12.88
CA VAL D 883 19.41 7.66 13.36
C VAL D 883 19.77 7.26 14.79
N ILE D 884 18.75 6.94 15.61
CA ILE D 884 19.03 6.47 16.97
C ILE D 884 19.82 5.17 16.92
N SER D 885 19.41 4.24 16.06
CA SER D 885 20.16 3.01 15.88
C SER D 885 21.52 3.26 15.24
N ARG D 886 21.60 4.22 14.32
CA ARG D 886 22.87 4.49 13.65
C ARG D 886 23.84 5.24 14.54
N LEU D 887 23.34 6.19 15.34
CA LEU D 887 24.23 6.98 16.19
C LEU D 887 24.90 6.12 17.24
N ASP D 888 24.15 5.25 17.90
CA ASP D 888 24.67 4.37 18.93
C ASP D 888 24.52 2.92 18.48
N PHE D 889 25.63 2.19 18.45
CA PHE D 889 25.64 0.80 18.01
C PHE D 889 26.11 -0.17 19.09
N ASN D 890 26.63 0.32 20.21
CA ASN D 890 27.16 -0.53 21.27
C ASN D 890 26.30 -0.50 22.53
N GLY D 891 25.12 0.12 22.48
CA GLY D 891 24.31 0.27 23.67
C GLY D 891 24.75 1.39 24.59
N PHE D 892 25.75 2.18 24.19
CA PHE D 892 26.21 3.28 25.02
C PHE D 892 25.16 4.40 25.00
N TYR D 893 25.33 5.38 25.89
CA TYR D 893 24.32 6.39 26.15
C TYR D 893 22.99 5.76 26.57
N THR D 894 23.09 4.72 27.41
CA THR D 894 21.90 3.99 27.84
C THR D 894 21.00 4.81 28.77
N GLU D 895 21.47 5.95 29.26
CA GLU D 895 20.68 6.77 30.18
C GLU D 895 19.73 7.67 29.41
N ARG E 3 12.80 -21.11 7.05
CA ARG E 3 13.90 -21.85 7.66
C ARG E 3 14.47 -22.86 6.68
N GLU E 4 15.71 -22.63 6.25
CA GLU E 4 16.37 -23.53 5.32
C GLU E 4 16.66 -24.86 5.99
N ILE E 5 16.54 -25.94 5.20
CA ILE E 5 16.83 -27.29 5.65
C ILE E 5 17.89 -27.88 4.71
N ILE E 6 18.92 -28.50 5.30
CA ILE E 6 20.04 -29.03 4.54
C ILE E 6 20.10 -30.54 4.74
N THR E 7 20.32 -31.26 3.64
CA THR E 7 20.36 -32.71 3.63
C THR E 7 21.80 -33.21 3.51
N LEU E 8 22.05 -34.41 4.03
CA LEU E 8 23.35 -35.04 3.98
C LEU E 8 23.18 -36.49 3.52
N GLN E 9 24.06 -36.93 2.62
CA GLN E 9 24.05 -38.29 2.11
C GLN E 9 25.38 -38.96 2.45
N LEU E 10 25.31 -40.22 2.88
CA LEU E 10 26.50 -40.99 3.24
C LEU E 10 26.43 -42.37 2.64
N GLY E 11 27.57 -42.88 2.18
CA GLY E 11 27.64 -44.22 1.65
C GLY E 11 27.06 -44.36 0.27
N GLN E 12 27.22 -45.54 -0.34
CA GLN E 12 26.65 -45.77 -1.66
C GLN E 12 25.13 -45.85 -1.62
N CYS E 13 24.58 -46.44 -0.56
CA CYS E 13 23.13 -46.51 -0.43
C CYS E 13 22.52 -45.14 -0.21
N GLY E 14 23.12 -44.33 0.68
CA GLY E 14 22.59 -43.00 0.91
C GLY E 14 22.71 -42.10 -0.31
N ASN E 15 23.82 -42.19 -1.03
CA ASN E 15 23.99 -41.41 -2.24
C ASN E 15 22.97 -41.84 -3.30
N GLN E 16 22.69 -43.14 -3.40
CA GLN E 16 21.75 -43.62 -4.39
C GLN E 16 20.33 -43.13 -4.10
N ILE E 17 19.88 -43.28 -2.85
CA ILE E 17 18.54 -42.82 -2.50
C ILE E 17 18.48 -41.30 -2.54
N GLY E 18 19.56 -40.63 -2.14
CA GLY E 18 19.59 -39.17 -2.20
C GLY E 18 19.49 -38.64 -3.61
N PHE E 19 20.20 -39.27 -4.55
CA PHE E 19 20.11 -38.87 -5.95
C PHE E 19 18.70 -39.08 -6.49
N GLU E 20 18.08 -40.22 -6.16
CA GLU E 20 16.70 -40.46 -6.57
C GLU E 20 15.75 -39.49 -5.88
N PHE E 21 16.02 -39.18 -4.61
CA PHE E 21 15.19 -38.20 -3.90
C PHE E 21 15.25 -36.84 -4.57
N TRP E 22 16.46 -36.41 -4.96
CA TRP E 22 16.58 -35.11 -5.62
C TRP E 22 15.95 -35.13 -7.00
N LYS E 23 16.08 -36.24 -7.73
CA LYS E 23 15.48 -36.33 -9.06
C LYS E 23 13.97 -36.22 -9.00
N GLN E 24 13.35 -36.93 -8.05
CA GLN E 24 11.90 -36.86 -7.91
C GLN E 24 11.45 -35.48 -7.45
N LEU E 25 12.15 -34.91 -6.48
CA LEU E 25 11.78 -33.59 -5.96
C LEU E 25 11.94 -32.52 -7.04
N CYS E 26 13.03 -32.60 -7.82
CA CYS E 26 13.23 -31.64 -8.91
C CYS E 26 12.13 -31.78 -9.96
N ALA E 27 11.74 -33.02 -10.27
CA ALA E 27 10.67 -33.23 -11.24
C ALA E 27 9.34 -32.74 -10.72
N GLU E 28 9.12 -32.79 -9.39
CA GLU E 28 7.86 -32.34 -8.83
C GLU E 28 7.63 -30.86 -9.10
N HIS E 29 8.67 -30.05 -8.95
CA HIS E 29 8.60 -28.64 -9.27
C HIS E 29 8.89 -28.42 -10.75
N GLY E 30 8.66 -27.18 -11.20
CA GLY E 30 8.94 -26.84 -12.58
C GLY E 30 10.41 -26.53 -12.81
N ILE E 31 11.27 -27.48 -12.48
CA ILE E 31 12.72 -27.30 -12.57
C ILE E 31 13.26 -28.33 -13.56
N SER E 32 14.02 -27.85 -14.55
CA SER E 32 14.64 -28.73 -15.52
C SER E 32 15.80 -29.49 -14.87
N PRO E 33 16.19 -30.62 -15.46
CA PRO E 33 17.35 -31.36 -14.91
C PRO E 33 18.63 -30.56 -14.89
N GLU E 34 18.76 -29.55 -15.76
CA GLU E 34 19.94 -28.69 -15.80
C GLU E 34 19.87 -27.52 -14.81
N ALA E 35 19.04 -27.64 -13.77
CA ALA E 35 18.92 -26.63 -12.72
C ALA E 35 18.51 -25.27 -13.28
N ILE E 36 17.58 -25.29 -14.24
CA ILE E 36 17.04 -24.07 -14.84
C ILE E 36 15.52 -24.16 -14.78
N VAL E 37 14.89 -23.11 -14.26
CA VAL E 37 13.44 -23.08 -14.15
C VAL E 37 12.82 -22.95 -15.53
N GLU E 38 11.76 -23.70 -15.78
CA GLU E 38 11.07 -23.68 -17.06
C GLU E 38 9.77 -22.88 -16.96
N GLU E 39 9.25 -22.49 -18.12
CA GLU E 39 8.04 -21.69 -18.15
C GLU E 39 6.82 -22.49 -17.71
N PHE E 40 6.82 -23.80 -17.98
CA PHE E 40 5.70 -24.71 -17.68
C PHE E 40 4.33 -24.11 -17.99
N THR E 45 2.76 -20.58 -6.03
CA THR E 45 2.15 -21.08 -4.82
C THR E 45 3.12 -21.94 -4.02
N ASP E 46 3.73 -22.91 -4.70
CA ASP E 46 4.69 -23.78 -4.04
C ASP E 46 5.94 -23.01 -3.63
N ARG E 47 6.53 -23.40 -2.51
CA ARG E 47 7.71 -22.74 -1.96
C ARG E 47 8.92 -23.65 -2.15
N LYS E 48 9.80 -23.30 -3.08
CA LYS E 48 11.05 -24.01 -3.29
C LYS E 48 12.22 -23.40 -2.53
N ASP E 49 11.98 -22.36 -1.74
CA ASP E 49 13.07 -21.69 -1.03
C ASP E 49 13.58 -22.54 0.13
N VAL E 50 12.74 -23.41 0.68
CA VAL E 50 13.16 -24.21 1.82
C VAL E 50 14.19 -25.25 1.41
N PHE E 51 13.96 -25.94 0.29
CA PHE E 51 14.90 -26.96 -0.17
C PHE E 51 15.95 -26.41 -1.12
N PHE E 52 15.65 -25.32 -1.84
CA PHE E 52 16.56 -24.80 -2.85
C PHE E 52 16.99 -23.38 -2.48
N TYR E 53 18.22 -23.06 -2.86
CA TYR E 53 18.82 -21.76 -2.59
C TYR E 53 19.28 -21.13 -3.90
N GLN E 54 19.06 -19.83 -4.03
CA GLN E 54 19.43 -19.11 -5.25
C GLN E 54 20.95 -19.08 -5.43
N TYR E 60 19.20 -22.23 -9.58
CA TYR E 60 18.71 -23.05 -8.47
C TYR E 60 19.69 -24.17 -8.15
N ILE E 61 20.20 -24.19 -6.92
CA ILE E 61 21.11 -25.24 -6.49
C ILE E 61 20.56 -25.89 -5.22
N PRO E 62 20.64 -27.21 -5.09
CA PRO E 62 20.17 -27.87 -3.87
C PRO E 62 21.25 -27.91 -2.79
N ARG E 63 20.80 -27.74 -1.54
CA ARG E 63 21.71 -27.77 -0.39
C ARG E 63 22.04 -29.23 -0.05
N ALA E 64 22.80 -29.84 -0.94
CA ALA E 64 23.15 -31.26 -0.83
C ALA E 64 24.65 -31.41 -0.59
N VAL E 65 25.00 -32.33 0.31
CA VAL E 65 26.39 -32.66 0.61
C VAL E 65 26.55 -34.16 0.44
N LEU E 66 27.52 -34.55 -0.39
CA LEU E 66 27.76 -35.96 -0.71
C LEU E 66 29.16 -36.35 -0.27
N LEU E 67 29.27 -37.49 0.39
CA LEU E 67 30.57 -37.99 0.84
C LEU E 67 30.93 -39.30 0.14
N ARG E 72 33.78 -43.30 -5.88
CA ARG E 72 33.39 -44.27 -6.90
C ARG E 72 31.99 -43.98 -7.43
N VAL E 73 31.00 -44.01 -6.54
CA VAL E 73 29.62 -43.75 -6.94
C VAL E 73 29.45 -42.31 -7.36
N ILE E 74 30.21 -41.39 -6.76
CA ILE E 74 30.10 -39.97 -7.09
C ILE E 74 30.43 -39.73 -8.55
N HIS E 75 31.41 -40.47 -9.09
CA HIS E 75 31.77 -40.30 -10.50
C HIS E 75 30.60 -40.65 -11.41
N SER E 76 29.88 -41.73 -11.09
CA SER E 76 28.69 -42.05 -11.87
C SER E 76 27.60 -41.00 -11.68
N ILE E 77 27.50 -40.43 -10.49
CA ILE E 77 26.51 -39.38 -10.23
C ILE E 77 26.80 -38.16 -11.10
N LEU E 78 28.06 -37.76 -11.20
CA LEU E 78 28.42 -36.65 -12.06
C LEU E 78 28.20 -36.97 -13.53
N ASN E 79 28.37 -38.22 -13.93
CA ASN E 79 28.08 -38.63 -15.30
C ASN E 79 26.60 -38.51 -15.64
N SER E 80 25.73 -38.53 -14.62
CA SER E 80 24.30 -38.45 -14.85
C SER E 80 23.92 -37.07 -15.41
N PRO E 81 22.78 -36.98 -16.10
CA PRO E 81 22.37 -35.69 -16.66
C PRO E 81 22.10 -34.62 -15.61
N TYR E 82 21.95 -35.00 -14.34
CA TYR E 82 21.71 -34.05 -13.26
C TYR E 82 23.00 -33.53 -12.64
N ALA E 83 24.09 -33.49 -13.41
CA ALA E 83 25.36 -33.01 -12.88
C ALA E 83 25.28 -31.55 -12.44
N LYS E 84 24.56 -30.73 -13.20
CA LYS E 84 24.43 -29.31 -12.90
C LYS E 84 23.49 -29.04 -11.73
N LEU E 85 23.07 -30.07 -11.00
CA LEU E 85 22.19 -29.93 -9.85
C LEU E 85 22.95 -30.09 -8.54
N TYR E 86 24.19 -29.61 -8.51
CA TYR E 86 25.01 -29.67 -7.31
C TYR E 86 25.97 -28.49 -7.23
N GLY E 101 36.89 -49.10 3.92
CA GLY E 101 36.85 -50.38 4.61
C GLY E 101 35.44 -50.90 4.83
N ASN E 102 35.30 -51.86 5.75
CA ASN E 102 33.99 -52.43 6.05
C ASN E 102 33.79 -52.65 7.54
N ASN E 103 34.50 -51.91 8.39
CA ASN E 103 34.40 -52.05 9.83
C ASN E 103 33.99 -50.71 10.44
N TRP E 104 33.35 -50.78 11.62
CA TRP E 104 32.93 -49.56 12.30
C TRP E 104 34.13 -48.73 12.72
N ALA E 105 35.19 -49.38 13.22
CA ALA E 105 36.38 -48.65 13.64
C ALA E 105 37.05 -47.96 12.46
N SER E 106 37.11 -48.64 11.31
CA SER E 106 37.70 -48.04 10.12
C SER E 106 36.89 -46.82 9.66
N GLY E 107 35.56 -46.93 9.72
CA GLY E 107 34.74 -45.78 9.40
C GLY E 107 34.94 -44.63 10.38
N PHE E 108 35.11 -44.96 11.67
CA PHE E 108 35.39 -43.93 12.65
C PHE E 108 36.74 -43.25 12.38
N SER E 109 37.75 -44.05 12.01
CA SER E 109 39.06 -43.48 11.71
C SER E 109 39.01 -42.58 10.47
N GLN E 110 38.26 -42.99 9.45
CA GLN E 110 38.16 -42.19 8.24
C GLN E 110 37.54 -40.83 8.53
N GLY E 111 36.49 -40.80 9.35
CA GLY E 111 35.88 -39.53 9.69
C GLY E 111 36.80 -38.62 10.47
N GLU E 112 37.61 -39.19 11.37
CA GLU E 112 38.52 -38.38 12.17
C GLU E 112 39.56 -37.68 11.30
N LYS E 113 40.07 -38.38 10.29
CA LYS E 113 41.13 -37.81 9.45
C LYS E 113 40.61 -36.68 8.58
N ILE E 114 39.31 -36.66 8.28
CA ILE E 114 38.73 -35.72 7.34
C ILE E 114 37.65 -34.86 7.99
N HIS E 115 37.58 -34.86 9.33
CA HIS E 115 36.49 -34.15 10.00
C HIS E 115 36.56 -32.65 9.75
N GLU E 116 37.77 -32.07 9.76
CA GLU E 116 37.89 -30.64 9.56
C GLU E 116 37.57 -30.25 8.12
N ASP E 117 38.01 -31.06 7.15
CA ASP E 117 37.71 -30.78 5.76
C ASP E 117 36.21 -30.82 5.48
N ILE E 118 35.53 -31.83 6.05
CA ILE E 118 34.09 -31.96 5.82
C ILE E 118 33.33 -30.86 6.54
N PHE E 119 33.72 -30.52 7.77
CA PHE E 119 33.00 -29.51 8.52
C PHE E 119 33.23 -28.10 7.99
N ASP E 120 34.24 -27.90 7.16
CA ASP E 120 34.43 -26.60 6.54
C ASP E 120 33.27 -26.25 5.62
N ILE E 121 32.84 -27.21 4.79
CA ILE E 121 31.72 -26.96 3.89
C ILE E 121 30.40 -26.95 4.66
N ILE E 122 30.34 -27.63 5.80
CA ILE E 122 29.12 -27.63 6.60
C ILE E 122 28.90 -26.27 7.24
N ASP E 123 29.97 -25.68 7.81
CA ASP E 123 29.83 -24.41 8.50
C ASP E 123 29.52 -23.28 7.53
N ARG E 124 30.21 -23.25 6.38
CA ARG E 124 29.96 -22.18 5.41
C ARG E 124 28.55 -22.26 4.85
N GLU E 125 28.03 -23.47 4.65
CA GLU E 125 26.64 -23.62 4.23
C GLU E 125 25.69 -23.14 5.34
N ALA E 126 26.02 -23.43 6.60
CA ALA E 126 25.20 -22.96 7.71
C ALA E 126 25.21 -21.44 7.80
N ASP E 127 26.38 -20.82 7.64
CA ASP E 127 26.46 -19.36 7.67
C ASP E 127 25.74 -18.76 6.48
N GLY E 128 25.85 -19.39 5.31
CA GLY E 128 25.12 -18.91 4.15
C GLY E 128 23.62 -18.99 4.32
N SER E 129 23.15 -19.99 5.06
CA SER E 129 21.73 -20.11 5.35
C SER E 129 21.31 -19.06 6.38
N ASP E 130 20.11 -18.51 6.19
CA ASP E 130 19.62 -17.46 7.08
C ASP E 130 19.38 -18.00 8.48
N SER E 131 18.65 -19.10 8.60
CA SER E 131 18.38 -19.71 9.90
C SER E 131 18.08 -21.18 9.68
N LEU E 132 19.07 -22.03 9.96
CA LEU E 132 18.89 -23.47 9.80
C LEU E 132 17.94 -24.00 10.85
N GLU E 133 17.09 -24.94 10.44
CA GLU E 133 16.12 -25.57 11.32
C GLU E 133 16.52 -26.99 11.70
N GLY E 134 16.72 -27.85 10.71
CA GLY E 134 17.07 -29.23 10.98
C GLY E 134 18.26 -29.71 10.18
N PHE E 135 18.51 -31.03 10.20
CA PHE E 135 19.61 -31.62 9.44
C PHE E 135 19.14 -32.98 8.94
N VAL E 136 18.65 -33.04 7.72
CA VAL E 136 18.17 -34.28 7.14
C VAL E 136 19.37 -35.13 6.75
N LEU E 137 19.35 -36.40 7.15
CA LEU E 137 20.43 -37.33 6.85
C LEU E 137 19.85 -38.60 6.24
N CYS E 138 20.53 -39.11 5.21
CA CYS E 138 20.14 -40.34 4.54
C CYS E 138 21.36 -41.27 4.57
N HIS E 139 21.46 -42.07 5.63
CA HIS E 139 22.60 -42.95 5.84
C HIS E 139 22.14 -44.38 6.00
N SER E 140 23.02 -45.31 5.66
CA SER E 140 22.74 -46.74 5.74
C SER E 140 23.61 -47.37 6.83
N ILE E 141 23.05 -48.40 7.48
CA ILE E 141 23.75 -49.10 8.54
C ILE E 141 23.88 -50.56 8.13
N ALA E 142 23.96 -50.81 6.83
CA ALA E 142 24.10 -52.17 6.33
C ALA E 142 25.57 -52.57 6.18
N GLY E 143 26.34 -52.36 7.25
CA GLY E 143 27.74 -52.76 7.28
C GLY E 143 28.68 -51.87 6.49
N GLY E 144 28.20 -50.74 5.95
CA GLY E 144 29.03 -49.87 5.16
C GLY E 144 29.70 -48.78 5.98
N THR E 145 30.56 -48.02 5.30
CA THR E 145 31.25 -46.91 5.96
C THR E 145 30.31 -45.79 6.34
N GLY E 146 29.14 -45.70 5.71
CA GLY E 146 28.19 -44.66 6.07
C GLY E 146 27.73 -44.74 7.50
N SER E 147 27.63 -45.95 8.04
CA SER E 147 27.29 -46.12 9.45
C SER E 147 28.37 -45.52 10.34
N GLY E 148 29.64 -45.76 10.00
CA GLY E 148 30.72 -45.17 10.77
C GLY E 148 30.78 -43.66 10.65
N LEU E 149 30.64 -43.14 9.43
CA LEU E 149 30.57 -41.69 9.26
C LEU E 149 29.34 -41.10 9.91
N GLY E 150 28.21 -41.82 9.83
CA GLY E 150 27.00 -41.33 10.47
C GLY E 150 27.12 -41.21 11.96
N SER E 151 27.81 -42.17 12.59
CA SER E 151 28.02 -42.11 14.03
C SER E 151 28.86 -40.90 14.43
N TYR E 152 29.91 -40.62 13.66
CA TYR E 152 30.77 -39.47 13.96
C TYR E 152 30.02 -38.16 13.73
N LEU E 153 29.31 -38.05 12.62
CA LEU E 153 28.65 -36.79 12.29
C LEU E 153 27.58 -36.44 13.33
N LEU E 154 26.82 -37.43 13.79
CA LEU E 154 25.83 -37.18 14.83
C LEU E 154 26.49 -36.73 16.13
N GLU E 155 27.65 -37.32 16.46
CA GLU E 155 28.34 -36.94 17.69
C GLU E 155 28.78 -35.48 17.64
N ARG E 156 29.33 -35.05 16.51
CA ARG E 156 29.82 -33.68 16.40
C ARG E 156 28.68 -32.68 16.23
N LEU E 157 27.60 -33.08 15.55
CA LEU E 157 26.46 -32.18 15.37
C LEU E 157 25.84 -31.81 16.70
N ASN E 158 25.71 -32.78 17.61
CA ASN E 158 25.25 -32.48 18.96
C ASN E 158 26.24 -31.59 19.69
N ASP E 159 27.54 -31.85 19.52
CA ASP E 159 28.56 -31.10 20.23
C ASP E 159 28.60 -29.63 19.80
N ARG E 160 28.50 -29.37 18.49
CA ARG E 160 28.67 -28.03 17.96
C ARG E 160 27.36 -27.28 17.77
N TYR E 161 26.26 -27.99 17.48
CA TYR E 161 24.96 -27.37 17.24
C TYR E 161 23.95 -27.97 18.22
N PRO E 162 23.79 -27.39 19.41
CA PRO E 162 22.86 -27.96 20.39
C PRO E 162 21.42 -27.52 20.15
N LYS E 163 21.23 -26.36 19.54
CA LYS E 163 19.90 -25.83 19.28
C LYS E 163 19.37 -26.20 17.91
N LYS E 164 20.12 -26.98 17.14
CA LYS E 164 19.72 -27.37 15.79
C LYS E 164 19.21 -28.81 15.80
N LEU E 165 18.00 -29.01 15.32
CA LEU E 165 17.42 -30.34 15.25
C LEU E 165 18.16 -31.19 14.21
N VAL E 166 18.16 -32.49 14.44
CA VAL E 166 18.75 -33.45 13.50
C VAL E 166 17.79 -34.61 13.32
N GLN E 167 17.62 -35.05 12.07
CA GLN E 167 16.76 -36.16 11.74
C GLN E 167 17.40 -36.98 10.63
N THR E 168 17.38 -38.30 10.77
CA THR E 168 17.99 -39.19 9.79
C THR E 168 17.02 -40.31 9.42
N TYR E 169 17.00 -40.64 8.13
CA TYR E 169 16.14 -41.70 7.61
C TYR E 169 16.98 -42.97 7.44
N SER E 170 17.23 -43.64 8.55
CA SER E 170 18.05 -44.85 8.54
C SER E 170 17.36 -45.97 7.79
N VAL E 171 18.17 -46.87 7.23
CA VAL E 171 17.68 -48.05 6.55
C VAL E 171 18.39 -49.28 7.12
N PHE E 172 17.66 -50.38 7.21
CA PHE E 172 18.16 -51.60 7.81
C PHE E 172 18.26 -52.72 6.78
N PRO E 173 19.17 -53.68 6.97
CA PRO E 173 19.32 -54.80 6.04
C PRO E 173 18.11 -55.74 6.04
N VAL E 183 29.71 -59.89 10.00
CA VAL E 183 30.03 -58.58 10.54
C VAL E 183 28.82 -57.66 10.45
N GLN E 184 27.83 -58.07 9.65
CA GLN E 184 26.60 -57.29 9.53
C GLN E 184 25.88 -57.08 10.86
N PRO E 185 25.71 -58.10 11.72
CA PRO E 185 25.06 -57.84 13.01
C PRO E 185 25.80 -56.84 13.88
N TYR E 186 27.13 -56.80 13.79
CA TYR E 186 27.92 -55.86 14.59
C TYR E 186 27.57 -54.42 14.25
N ASN E 187 27.86 -53.99 13.01
CA ASN E 187 27.68 -52.59 12.64
C ASN E 187 26.22 -52.15 12.77
N SER E 188 25.29 -53.10 12.66
CA SER E 188 23.88 -52.76 12.76
C SER E 188 23.45 -52.37 14.16
N LEU E 189 24.30 -52.56 15.18
CA LEU E 189 23.93 -52.23 16.54
C LEU E 189 24.90 -51.30 17.25
N LEU E 190 26.15 -51.20 16.81
CA LEU E 190 27.06 -50.20 17.39
C LEU E 190 26.56 -48.79 17.14
N THR E 191 26.09 -48.52 15.92
CA THR E 191 25.58 -47.19 15.60
C THR E 191 24.29 -46.88 16.33
N LEU E 192 23.57 -47.90 16.79
CA LEU E 192 22.35 -47.67 17.56
C LEU E 192 22.66 -46.97 18.88
N LYS E 193 23.87 -47.15 19.41
CA LYS E 193 24.24 -46.47 20.64
C LYS E 193 24.22 -44.96 20.47
N ARG E 194 24.76 -44.46 19.36
CA ARG E 194 24.76 -43.02 19.11
C ARG E 194 23.41 -42.52 18.64
N LEU E 195 22.66 -43.33 17.88
CA LEU E 195 21.38 -42.89 17.35
C LEU E 195 20.37 -42.61 18.46
N THR E 196 20.35 -43.46 19.49
CA THR E 196 19.37 -43.31 20.56
C THR E 196 19.67 -42.15 21.51
N GLN E 197 20.83 -41.52 21.39
CA GLN E 197 21.18 -40.41 22.27
C GLN E 197 21.54 -39.12 21.53
N ASN E 198 21.58 -39.14 20.20
CA ASN E 198 21.91 -37.94 19.43
C ASN E 198 20.78 -37.48 18.53
N ALA E 199 20.24 -38.37 17.70
CA ALA E 199 19.18 -37.98 16.78
C ALA E 199 17.87 -37.77 17.53
N ASP E 200 17.21 -36.63 17.25
CA ASP E 200 15.93 -36.34 17.87
C ASP E 200 14.81 -37.18 17.28
N CYS E 201 14.88 -37.48 15.97
CA CYS E 201 13.88 -38.28 15.30
C CYS E 201 14.56 -39.33 14.45
N LEU E 202 13.85 -40.43 14.19
CA LEU E 202 14.40 -41.52 13.40
C LEU E 202 13.27 -42.23 12.67
N VAL E 203 13.46 -42.41 11.36
CA VAL E 203 12.52 -43.14 10.52
C VAL E 203 13.26 -44.35 9.97
N VAL E 204 12.69 -45.54 10.20
CA VAL E 204 13.34 -46.79 9.85
C VAL E 204 12.70 -47.36 8.60
N LEU E 205 13.54 -47.84 7.67
CA LEU E 205 13.08 -48.45 6.42
C LEU E 205 13.91 -49.70 6.20
N ASP E 206 13.42 -50.83 6.70
CA ASP E 206 14.14 -52.09 6.56
C ASP E 206 13.89 -52.69 5.17
N ASN E 207 14.80 -53.57 4.77
CA ASN E 207 14.68 -54.23 3.48
C ASN E 207 13.83 -55.49 3.53
N THR E 208 13.45 -55.93 4.73
CA THR E 208 12.62 -57.13 4.85
C THR E 208 11.23 -56.89 4.24
N ALA E 209 10.67 -55.72 4.46
CA ALA E 209 9.35 -55.39 3.92
C ALA E 209 9.41 -54.68 2.58
N LEU E 210 10.52 -54.01 2.28
CA LEU E 210 10.64 -53.30 1.01
C LEU E 210 10.67 -54.27 -0.17
N ASN E 211 11.51 -55.31 -0.06
CA ASN E 211 11.59 -56.29 -1.15
C ASN E 211 10.31 -57.12 -1.26
N ARG E 212 9.61 -57.32 -0.14
CA ARG E 212 8.34 -58.03 -0.19
C ARG E 212 7.34 -57.29 -1.05
N ILE E 213 7.27 -55.97 -0.90
CA ILE E 213 6.38 -55.16 -1.73
C ILE E 213 6.85 -55.18 -3.18
N ALA E 214 8.16 -55.05 -3.39
CA ALA E 214 8.69 -55.04 -4.75
C ALA E 214 8.45 -56.38 -5.44
N THR E 215 8.68 -57.48 -4.73
CA THR E 215 8.47 -58.80 -5.33
C THR E 215 7.00 -59.04 -5.64
N ASP E 216 6.11 -58.56 -4.76
CA ASP E 216 4.69 -58.86 -4.91
C ASP E 216 4.04 -57.97 -5.98
N ARG E 217 4.09 -56.65 -5.79
CA ARG E 217 3.35 -55.73 -6.63
C ARG E 217 4.15 -55.22 -7.83
N LEU E 218 5.44 -55.55 -7.93
CA LEU E 218 6.24 -55.17 -9.09
C LEU E 218 6.86 -56.35 -9.83
N HIS E 219 7.00 -57.51 -9.20
CA HIS E 219 7.51 -58.72 -9.83
C HIS E 219 8.92 -58.49 -10.39
N ILE E 220 9.85 -58.18 -9.48
CA ILE E 220 11.24 -57.94 -9.87
C ILE E 220 12.03 -59.23 -10.04
N GLN E 221 11.49 -60.36 -9.61
CA GLN E 221 12.19 -61.64 -9.73
C GLN E 221 11.19 -62.79 -9.88
N SER E 224 15.90 -54.74 -8.88
CA SER E 224 17.24 -54.24 -8.62
C SER E 224 17.22 -53.15 -7.55
N PHE E 225 18.39 -52.58 -7.28
CA PHE E 225 18.49 -51.52 -6.27
C PHE E 225 17.70 -50.28 -6.68
N SER E 226 17.79 -49.89 -7.95
CA SER E 226 17.03 -48.73 -8.42
C SER E 226 15.53 -49.01 -8.40
N GLN E 227 15.14 -50.25 -8.68
CA GLN E 227 13.73 -50.60 -8.67
C GLN E 227 13.14 -50.51 -7.26
N ILE E 228 13.95 -50.79 -6.24
CA ILE E 228 13.45 -50.74 -4.87
C ILE E 228 13.66 -49.37 -4.21
N ASN E 229 14.61 -48.57 -4.70
CA ASN E 229 14.84 -47.25 -4.13
C ASN E 229 13.87 -46.21 -4.66
N GLN E 230 13.26 -46.45 -5.83
CA GLN E 230 12.29 -45.50 -6.38
C GLN E 230 11.09 -45.37 -5.46
N LEU E 231 10.62 -46.47 -4.89
CA LEU E 231 9.53 -46.41 -3.93
C LEU E 231 9.94 -45.63 -2.70
N VAL E 232 11.19 -45.81 -2.24
CA VAL E 232 11.68 -45.08 -1.08
C VAL E 232 11.71 -43.59 -1.36
N SER E 233 12.19 -43.20 -2.54
CA SER E 233 12.22 -41.78 -2.90
C SER E 233 10.82 -41.20 -2.98
N THR E 234 9.84 -42.02 -3.36
CA THR E 234 8.46 -41.56 -3.37
C THR E 234 7.98 -41.23 -1.97
N ILE E 235 8.36 -42.05 -0.99
CA ILE E 235 8.02 -41.75 0.41
C ILE E 235 8.73 -40.49 0.87
N MET E 236 9.99 -40.31 0.43
CA MET E 236 10.76 -39.16 0.87
C MET E 236 10.11 -37.85 0.44
N SER E 237 9.65 -37.77 -0.80
CA SER E 237 8.99 -36.55 -1.27
C SER E 237 7.66 -36.34 -0.57
N ALA E 238 6.86 -37.40 -0.44
CA ALA E 238 5.56 -37.30 0.19
C ALA E 238 5.63 -37.11 1.70
N SER E 239 6.78 -37.40 2.32
CA SER E 239 6.91 -37.21 3.76
C SER E 239 6.82 -35.74 4.14
N THR E 240 7.43 -34.86 3.34
CA THR E 240 7.47 -33.43 3.62
C THR E 240 6.49 -32.64 2.74
N THR E 241 5.32 -33.23 2.48
CA THR E 241 4.31 -32.54 1.67
C THR E 241 3.84 -31.27 2.36
N THR E 242 3.58 -31.34 3.67
CA THR E 242 3.13 -30.17 4.41
C THR E 242 4.25 -29.15 4.63
N LEU E 243 5.50 -29.50 4.33
CA LEU E 243 6.62 -28.59 4.51
C LEU E 243 6.88 -27.75 3.26
N ARG E 244 6.86 -28.38 2.08
CA ARG E 244 7.08 -27.64 0.85
C ARG E 244 5.95 -26.65 0.58
N TYR E 245 4.70 -27.06 0.84
CA TYR E 245 3.53 -26.24 0.59
C TYR E 245 3.03 -25.63 1.88
N PRO E 246 2.81 -24.32 1.92
CA PRO E 246 2.33 -23.69 3.16
C PRO E 246 0.95 -24.21 3.56
N GLY E 247 0.72 -24.26 4.87
CA GLY E 247 -0.55 -24.70 5.41
C GLY E 247 -0.76 -24.09 6.79
N TYR E 248 -1.98 -24.24 7.30
CA TYR E 248 -2.29 -23.68 8.61
C TYR E 248 -1.56 -24.45 9.71
N MET E 249 -1.60 -25.77 9.66
CA MET E 249 -1.05 -26.62 10.70
C MET E 249 0.25 -27.27 10.25
N ASN E 250 1.17 -27.43 11.20
CA ASN E 250 2.44 -28.13 10.98
C ASN E 250 3.24 -27.48 9.86
N ASN E 251 3.65 -26.24 10.11
CA ASN E 251 4.39 -25.44 9.13
C ASN E 251 5.89 -25.66 9.21
N ASP E 252 6.38 -26.51 10.12
CA ASP E 252 7.82 -26.71 10.27
C ASP E 252 8.06 -28.10 10.85
N LEU E 253 9.32 -28.53 10.77
CA LEU E 253 9.66 -29.91 11.14
C LEU E 253 9.40 -30.18 12.61
N ILE E 254 9.72 -29.21 13.49
CA ILE E 254 9.51 -29.41 14.92
C ILE E 254 8.02 -29.57 15.23
N GLY E 255 7.16 -28.99 14.39
CA GLY E 255 5.73 -29.16 14.61
C GLY E 255 5.26 -30.59 14.43
N LEU E 256 5.74 -31.26 13.39
CA LEU E 256 5.33 -32.64 13.14
C LEU E 256 5.96 -33.60 14.15
N ILE E 257 7.26 -33.45 14.40
CA ILE E 257 7.99 -34.44 15.20
C ILE E 257 7.53 -34.42 16.64
N ALA E 258 7.21 -33.24 17.18
CA ALA E 258 6.87 -33.13 18.60
C ALA E 258 5.64 -33.96 18.95
N SER E 259 4.64 -33.99 18.07
CA SER E 259 3.41 -34.71 18.36
C SER E 259 3.65 -36.21 18.51
N LEU E 260 4.46 -36.79 17.61
CA LEU E 260 4.66 -38.23 17.61
C LEU E 260 5.59 -38.69 18.72
N ILE E 261 6.47 -37.82 19.20
CA ILE E 261 7.51 -38.20 20.16
C ILE E 261 7.05 -37.78 21.56
N PRO E 262 6.66 -38.71 22.42
CA PRO E 262 6.29 -38.33 23.80
C PRO E 262 7.51 -38.15 24.68
N THR E 263 8.54 -38.94 24.45
CA THR E 263 9.76 -38.94 25.23
C THR E 263 10.95 -39.01 24.26
N PRO E 264 12.01 -38.24 24.51
CA PRO E 264 13.16 -38.31 23.60
C PRO E 264 13.76 -39.69 23.49
N ARG E 265 13.59 -40.54 24.52
CA ARG E 265 14.01 -41.93 24.40
C ARG E 265 13.21 -42.66 23.33
N LEU E 266 11.89 -42.42 23.26
CA LEU E 266 11.03 -43.05 22.27
C LEU E 266 10.95 -42.12 21.06
N HIS E 267 11.91 -42.28 20.15
CA HIS E 267 12.06 -41.41 19.00
C HIS E 267 12.16 -42.21 17.72
N PHE E 268 11.25 -43.16 17.53
CA PHE E 268 11.24 -44.01 16.36
C PHE E 268 9.93 -43.85 15.61
N LEU E 269 10.02 -43.92 14.28
CA LEU E 269 8.88 -43.67 13.40
C LEU E 269 8.83 -44.75 12.32
N MET E 270 7.64 -44.94 11.77
CA MET E 270 7.44 -45.83 10.63
C MET E 270 6.52 -45.15 9.63
N THR E 271 6.69 -45.49 8.36
CA THR E 271 5.98 -44.82 7.28
C THR E 271 5.29 -45.83 6.37
N GLY E 272 4.21 -45.39 5.75
CA GLY E 272 3.52 -46.19 4.77
C GLY E 272 2.95 -45.31 3.68
N TYR E 273 2.79 -45.91 2.50
CA TYR E 273 2.32 -45.18 1.31
C TYR E 273 1.49 -46.13 0.47
N THR E 274 0.18 -46.14 0.71
CA THR E 274 -0.70 -47.12 0.06
C THR E 274 -0.91 -46.88 -1.43
N PRO E 275 -0.80 -45.64 -1.99
CA PRO E 275 -0.80 -45.51 -3.45
C PRO E 275 0.26 -46.40 -4.10
N LEU E 276 -0.17 -47.42 -4.83
CA LEU E 276 0.78 -48.33 -5.48
C LEU E 276 0.20 -48.89 -6.78
N THR E 288 -12.32 -43.93 -5.05
CA THR E 288 -11.25 -43.73 -4.08
C THR E 288 -11.54 -42.53 -3.18
N THR E 289 -12.06 -42.79 -1.99
CA THR E 289 -12.42 -41.77 -1.03
C THR E 289 -11.47 -41.82 0.16
N VAL E 290 -11.75 -41.00 1.17
CA VAL E 290 -10.91 -40.95 2.36
C VAL E 290 -10.95 -42.29 3.10
N LEU E 291 -12.09 -42.97 3.09
CA LEU E 291 -12.20 -44.26 3.79
C LEU E 291 -11.25 -45.28 3.19
N ASP E 292 -11.09 -45.28 1.86
CA ASP E 292 -10.17 -46.22 1.23
C ASP E 292 -8.72 -45.97 1.68
N VAL E 293 -8.33 -44.70 1.77
CA VAL E 293 -6.95 -44.37 2.15
C VAL E 293 -6.72 -44.72 3.62
N MET E 294 -7.65 -44.32 4.49
CA MET E 294 -7.49 -44.59 5.91
C MET E 294 -7.48 -46.09 6.20
N ARG E 295 -8.40 -46.83 5.56
CA ARG E 295 -8.48 -48.26 5.81
C ARG E 295 -7.26 -49.01 5.29
N ARG E 296 -6.76 -48.63 4.11
CA ARG E 296 -5.65 -49.34 3.50
C ARG E 296 -4.32 -49.07 4.18
N LEU E 297 -4.26 -48.13 5.11
CA LEU E 297 -3.00 -47.73 5.73
C LEU E 297 -2.71 -48.47 7.03
N LEU E 298 -3.51 -49.49 7.37
CA LEU E 298 -3.35 -50.19 8.64
C LEU E 298 -3.01 -51.66 8.51
N GLN E 299 -3.12 -52.26 7.33
CA GLN E 299 -2.80 -53.67 7.19
C GLN E 299 -1.31 -53.92 7.33
N PRO E 300 -0.92 -55.11 7.78
CA PRO E 300 0.52 -55.42 7.88
C PRO E 300 1.24 -55.45 6.55
N LYS E 301 0.51 -55.59 5.44
CA LYS E 301 1.15 -55.61 4.12
C LYS E 301 1.72 -54.26 3.74
N ASN E 302 1.24 -53.17 4.33
CA ASN E 302 1.70 -51.83 3.98
C ASN E 302 2.74 -51.27 4.93
N VAL E 303 2.71 -51.67 6.21
CA VAL E 303 3.70 -51.18 7.16
C VAL E 303 5.07 -51.77 6.82
N MET E 304 6.08 -50.92 6.80
CA MET E 304 7.44 -51.34 6.43
C MET E 304 8.27 -51.69 7.65
N VAL E 305 7.75 -52.61 8.47
CA VAL E 305 8.45 -53.12 9.64
C VAL E 305 8.31 -54.63 9.67
N SER E 306 9.41 -55.32 9.91
CA SER E 306 9.41 -56.78 9.97
C SER E 306 8.56 -57.29 11.12
N ASN E 314 1.42 -56.30 25.22
CA ASN E 314 0.91 -56.30 23.85
C ASN E 314 1.56 -55.19 23.03
N HIS E 315 0.86 -54.74 21.99
CA HIS E 315 1.35 -53.69 21.12
C HIS E 315 0.22 -52.74 20.75
N CYS E 316 0.51 -51.45 20.75
CA CYS E 316 -0.50 -50.45 20.43
C CYS E 316 0.20 -49.18 19.94
N TYR E 317 -0.57 -48.34 19.26
CA TYR E 317 -0.05 -47.08 18.76
C TYR E 317 -0.08 -46.01 19.86
N ILE E 318 0.63 -44.91 19.60
CA ILE E 318 0.71 -43.79 20.52
C ILE E 318 0.14 -42.51 19.90
N ALA E 319 0.49 -42.23 18.65
CA ALA E 319 -0.04 -41.07 17.95
C ALA E 319 0.02 -41.33 16.45
N ILE E 320 -0.98 -40.87 15.73
CA ILE E 320 -1.11 -41.11 14.30
C ILE E 320 -1.28 -39.78 13.58
N LEU E 321 -0.36 -39.48 12.67
CA LEU E 321 -0.45 -38.33 11.79
C LEU E 321 -0.43 -38.83 10.34
N ASN E 322 -1.49 -38.53 9.60
CA ASN E 322 -1.64 -38.98 8.22
C ASN E 322 -1.86 -37.78 7.31
N ILE E 323 -1.23 -37.80 6.14
CA ILE E 323 -1.29 -36.70 5.20
C ILE E 323 -2.04 -37.15 3.95
N ILE E 324 -3.01 -36.35 3.52
CA ILE E 324 -3.78 -36.61 2.32
C ILE E 324 -3.41 -35.53 1.30
N GLN E 325 -2.86 -35.96 0.17
CA GLN E 325 -2.38 -35.04 -0.86
C GLN E 325 -3.39 -34.78 -1.96
N GLY E 326 -4.59 -35.35 -1.85
CA GLY E 326 -5.58 -35.21 -2.91
C GLY E 326 -6.53 -34.04 -2.68
N GLU E 327 -7.43 -33.86 -3.66
CA GLU E 327 -8.47 -32.84 -3.60
C GLU E 327 -9.79 -33.42 -3.09
N VAL E 328 -9.74 -34.49 -2.31
CA VAL E 328 -10.95 -35.13 -1.82
C VAL E 328 -11.72 -34.16 -0.93
N ASP E 329 -13.05 -34.31 -0.93
CA ASP E 329 -13.93 -33.40 -0.21
C ASP E 329 -13.72 -33.52 1.30
N PRO E 330 -13.45 -32.42 2.01
CA PRO E 330 -13.36 -32.48 3.47
C PRO E 330 -14.65 -32.88 4.15
N THR E 331 -15.76 -33.04 3.42
CA THR E 331 -17.03 -33.34 4.05
C THR E 331 -17.03 -34.71 4.72
N GLN E 332 -16.34 -35.68 4.13
CA GLN E 332 -16.41 -37.06 4.58
C GLN E 332 -15.22 -37.48 5.44
N VAL E 333 -14.40 -36.53 5.90
CA VAL E 333 -13.24 -36.90 6.69
C VAL E 333 -13.66 -37.42 8.07
N HIS E 334 -14.67 -36.79 8.69
CA HIS E 334 -15.08 -37.23 10.02
C HIS E 334 -15.87 -38.53 9.96
N LYS E 335 -16.61 -38.76 8.87
CA LYS E 335 -17.31 -40.03 8.72
C LYS E 335 -16.35 -41.20 8.67
N SER E 336 -15.22 -41.03 7.98
CA SER E 336 -14.18 -42.05 7.98
C SER E 336 -13.62 -42.26 9.39
N LEU E 337 -13.46 -41.18 10.14
CA LEU E 337 -12.94 -41.30 11.50
C LEU E 337 -13.89 -42.10 12.38
N GLN E 338 -15.20 -41.86 12.26
CA GLN E 338 -16.16 -42.62 13.04
C GLN E 338 -16.15 -44.09 12.66
N ARG E 339 -16.04 -44.39 11.36
CA ARG E 339 -16.02 -45.78 10.91
C ARG E 339 -14.80 -46.52 11.44
N ILE E 340 -13.64 -45.83 11.48
CA ILE E 340 -12.45 -46.46 12.02
C ILE E 340 -12.63 -46.79 13.50
N ARG E 341 -13.19 -45.85 14.26
CA ARG E 341 -13.40 -46.09 15.69
C ARG E 341 -14.41 -47.21 15.94
N GLU E 342 -15.49 -47.22 15.17
CA GLU E 342 -16.56 -48.18 15.41
C GLU E 342 -16.09 -49.62 15.15
N ARG E 343 -15.39 -49.83 14.02
CA ARG E 343 -14.94 -51.17 13.68
C ARG E 343 -13.68 -51.58 14.43
N LYS E 344 -12.93 -50.62 14.98
CA LYS E 344 -11.76 -50.88 15.81
C LYS E 344 -10.68 -51.65 15.04
N LEU E 345 -10.08 -50.97 14.07
CA LEU E 345 -8.94 -51.51 13.35
C LEU E 345 -7.60 -51.17 14.00
N ALA E 346 -7.59 -50.34 15.04
CA ALA E 346 -6.36 -49.89 15.66
C ALA E 346 -6.50 -49.94 17.18
N ASN E 347 -5.37 -50.16 17.85
CA ASN E 347 -5.31 -50.20 19.31
C ASN E 347 -4.38 -49.10 19.78
N PHE E 348 -4.83 -48.34 20.78
CA PHE E 348 -4.10 -47.19 21.30
C PHE E 348 -3.71 -47.44 22.76
N ILE E 349 -2.97 -46.49 23.32
CA ILE E 349 -2.50 -46.59 24.70
C ILE E 349 -3.68 -46.52 25.65
N PRO E 350 -3.65 -47.25 26.77
CA PRO E 350 -4.78 -47.20 27.71
C PRO E 350 -4.66 -46.11 28.76
N TRP E 351 -3.44 -45.63 29.02
CA TRP E 351 -3.22 -44.71 30.12
C TRP E 351 -3.68 -43.30 29.77
N GLY E 352 -3.06 -42.69 28.76
CA GLY E 352 -3.37 -41.33 28.40
C GLY E 352 -4.29 -41.24 27.21
N PRO E 353 -5.02 -40.13 27.09
CA PRO E 353 -5.91 -39.95 25.94
C PRO E 353 -5.13 -39.75 24.65
N ALA E 354 -5.14 -40.75 23.77
CA ALA E 354 -4.46 -40.69 22.50
C ALA E 354 -5.48 -40.66 21.37
N SER E 355 -5.24 -39.81 20.38
CA SER E 355 -6.18 -39.59 19.29
C SER E 355 -5.46 -39.77 17.96
N ILE E 356 -6.21 -39.57 16.88
CA ILE E 356 -5.70 -39.64 15.51
C ILE E 356 -5.89 -38.28 14.86
N GLN E 357 -4.90 -37.86 14.06
CA GLN E 357 -4.93 -36.57 13.41
C GLN E 357 -4.61 -36.75 11.93
N VAL E 358 -5.32 -35.98 11.10
CA VAL E 358 -5.12 -36.00 9.65
C VAL E 358 -5.02 -34.56 9.15
N ALA E 359 -4.21 -34.35 8.12
CA ALA E 359 -4.02 -33.04 7.53
C ALA E 359 -4.14 -33.14 6.02
N LEU E 360 -4.50 -32.02 5.39
CA LEU E 360 -4.71 -31.97 3.95
C LEU E 360 -3.70 -31.02 3.32
N SER E 361 -3.29 -31.36 2.09
CA SER E 361 -2.37 -30.53 1.33
C SER E 361 -2.66 -30.73 -0.16
N ARG E 362 -2.24 -29.75 -0.95
CA ARG E 362 -2.50 -29.74 -2.37
C ARG E 362 -1.36 -30.42 -3.13
N LYS E 363 -1.71 -31.33 -4.04
CA LYS E 363 -0.72 -31.99 -4.85
C LYS E 363 -0.15 -31.02 -5.89
N SER E 364 1.05 -31.34 -6.36
CA SER E 364 1.70 -30.50 -7.36
C SER E 364 0.98 -30.62 -8.69
N PRO E 365 0.47 -29.52 -9.25
CA PRO E 365 -0.25 -29.61 -10.53
C PRO E 365 0.63 -30.04 -11.70
N TYR E 366 1.95 -29.87 -11.59
CA TYR E 366 2.83 -30.25 -12.69
C TYR E 366 2.80 -31.76 -12.93
N LEU E 367 2.82 -32.55 -11.86
CA LEU E 367 2.82 -34.01 -11.99
C LEU E 367 1.43 -34.52 -12.36
N ARG E 372 -6.69 -39.35 -8.80
CA ARG E 372 -5.45 -39.71 -8.11
C ARG E 372 -5.39 -39.06 -6.74
N VAL E 373 -5.60 -39.86 -5.69
CA VAL E 373 -5.54 -39.41 -4.31
C VAL E 373 -4.40 -40.16 -3.64
N SER E 374 -3.44 -39.40 -3.11
CA SER E 374 -2.29 -39.99 -2.44
C SER E 374 -2.55 -40.09 -0.94
N GLY E 375 -1.60 -40.69 -0.22
CA GLY E 375 -1.71 -40.81 1.21
C GLY E 375 -0.47 -41.39 1.87
N LEU E 376 -0.03 -40.77 2.97
CA LEU E 376 1.12 -41.25 3.71
C LEU E 376 0.78 -41.25 5.20
N MET E 377 1.36 -42.20 5.92
CA MET E 377 1.14 -42.33 7.35
C MET E 377 2.47 -42.26 8.09
N MET E 378 2.47 -41.60 9.23
CA MET E 378 3.62 -41.54 10.12
C MET E 378 3.17 -41.99 11.50
N ALA E 379 3.87 -42.96 12.08
CA ALA E 379 3.40 -43.57 13.31
C ALA E 379 4.58 -44.16 14.07
N ASN E 380 4.35 -44.39 15.36
CA ASN E 380 5.30 -45.08 16.23
C ASN E 380 4.59 -46.26 16.87
N HIS E 381 5.14 -47.46 16.70
CA HIS E 381 4.54 -48.68 17.20
C HIS E 381 5.51 -49.41 18.11
N THR E 382 5.00 -49.95 19.21
CA THR E 382 5.83 -50.75 20.10
C THR E 382 6.23 -52.08 19.48
N SER E 383 5.62 -52.46 18.35
CA SER E 383 6.04 -53.66 17.63
C SER E 383 7.42 -53.49 17.00
N ILE E 384 7.95 -52.27 16.98
CA ILE E 384 9.33 -52.06 16.50
C ILE E 384 10.33 -52.74 17.43
N SER E 385 9.92 -53.09 18.65
CA SER E 385 10.79 -53.79 19.57
C SER E 385 11.19 -55.17 19.07
N SER E 386 10.39 -55.78 18.19
CA SER E 386 10.71 -57.11 17.69
C SER E 386 12.01 -57.10 16.89
N LEU E 387 12.22 -56.08 16.07
CA LEU E 387 13.43 -56.00 15.26
C LEU E 387 14.67 -55.89 16.14
N PHE E 388 14.59 -55.08 17.21
CA PHE E 388 15.74 -54.91 18.09
C PHE E 388 16.09 -56.21 18.81
N GLU E 389 15.07 -56.97 19.23
CA GLU E 389 15.34 -58.24 19.89
C GLU E 389 16.04 -59.20 18.94
N ARG E 390 15.70 -59.15 17.65
CA ARG E 390 16.40 -59.96 16.66
C ARG E 390 17.87 -59.56 16.57
N THR E 391 18.16 -58.26 16.57
CA THR E 391 19.55 -57.81 16.52
C THR E 391 20.31 -58.22 17.76
N CYS E 392 19.69 -58.07 18.93
CA CYS E 392 20.35 -58.45 20.18
C CYS E 392 20.60 -59.95 20.24
N ARG E 393 19.63 -60.75 19.75
CA ARG E 393 19.82 -62.19 19.74
C ARG E 393 20.98 -62.59 18.83
N GLN E 394 21.11 -61.93 17.67
CA GLN E 394 22.25 -62.19 16.81
C GLN E 394 23.54 -61.75 17.47
N TYR E 395 23.48 -60.70 18.29
CA TYR E 395 24.66 -60.25 19.02
C TYR E 395 25.15 -61.34 19.98
N ASP E 396 24.24 -61.89 20.79
CA ASP E 396 24.63 -62.90 21.77
C ASP E 396 25.15 -64.16 21.10
N LYS E 397 24.52 -64.58 20.01
CA LYS E 397 24.98 -65.76 19.28
C LYS E 397 26.35 -65.52 18.67
N LEU E 398 26.59 -64.34 18.11
CA LEU E 398 27.86 -64.03 17.47
C LEU E 398 28.95 -63.67 18.48
N ARG E 399 28.60 -63.38 19.72
CA ARG E 399 29.60 -63.01 20.71
C ARG E 399 30.53 -64.17 21.02
N LYS E 400 29.97 -65.38 21.14
CA LYS E 400 30.74 -66.56 21.50
C LYS E 400 31.36 -67.28 20.30
N ARG E 401 31.08 -66.82 19.08
CA ARG E 401 31.62 -67.47 17.89
C ARG E 401 32.84 -66.76 17.31
N GLU E 402 33.03 -65.49 17.63
CA GLU E 402 34.15 -64.71 17.11
C GLU E 402 34.19 -64.69 15.59
N ASP E 416 40.66 -52.10 21.77
CA ASP E 416 41.77 -52.80 22.39
C ASP E 416 41.35 -53.45 23.70
N ASN E 417 40.22 -53.03 24.24
CA ASN E 417 39.69 -53.57 25.49
C ASN E 417 38.23 -53.96 25.44
N PHE E 418 37.47 -53.53 24.43
CA PHE E 418 36.06 -53.88 24.26
C PHE E 418 35.23 -53.43 25.46
N ASP E 419 35.26 -52.12 25.71
CA ASP E 419 34.52 -51.51 26.80
C ASP E 419 33.30 -50.74 26.33
N GLU E 420 33.48 -49.81 25.38
CA GLU E 420 32.34 -49.13 24.78
C GLU E 420 31.44 -50.11 24.03
N MET E 421 32.03 -51.18 23.46
CA MET E 421 31.24 -52.16 22.75
C MET E 421 30.22 -52.83 23.69
N ASP E 422 30.56 -52.96 24.97
CA ASP E 422 29.61 -53.52 25.93
C ASP E 422 28.51 -52.53 26.28
N THR E 423 28.85 -51.26 26.50
CA THR E 423 27.85 -50.31 26.96
C THR E 423 26.80 -50.02 25.89
N SER E 424 27.12 -50.29 24.61
CA SER E 424 26.10 -50.20 23.57
C SER E 424 25.00 -51.23 23.80
N ARG E 425 25.39 -52.45 24.18
CA ARG E 425 24.40 -53.48 24.49
C ARG E 425 23.56 -53.08 25.70
N GLU E 426 24.21 -52.50 26.72
CA GLU E 426 23.47 -52.07 27.91
C GLU E 426 22.47 -50.98 27.57
N ILE E 427 22.86 -50.01 26.74
CA ILE E 427 21.98 -48.90 26.42
C ILE E 427 20.79 -49.38 25.60
N VAL E 428 21.02 -50.21 24.58
CA VAL E 428 19.91 -50.70 23.77
C VAL E 428 19.01 -51.62 24.60
N GLN E 429 19.58 -52.38 25.52
CA GLN E 429 18.76 -53.19 26.42
C GLN E 429 17.94 -52.30 27.35
N GLN E 430 18.47 -51.13 27.70
CA GLN E 430 17.67 -50.17 28.45
C GLN E 430 16.53 -49.64 27.60
N LEU E 431 16.78 -49.39 26.31
CA LEU E 431 15.73 -48.92 25.41
C LEU E 431 14.66 -50.00 25.23
N ILE E 432 15.07 -51.25 25.04
CA ILE E 432 14.10 -52.30 24.79
C ILE E 432 13.23 -52.53 26.02
N ASP E 433 13.75 -52.27 27.21
CA ASP E 433 12.95 -52.33 28.42
C ASP E 433 11.90 -51.22 28.45
N GLU E 434 12.28 -50.02 28.00
CA GLU E 434 11.35 -48.89 28.03
C GLU E 434 10.18 -49.12 27.08
N TYR E 435 10.45 -49.67 25.89
CA TYR E 435 9.36 -49.95 24.96
C TYR E 435 8.39 -50.97 25.54
N HIS E 436 8.92 -52.04 26.15
CA HIS E 436 8.05 -53.06 26.72
C HIS E 436 7.33 -52.59 27.98
N ALA E 437 7.83 -51.52 28.61
CA ALA E 437 7.20 -50.98 29.80
C ALA E 437 6.16 -49.92 29.49
N ALA E 438 6.06 -49.47 28.23
CA ALA E 438 5.07 -48.49 27.85
C ALA E 438 3.71 -49.09 27.53
N THR E 439 3.64 -50.41 27.35
CA THR E 439 2.37 -51.06 27.08
C THR E 439 1.51 -51.20 28.33
N ARG E 440 2.14 -51.38 29.49
CA ARG E 440 1.40 -51.61 30.72
C ARG E 440 0.61 -50.35 31.11
N PRO E 441 -0.55 -50.53 31.75
CA PRO E 441 -1.37 -49.36 32.12
C PRO E 441 -0.74 -48.47 33.18
N ASP E 442 0.34 -48.90 33.83
CA ASP E 442 1.00 -48.13 34.87
C ASP E 442 2.37 -47.65 34.41
N TYR E 443 2.47 -47.22 33.15
CA TYR E 443 3.73 -46.69 32.64
C TYR E 443 4.15 -45.43 33.39
N ILE E 444 3.19 -44.55 33.70
CA ILE E 444 3.50 -43.34 34.45
C ILE E 444 3.91 -43.71 35.86
N SER E 445 4.84 -42.93 36.43
CA SER E 445 5.37 -43.16 37.77
C SER E 445 5.92 -44.57 37.93
N ARG F 3 44.24 18.41 -6.07
CA ARG F 3 44.68 17.42 -5.10
C ARG F 3 45.23 16.18 -5.80
N GLU F 4 46.38 15.71 -5.34
CA GLU F 4 47.14 14.70 -6.07
C GLU F 4 47.88 13.79 -5.09
N ILE F 5 48.07 12.54 -5.50
CA ILE F 5 48.82 11.55 -4.73
C ILE F 5 49.92 10.99 -5.61
N ILE F 6 51.13 10.90 -5.07
CA ILE F 6 52.27 10.31 -5.76
C ILE F 6 52.63 9.00 -5.05
N THR F 7 52.67 7.91 -5.82
CA THR F 7 52.94 6.60 -5.28
C THR F 7 54.44 6.33 -5.24
N LEU F 8 54.89 5.60 -4.22
CA LEU F 8 56.28 5.25 -4.05
C LEU F 8 56.40 3.74 -3.88
N GLN F 9 57.34 3.13 -4.60
CA GLN F 9 57.56 1.69 -4.56
C GLN F 9 58.99 1.40 -4.13
N LEU F 10 59.15 0.47 -3.19
CA LEU F 10 60.45 0.09 -2.67
C LEU F 10 60.54 -1.43 -2.58
N GLY F 11 61.72 -1.96 -2.91
CA GLY F 11 61.98 -3.37 -2.80
C GLY F 11 61.40 -4.18 -3.95
N GLN F 12 61.79 -5.45 -4.00
CA GLN F 12 61.27 -6.35 -5.04
C GLN F 12 59.78 -6.56 -4.88
N CYS F 13 59.32 -6.86 -3.65
CA CYS F 13 57.90 -7.07 -3.42
C CYS F 13 57.11 -5.79 -3.66
N GLY F 14 57.60 -4.66 -3.16
CA GLY F 14 56.86 -3.41 -3.30
C GLY F 14 56.68 -3.00 -4.75
N ASN F 15 57.75 -3.10 -5.54
CA ASN F 15 57.66 -2.74 -6.95
C ASN F 15 56.72 -3.67 -7.70
N GLN F 16 56.76 -4.96 -7.38
CA GLN F 16 55.89 -5.92 -8.07
C GLN F 16 54.42 -5.65 -7.78
N ILE F 17 54.08 -5.39 -6.52
CA ILE F 17 52.69 -5.12 -6.17
C ILE F 17 52.22 -3.83 -6.81
N GLY F 18 53.03 -2.78 -6.75
CA GLY F 18 52.65 -1.51 -7.34
C GLY F 18 52.48 -1.60 -8.84
N PHE F 19 53.43 -2.26 -9.52
CA PHE F 19 53.33 -2.41 -10.97
C PHE F 19 52.14 -3.29 -11.35
N GLU F 20 51.89 -4.36 -10.58
CA GLU F 20 50.72 -5.19 -10.82
C GLU F 20 49.43 -4.41 -10.60
N PHE F 21 49.41 -3.57 -9.55
CA PHE F 21 48.26 -2.70 -9.32
C PHE F 21 48.07 -1.73 -10.49
N TRP F 22 49.17 -1.32 -11.12
CA TRP F 22 49.07 -0.36 -12.21
C TRP F 22 48.45 -0.99 -13.46
N LYS F 23 48.76 -2.26 -13.73
CA LYS F 23 48.11 -2.92 -14.85
C LYS F 23 46.61 -3.07 -14.64
N GLN F 24 46.21 -3.41 -13.41
CA GLN F 24 44.79 -3.55 -13.10
C GLN F 24 44.05 -2.23 -13.28
N LEU F 25 44.64 -1.13 -12.79
CA LEU F 25 44.01 0.18 -12.96
C LEU F 25 43.96 0.57 -14.44
N CYS F 26 45.02 0.32 -15.19
CA CYS F 26 45.03 0.63 -16.62
C CYS F 26 43.96 -0.19 -17.35
N ALA F 27 43.82 -1.47 -16.99
CA ALA F 27 42.81 -2.31 -17.63
C ALA F 27 41.40 -1.83 -17.31
N GLU F 28 41.15 -1.44 -16.06
CA GLU F 28 39.82 -1.00 -15.66
C GLU F 28 39.44 0.31 -16.35
N HIS F 29 40.37 1.27 -16.39
CA HIS F 29 40.13 2.54 -17.06
C HIS F 29 40.24 2.38 -18.57
N GLY F 30 39.73 3.37 -19.29
CA GLY F 30 39.80 3.39 -20.73
C GLY F 30 41.09 3.99 -21.25
N ILE F 31 42.22 3.40 -20.87
CA ILE F 31 43.53 3.87 -21.30
C ILE F 31 44.33 2.70 -21.85
N SER F 32 45.10 2.97 -22.90
CA SER F 32 45.99 1.98 -23.47
C SER F 32 47.23 1.80 -22.60
N PRO F 33 47.93 0.68 -22.73
CA PRO F 33 49.18 0.49 -21.97
C PRO F 33 50.24 1.54 -22.25
N GLU F 34 50.24 2.16 -23.43
CA GLU F 34 51.22 3.16 -23.79
C GLU F 34 50.84 4.56 -23.34
N ALA F 35 49.98 4.68 -22.33
CA ALA F 35 49.57 5.97 -21.77
C ALA F 35 48.86 6.84 -22.80
N ILE F 36 48.03 6.21 -23.63
CA ILE F 36 47.21 6.90 -24.62
C ILE F 36 45.75 6.50 -24.39
N VAL F 37 44.87 7.49 -24.34
CA VAL F 37 43.46 7.23 -24.07
C VAL F 37 42.84 6.46 -25.24
N GLU F 38 42.05 5.45 -24.91
CA GLU F 38 41.31 4.67 -25.90
C GLU F 38 39.84 5.07 -25.85
N GLU F 39 39.23 5.21 -27.03
CA GLU F 39 37.84 5.67 -27.09
C GLU F 39 36.86 4.59 -26.66
N PHE F 40 37.13 3.33 -27.00
CA PHE F 40 36.16 2.24 -26.87
C PHE F 40 34.79 2.62 -27.42
N THR F 45 33.57 10.84 -17.15
CA THR F 45 32.64 10.06 -16.34
C THR F 45 33.26 9.70 -15.00
N ASP F 46 34.50 9.22 -15.02
CA ASP F 46 35.21 8.82 -13.82
C ASP F 46 36.38 9.76 -13.56
N ARG F 47 36.52 10.17 -12.30
CA ARG F 47 37.62 11.04 -11.91
C ARG F 47 38.95 10.30 -12.06
N LYS F 48 39.92 10.96 -12.71
CA LYS F 48 41.22 10.35 -12.95
C LYS F 48 42.39 11.25 -12.59
N ASP F 49 42.13 12.45 -12.07
CA ASP F 49 43.21 13.32 -11.64
C ASP F 49 43.93 12.80 -10.40
N VAL F 50 43.29 11.89 -9.66
CA VAL F 50 43.90 11.36 -8.45
C VAL F 50 45.14 10.54 -8.76
N PHE F 51 45.08 9.70 -9.79
CA PHE F 51 46.16 8.77 -10.09
C PHE F 51 46.78 8.95 -11.47
N PHE F 52 46.40 9.99 -12.21
CA PHE F 52 46.91 10.17 -13.56
C PHE F 52 47.20 11.65 -13.81
N TYR F 53 48.15 11.90 -14.70
CA TYR F 53 48.55 13.25 -15.08
C TYR F 53 48.49 13.37 -16.60
N GLN F 54 47.86 14.44 -17.08
CA GLN F 54 47.74 14.67 -18.51
C GLN F 54 49.07 15.15 -19.11
N TYR F 60 48.75 9.36 -20.42
CA TYR F 60 48.72 9.68 -19.00
C TYR F 60 49.91 9.06 -18.27
N ILE F 61 50.78 9.91 -17.73
CA ILE F 61 51.98 9.46 -17.04
C ILE F 61 51.61 9.16 -15.58
N PRO F 62 51.74 7.92 -15.13
CA PRO F 62 51.49 7.63 -13.71
C PRO F 62 52.51 8.33 -12.82
N ARG F 63 52.06 8.70 -11.63
CA ARG F 63 52.89 9.46 -10.69
C ARG F 63 53.51 8.46 -9.71
N ALA F 64 54.51 7.73 -10.20
CA ALA F 64 55.23 6.73 -9.44
C ALA F 64 56.73 6.98 -9.56
N VAL F 65 57.45 6.69 -8.49
CA VAL F 65 58.90 6.85 -8.45
C VAL F 65 59.49 5.45 -8.30
N LEU F 66 59.86 4.84 -9.42
CA LEU F 66 60.40 3.48 -9.39
C LEU F 66 61.79 3.49 -8.78
N LEU F 67 62.02 2.59 -7.83
CA LEU F 67 63.30 2.51 -7.13
C LEU F 67 63.72 1.06 -6.93
N ARG F 72 66.71 -5.86 -9.12
CA ARG F 72 66.77 -6.20 -10.54
C ARG F 72 65.36 -6.35 -11.11
N VAL F 73 64.36 -5.95 -10.32
CA VAL F 73 62.98 -6.01 -10.79
C VAL F 73 62.75 -4.99 -11.89
N ILE F 74 63.38 -3.82 -11.79
CA ILE F 74 63.23 -2.78 -12.80
C ILE F 74 63.68 -3.29 -14.16
N HIS F 75 64.71 -4.14 -14.19
CA HIS F 75 65.15 -4.73 -15.45
C HIS F 75 64.04 -5.56 -16.09
N SER F 76 63.31 -6.32 -15.28
CA SER F 76 62.21 -7.11 -15.82
C SER F 76 61.04 -6.23 -16.26
N ILE F 77 60.84 -5.09 -15.59
CA ILE F 77 59.71 -4.23 -15.90
C ILE F 77 59.89 -3.55 -17.25
N LEU F 78 61.11 -3.10 -17.55
CA LEU F 78 61.33 -2.27 -18.74
C LEU F 78 61.10 -3.04 -20.04
N ASN F 79 61.09 -4.38 -19.99
CA ASN F 79 60.83 -5.19 -21.17
C ASN F 79 59.33 -5.30 -21.44
N SER F 80 58.50 -5.09 -20.42
CA SER F 80 57.07 -5.30 -20.55
C SER F 80 56.44 -4.25 -21.47
N PRO F 81 55.27 -4.56 -22.05
CA PRO F 81 54.62 -3.59 -22.94
C PRO F 81 54.25 -2.28 -22.26
N TYR F 82 54.17 -2.25 -20.94
CA TYR F 82 53.90 -1.02 -20.20
C TYR F 82 55.17 -0.19 -19.99
N ALA F 83 56.22 -0.44 -20.76
CA ALA F 83 57.47 0.30 -20.58
C ALA F 83 57.29 1.78 -20.89
N LYS F 84 56.55 2.10 -21.95
CA LYS F 84 56.31 3.50 -22.29
C LYS F 84 55.33 4.18 -21.34
N LEU F 85 54.65 3.42 -20.48
CA LEU F 85 53.72 4.03 -19.54
C LEU F 85 54.45 4.93 -18.55
N TYR F 86 55.59 4.49 -18.04
CA TYR F 86 56.37 5.28 -17.10
C TYR F 86 57.35 6.20 -17.83
N GLY F 101 71.75 -4.80 2.01
CA GLY F 101 71.23 -5.98 1.32
C GLY F 101 70.15 -6.69 2.10
N ASN F 102 70.53 -7.75 2.82
CA ASN F 102 69.59 -8.52 3.61
C ASN F 102 69.51 -8.05 5.06
N ASN F 103 70.19 -6.96 5.40
CA ASN F 103 70.22 -6.47 6.77
C ASN F 103 69.51 -5.12 6.86
N TRP F 104 68.78 -4.92 7.96
CA TRP F 104 68.13 -3.64 8.19
C TRP F 104 69.15 -2.52 8.34
N ALA F 105 70.26 -2.81 9.02
CA ALA F 105 71.34 -1.82 9.14
C ALA F 105 71.94 -1.49 7.78
N SER F 106 72.14 -2.51 6.93
CA SER F 106 72.65 -2.26 5.59
C SER F 106 71.68 -1.41 4.78
N GLY F 107 70.39 -1.70 4.87
CA GLY F 107 69.40 -0.87 4.19
C GLY F 107 69.39 0.56 4.70
N PHE F 108 69.53 0.73 6.02
CA PHE F 108 69.58 2.07 6.59
C PHE F 108 70.81 2.83 6.08
N SER F 109 71.96 2.16 6.02
CA SER F 109 73.17 2.81 5.50
C SER F 109 73.00 3.17 4.03
N GLN F 110 72.38 2.28 3.25
CA GLN F 110 72.15 2.57 1.84
C GLN F 110 71.23 3.78 1.68
N GLY F 111 70.17 3.85 2.49
CA GLY F 111 69.29 5.00 2.44
C GLY F 111 70.01 6.29 2.83
N GLU F 112 70.85 6.21 3.86
CA GLU F 112 71.61 7.40 4.27
C GLU F 112 72.54 7.86 3.17
N LYS F 113 73.17 6.92 2.46
CA LYS F 113 74.09 7.28 1.39
C LYS F 113 73.40 7.72 0.10
N ILE F 114 72.13 7.33 -0.11
CA ILE F 114 71.42 7.75 -1.31
C ILE F 114 70.41 8.84 -0.93
N HIS F 115 70.55 9.37 0.29
CA HIS F 115 69.73 10.49 0.75
C HIS F 115 69.52 11.55 -0.34
N GLU F 116 70.61 12.08 -0.89
CA GLU F 116 70.47 13.11 -1.91
C GLU F 116 69.89 12.53 -3.20
N ASP F 117 70.25 11.29 -3.53
CA ASP F 117 69.85 10.70 -4.80
C ASP F 117 68.33 10.54 -4.90
N ILE F 118 67.70 10.07 -3.82
CA ILE F 118 66.29 9.74 -3.90
C ILE F 118 65.42 10.99 -3.69
N PHE F 119 65.78 11.84 -2.73
CA PHE F 119 64.95 13.00 -2.42
C PHE F 119 64.98 14.06 -3.50
N ASP F 120 65.96 14.01 -4.42
CA ASP F 120 65.97 14.94 -5.54
C ASP F 120 64.74 14.73 -6.41
N ILE F 121 64.39 13.47 -6.68
CA ILE F 121 63.20 13.18 -7.46
C ILE F 121 61.94 13.52 -6.67
N ILE F 122 61.97 13.33 -5.35
CA ILE F 122 60.81 13.62 -4.52
C ILE F 122 60.51 15.11 -4.53
N ASP F 123 61.54 15.95 -4.39
CA ASP F 123 61.33 17.39 -4.34
C ASP F 123 60.86 17.93 -5.69
N ARG F 124 61.40 17.39 -6.79
CA ARG F 124 61.02 17.87 -8.11
C ARG F 124 59.59 17.47 -8.49
N GLU F 125 58.97 16.58 -7.72
CA GLU F 125 57.60 16.16 -7.98
C GLU F 125 56.60 16.89 -7.10
N ALA F 126 56.98 17.16 -5.85
CA ALA F 126 56.05 17.81 -4.92
C ALA F 126 55.66 19.21 -5.39
N ASP F 127 56.62 19.97 -5.90
CA ASP F 127 56.32 21.31 -6.38
C ASP F 127 55.42 21.29 -7.61
N GLY F 128 55.61 20.30 -8.50
CA GLY F 128 54.80 20.22 -9.70
C GLY F 128 53.36 19.84 -9.45
N SER F 129 53.07 19.22 -8.31
CA SER F 129 51.69 18.86 -7.99
C SER F 129 50.88 20.10 -7.62
N ASP F 130 49.57 20.02 -7.86
CA ASP F 130 48.69 21.13 -7.51
C ASP F 130 48.62 21.31 -6.00
N SER F 131 48.36 20.23 -5.27
CA SER F 131 48.31 20.28 -3.81
C SER F 131 48.52 18.87 -3.29
N LEU F 132 49.65 18.64 -2.63
CA LEU F 132 49.94 17.32 -2.08
C LEU F 132 49.02 17.01 -0.92
N GLU F 133 48.53 15.76 -0.87
CA GLU F 133 47.60 15.37 0.18
C GLU F 133 47.99 14.05 0.84
N GLY F 134 48.71 13.20 0.12
CA GLY F 134 49.07 11.91 0.68
C GLY F 134 50.13 11.21 -0.15
N PHE F 135 50.73 10.20 0.48
CA PHE F 135 51.76 9.37 -0.13
C PHE F 135 51.32 7.90 -0.08
N VAL F 136 51.67 7.15 -1.10
CA VAL F 136 51.42 5.71 -1.16
C VAL F 136 52.76 4.99 -1.10
N LEU F 137 52.94 4.17 -0.06
CA LEU F 137 54.15 3.39 0.13
C LEU F 137 53.79 1.91 0.15
N CYS F 138 54.38 1.15 -0.77
CA CYS F 138 54.18 -0.30 -0.84
C CYS F 138 55.55 -0.98 -0.77
N HIS F 139 55.71 -1.88 0.19
CA HIS F 139 56.98 -2.56 0.40
C HIS F 139 56.75 -3.76 1.31
N SER F 140 57.80 -4.57 1.44
CA SER F 140 57.78 -5.73 2.32
C SER F 140 58.82 -5.53 3.42
N ILE F 141 58.42 -5.79 4.67
CA ILE F 141 59.31 -5.63 5.81
C ILE F 141 60.19 -6.86 5.94
N ALA F 142 60.06 -7.79 5.00
CA ALA F 142 60.87 -9.00 4.99
C ALA F 142 62.27 -8.71 4.46
N GLY F 144 64.49 -6.89 2.82
CA GLY F 144 65.90 -6.57 2.98
C GLY F 144 66.23 -5.12 2.66
N THR F 145 66.53 -4.84 1.39
CA THR F 145 66.87 -3.47 1.02
C THR F 145 65.67 -2.53 1.19
N GLY F 146 64.48 -2.99 0.81
CA GLY F 146 63.29 -2.18 1.01
C GLY F 146 62.96 -1.96 2.47
N SER F 147 63.30 -2.93 3.32
CA SER F 147 63.03 -2.79 4.75
C SER F 147 63.83 -1.63 5.35
N GLY F 148 65.13 -1.59 5.09
CA GLY F 148 65.94 -0.50 5.59
C GLY F 148 65.60 0.84 4.94
N LEU F 149 65.36 0.82 3.62
CA LEU F 149 65.01 2.05 2.91
C LEU F 149 63.68 2.61 3.39
N GLY F 150 62.70 1.73 3.62
CA GLY F 150 61.40 2.19 4.07
C GLY F 150 61.44 2.80 5.45
N SER F 151 62.20 2.19 6.37
CA SER F 151 62.30 2.73 7.72
C SER F 151 62.96 4.10 7.73
N TYR F 152 64.02 4.28 6.93
CA TYR F 152 64.70 5.57 6.88
C TYR F 152 63.86 6.62 6.18
N LEU F 153 63.10 6.23 5.16
CA LEU F 153 62.32 7.21 4.40
C LEU F 153 61.25 7.88 5.27
N LEU F 154 60.55 7.10 6.10
CA LEU F 154 59.47 7.67 6.89
C LEU F 154 60.00 8.67 7.92
N GLU F 155 61.19 8.41 8.46
CA GLU F 155 61.78 9.35 9.42
C GLU F 155 62.06 10.71 8.77
N ARG F 156 62.57 10.69 7.54
CA ARG F 156 62.94 11.95 6.89
C ARG F 156 61.71 12.70 6.39
N LEU F 157 60.70 11.98 5.88
CA LEU F 157 59.51 12.64 5.36
C LEU F 157 58.75 13.39 6.45
N ASN F 158 58.70 12.84 7.67
CA ASN F 158 58.02 13.54 8.75
C ASN F 158 58.68 14.87 9.08
N ASP F 159 60.01 14.91 9.10
CA ASP F 159 60.70 16.16 9.37
C ASP F 159 60.64 17.12 8.18
N ARG F 160 60.77 16.59 6.96
CA ARG F 160 60.71 17.45 5.79
C ARG F 160 59.29 17.92 5.50
N TYR F 161 58.31 17.03 5.60
CA TYR F 161 56.92 17.32 5.29
C TYR F 161 56.05 16.86 6.46
N PRO F 162 55.84 17.71 7.46
CA PRO F 162 55.05 17.31 8.64
C PRO F 162 53.54 17.45 8.47
N LYS F 163 53.07 18.02 7.37
CA LYS F 163 51.64 18.22 7.13
C LYS F 163 51.13 17.41 5.95
N LYS F 164 51.84 16.36 5.56
CA LYS F 164 51.45 15.52 4.43
C LYS F 164 51.22 14.10 4.92
N LEU F 165 50.07 13.53 4.57
CA LEU F 165 49.73 12.19 5.00
C LEU F 165 50.62 11.16 4.31
N VAL F 166 50.91 10.08 5.03
CA VAL F 166 51.69 8.97 4.51
C VAL F 166 50.90 7.69 4.72
N GLN F 167 50.74 6.91 3.65
CA GLN F 167 50.04 5.63 3.69
C GLN F 167 51.02 4.53 3.30
N THR F 168 51.16 3.53 4.15
CA THR F 168 52.10 2.43 3.94
C THR F 168 51.33 1.14 3.75
N TYR F 169 51.53 0.49 2.60
CA TYR F 169 50.95 -0.81 2.32
C TYR F 169 51.97 -1.90 2.61
N SER F 170 52.24 -2.09 3.89
CA SER F 170 53.27 -3.02 4.32
C SER F 170 52.89 -4.47 3.99
N VAL F 171 53.90 -5.28 3.74
CA VAL F 171 53.75 -6.70 3.45
C VAL F 171 54.58 -7.48 4.45
N PHE F 172 53.97 -8.48 5.08
CA PHE F 172 54.64 -9.26 6.10
C PHE F 172 55.02 -10.65 5.58
N PRO F 173 56.13 -11.22 6.06
CA PRO F 173 56.54 -12.57 5.67
C PRO F 173 55.94 -13.65 6.57
N VAL F 183 67.46 -12.93 11.87
CA VAL F 183 67.40 -12.13 10.64
C VAL F 183 66.05 -11.46 10.51
N GLN F 184 65.02 -12.25 10.20
CA GLN F 184 63.68 -11.69 10.03
C GLN F 184 63.04 -11.21 11.34
N PRO F 185 63.35 -11.75 12.52
CA PRO F 185 62.76 -11.14 13.74
C PRO F 185 63.26 -9.73 13.98
N TYR F 186 64.58 -9.51 13.95
CA TYR F 186 65.12 -8.19 14.22
C TYR F 186 64.74 -7.19 13.14
N ASN F 187 64.75 -7.63 11.88
CA ASN F 187 64.38 -6.74 10.78
C ASN F 187 62.93 -6.29 10.90
N SER F 188 62.03 -7.20 11.25
CA SER F 188 60.62 -6.85 11.35
C SER F 188 60.36 -5.84 12.47
N LEU F 189 60.95 -6.08 13.64
CA LEU F 189 60.72 -5.19 14.77
C LEU F 189 61.34 -3.83 14.55
N LEU F 190 62.52 -3.78 13.92
CA LEU F 190 63.15 -2.49 13.61
C LEU F 190 62.30 -1.69 12.63
N THR F 191 61.78 -2.34 11.61
CA THR F 191 60.84 -1.67 10.71
C THR F 191 59.56 -1.28 11.44
N LEU F 192 59.03 -2.20 12.26
CA LEU F 192 57.78 -1.92 12.97
C LEU F 192 57.92 -0.72 13.91
N LYS F 193 59.11 -0.51 14.46
CA LYS F 193 59.33 0.65 15.32
C LYS F 193 59.09 1.94 14.56
N ARG F 194 59.57 2.03 13.31
CA ARG F 194 59.36 3.23 12.52
C ARG F 194 57.93 3.32 12.02
N LEU F 195 57.37 2.21 11.55
CA LEU F 195 56.03 2.22 10.97
C LEU F 195 54.98 2.62 12.00
N THR F 196 55.08 2.09 13.23
CA THR F 196 54.04 2.31 14.22
C THR F 196 53.98 3.75 14.75
N GLN F 197 55.01 4.57 14.51
CA GLN F 197 54.99 5.95 14.97
C GLN F 197 55.28 6.98 13.90
N ASN F 198 55.80 6.59 12.74
CA ASN F 198 56.10 7.53 11.68
C ASN F 198 55.19 7.42 10.47
N ALA F 199 54.41 6.34 10.36
CA ALA F 199 53.44 6.17 9.30
C ALA F 199 52.05 6.29 9.91
N ASP F 200 51.24 7.22 9.39
CA ASP F 200 49.92 7.46 9.94
C ASP F 200 48.98 6.29 9.72
N CYS F 201 49.26 5.43 8.74
CA CYS F 201 48.40 4.29 8.44
C CYS F 201 49.27 3.11 8.04
N LEU F 202 48.71 1.91 8.18
CA LEU F 202 49.41 0.69 7.83
C LEU F 202 48.40 -0.41 7.58
N VAL F 203 48.62 -1.20 6.54
CA VAL F 203 47.79 -2.34 6.20
C VAL F 203 48.68 -3.58 6.21
N VAL F 204 48.26 -4.61 6.95
CA VAL F 204 49.03 -5.83 7.12
C VAL F 204 48.64 -6.82 6.03
N LEU F 205 49.65 -7.35 5.33
CA LEU F 205 49.44 -8.39 4.33
C LEU F 205 50.53 -9.44 4.52
N ASP F 206 50.20 -10.53 5.20
CA ASP F 206 51.16 -11.58 5.49
C ASP F 206 50.98 -12.75 4.52
N ASN F 207 52.10 -13.38 4.17
CA ASN F 207 52.07 -14.49 3.23
C ASN F 207 51.40 -15.73 3.79
N THR F 208 51.42 -15.90 5.12
CA THR F 208 50.78 -17.07 5.72
C THR F 208 49.29 -17.09 5.45
N ALA F 209 48.63 -15.94 5.60
CA ALA F 209 47.21 -15.86 5.29
C ALA F 209 46.96 -15.95 3.79
N LEU F 210 47.82 -15.32 2.99
CA LEU F 210 47.63 -15.32 1.54
C LEU F 210 47.67 -16.74 0.99
N ASN F 211 48.62 -17.56 1.47
CA ASN F 211 48.70 -18.93 0.99
C ASN F 211 47.51 -19.76 1.47
N ARG F 212 46.90 -19.37 2.59
CA ARG F 212 45.78 -20.15 3.13
C ARG F 212 44.57 -20.09 2.21
N ILE F 213 44.17 -18.88 1.79
CA ILE F 213 43.08 -18.76 0.83
C ILE F 213 43.51 -19.30 -0.53
N ALA F 214 44.78 -19.11 -0.90
CA ALA F 214 45.27 -19.61 -2.17
C ALA F 214 45.19 -21.13 -2.25
N THR F 215 45.15 -21.81 -1.11
CA THR F 215 45.02 -23.26 -1.09
C THR F 215 43.59 -23.70 -0.82
N ASP F 216 42.90 -23.02 0.11
CA ASP F 216 41.54 -23.43 0.46
C ASP F 216 40.55 -23.14 -0.65
N ARG F 217 40.69 -21.99 -1.34
CA ARG F 217 39.75 -21.59 -2.36
C ARG F 217 40.32 -21.51 -3.76
N LEU F 218 41.64 -21.67 -3.94
CA LEU F 218 42.24 -21.62 -5.26
C LEU F 218 43.03 -22.87 -5.62
N HIS F 219 43.55 -23.61 -4.64
CA HIS F 219 44.29 -24.85 -4.87
C HIS F 219 45.50 -24.61 -5.79
N ILE F 220 46.42 -23.79 -5.31
CA ILE F 220 47.64 -23.52 -6.05
C ILE F 220 48.72 -24.58 -5.83
N GLN F 221 48.52 -25.49 -4.87
CA GLN F 221 49.49 -26.53 -4.59
C GLN F 221 48.82 -27.77 -4.03
N SER F 224 52.63 -20.15 -5.54
CA SER F 224 53.64 -19.32 -6.19
C SER F 224 53.38 -17.85 -5.94
N PHE F 225 54.45 -17.04 -6.01
CA PHE F 225 54.31 -15.61 -5.81
C PHE F 225 53.51 -14.93 -6.92
N SER F 226 53.43 -15.55 -8.10
CA SER F 226 52.71 -14.95 -9.22
C SER F 226 51.19 -15.05 -9.06
N GLN F 227 50.70 -15.82 -8.10
CA GLN F 227 49.26 -16.00 -7.92
C GLN F 227 48.73 -15.40 -6.63
N ILE F 228 49.53 -15.36 -5.56
CA ILE F 228 49.07 -14.77 -4.30
C ILE F 228 48.87 -13.27 -4.46
N ASN F 229 49.75 -12.61 -5.24
CA ASN F 229 49.62 -11.18 -5.47
C ASN F 229 48.39 -10.82 -6.30
N GLN F 230 47.78 -11.80 -6.99
CA GLN F 230 46.58 -11.51 -7.75
C GLN F 230 45.45 -11.05 -6.85
N LEU F 231 45.29 -11.69 -5.70
CA LEU F 231 44.31 -11.21 -4.72
C LEU F 231 44.72 -9.85 -4.17
N VAL F 232 46.02 -9.61 -3.98
CA VAL F 232 46.49 -8.33 -3.49
C VAL F 232 46.13 -7.21 -4.47
N SER F 233 46.26 -7.48 -5.76
CA SER F 233 45.91 -6.47 -6.77
C SER F 233 44.44 -6.11 -6.69
N THR F 234 43.57 -7.10 -6.52
CA THR F 234 42.14 -6.82 -6.39
C THR F 234 41.86 -6.02 -5.11
N ILE F 235 42.52 -6.37 -4.02
CA ILE F 235 42.37 -5.60 -2.78
C ILE F 235 42.90 -4.19 -2.97
N MET F 236 44.06 -4.05 -3.59
CA MET F 236 44.65 -2.73 -3.82
C MET F 236 43.77 -1.88 -4.73
N SER F 237 43.25 -2.48 -5.80
CA SER F 237 42.40 -1.74 -6.72
C SER F 237 41.13 -1.24 -6.03
N ALA F 238 40.51 -2.09 -5.22
CA ALA F 238 39.30 -1.71 -4.49
C ALA F 238 39.61 -0.93 -3.23
N SER F 239 40.87 -0.82 -2.82
CA SER F 239 41.21 -0.11 -1.59
C SER F 239 40.82 1.35 -1.67
N THR F 240 41.08 2.01 -2.79
CA THR F 240 40.75 3.41 -3.00
C THR F 240 39.78 3.58 -4.15
N THR F 241 38.81 2.68 -4.26
CA THR F 241 37.84 2.77 -5.34
C THR F 241 36.92 3.97 -5.18
N THR F 242 36.64 4.39 -3.94
CA THR F 242 35.84 5.59 -3.73
C THR F 242 36.63 6.86 -3.97
N LEU F 243 37.96 6.81 -3.89
CA LEU F 243 38.76 7.97 -4.22
C LEU F 243 38.78 8.22 -5.72
N ARG F 244 38.96 7.16 -6.51
CA ARG F 244 39.01 7.32 -7.96
C ARG F 244 37.64 7.63 -8.54
N TYR F 245 36.61 6.93 -8.09
CA TYR F 245 35.26 7.15 -8.58
C TYR F 245 34.56 8.20 -7.73
N PRO F 246 34.03 9.26 -8.32
CA PRO F 246 33.31 10.27 -7.53
C PRO F 246 32.11 9.66 -6.82
N GLY F 247 31.85 10.13 -5.61
CA GLY F 247 30.78 9.60 -4.80
C GLY F 247 30.22 10.67 -3.88
N TYR F 248 29.18 10.28 -3.13
CA TYR F 248 28.52 11.22 -2.22
C TYR F 248 29.47 11.66 -1.12
N MET F 249 30.23 10.73 -0.54
CA MET F 249 31.09 11.03 0.59
C MET F 249 32.42 10.31 0.40
N ASN F 250 33.44 10.76 1.14
CA ASN F 250 34.79 10.20 1.06
C ASN F 250 35.40 10.39 -0.32
N ASN F 251 35.20 11.57 -0.90
CA ASN F 251 35.85 11.92 -2.15
C ASN F 251 37.29 12.36 -1.96
N ASP F 252 37.75 12.47 -0.72
CA ASP F 252 39.12 12.85 -0.42
C ASP F 252 39.75 11.79 0.47
N LEU F 253 41.07 11.65 0.34
CA LEU F 253 41.77 10.63 1.12
C LEU F 253 41.68 10.90 2.62
N ILE F 254 41.73 12.18 3.01
CA ILE F 254 41.82 12.54 4.42
C ILE F 254 40.64 11.98 5.21
N GLY F 255 39.44 12.04 4.62
CA GLY F 255 38.25 11.58 5.31
C GLY F 255 38.15 10.08 5.52
N LEU F 256 39.01 9.30 4.87
CA LEU F 256 38.97 7.84 4.96
C LEU F 256 39.80 7.30 6.11
N ILE F 257 40.53 8.14 6.83
CA ILE F 257 41.36 7.71 7.95
C ILE F 257 40.78 8.17 9.29
N ALA F 258 40.37 9.43 9.38
CA ALA F 258 39.86 9.95 10.64
C ALA F 258 38.60 9.21 11.08
N SER F 259 37.84 8.65 10.13
CA SER F 259 36.68 7.86 10.49
C SER F 259 37.10 6.55 11.16
N LEU F 260 38.17 5.93 10.69
CA LEU F 260 38.60 4.63 11.18
C LEU F 260 39.59 4.73 12.34
N ILE F 261 40.63 5.54 12.18
CA ILE F 261 41.70 5.64 13.16
C ILE F 261 41.35 6.75 14.14
N PRO F 262 41.03 6.44 15.40
CA PRO F 262 40.70 7.49 16.36
C PRO F 262 41.93 8.16 16.96
N THR F 263 42.99 7.40 17.17
CA THR F 263 44.22 7.90 17.77
C THR F 263 45.41 7.44 16.94
N PRO F 264 46.49 8.23 16.90
CA PRO F 264 47.65 7.84 16.08
C PRO F 264 48.29 6.53 16.49
N ARG F 265 48.14 6.11 17.74
CA ARG F 265 48.73 4.85 18.19
C ARG F 265 48.05 3.66 17.51
N LEU F 266 46.72 3.63 17.54
CA LEU F 266 45.95 2.56 16.92
C LEU F 266 45.65 2.96 15.49
N HIS F 267 46.52 2.56 14.57
CA HIS F 267 46.45 2.99 13.18
C HIS F 267 46.64 1.81 12.23
N PHE F 268 46.03 0.67 12.55
CA PHE F 268 46.17 -0.54 11.73
C PHE F 268 44.82 -0.92 11.14
N LEU F 269 44.82 -1.19 9.84
CA LEU F 269 43.61 -1.52 9.09
C LEU F 269 43.80 -2.85 8.38
N MET F 270 42.81 -3.74 8.49
CA MET F 270 42.86 -5.04 7.83
C MET F 270 42.14 -4.95 6.48
N THR F 271 41.96 -6.10 5.82
CA THR F 271 41.28 -6.17 4.54
C THR F 271 40.37 -7.39 4.52
N GLY F 272 39.36 -7.35 3.65
CA GLY F 272 38.46 -8.46 3.49
C GLY F 272 37.85 -8.45 2.10
N TYR F 273 37.50 -9.64 1.61
CA TYR F 273 36.96 -9.78 0.26
C TYR F 273 36.16 -11.07 0.20
N THR F 274 34.83 -10.94 0.08
CA THR F 274 33.96 -12.11 0.00
C THR F 274 33.90 -12.78 -1.38
N PRO F 275 33.85 -12.05 -2.53
CA PRO F 275 33.61 -12.74 -3.79
C PRO F 275 34.88 -13.37 -4.34
N LEU F 276 34.94 -14.69 -4.30
CA LEU F 276 36.11 -15.41 -4.80
C LEU F 276 35.69 -16.52 -5.77
N THR F 288 22.02 -13.06 -3.99
CA THR F 288 23.11 -12.46 -3.25
C THR F 288 22.85 -10.98 -2.99
N THR F 289 22.60 -10.64 -1.73
CA THR F 289 22.29 -9.27 -1.33
C THR F 289 23.39 -8.74 -0.41
N VAL F 290 23.18 -7.50 0.06
CA VAL F 290 24.15 -6.87 0.96
C VAL F 290 24.23 -7.62 2.28
N LEU F 291 23.11 -8.14 2.77
CA LEU F 291 23.12 -8.89 4.01
C LEU F 291 24.03 -10.10 3.93
N ASP F 292 24.01 -10.81 2.80
CA ASP F 292 24.93 -11.93 2.59
C ASP F 292 26.38 -11.44 2.59
N VAL F 293 26.64 -10.30 1.96
CA VAL F 293 27.99 -9.75 1.96
C VAL F 293 28.41 -9.35 3.36
N MET F 294 27.51 -8.72 4.12
CA MET F 294 27.86 -8.26 5.46
C MET F 294 28.21 -9.44 6.37
N ARG F 295 27.45 -10.52 6.31
CA ARG F 295 27.71 -11.67 7.16
C ARG F 295 29.01 -12.36 6.79
N ARG F 296 29.32 -12.44 5.49
CA ARG F 296 30.49 -13.19 5.04
C ARG F 296 31.80 -12.49 5.40
N LEU F 297 31.83 -11.16 5.37
CA LEU F 297 33.06 -10.45 5.71
C LEU F 297 33.44 -10.66 7.17
N LEU F 298 32.46 -10.65 8.07
CA LEU F 298 32.73 -10.83 9.49
C LEU F 298 33.15 -12.25 9.85
N GLN F 299 33.01 -13.20 8.92
CA GLN F 299 33.37 -14.58 9.21
C GLN F 299 34.88 -14.66 9.43
N PRO F 300 35.33 -15.37 10.48
CA PRO F 300 36.76 -15.30 10.87
C PRO F 300 37.73 -15.75 9.80
N LYS F 301 37.36 -16.72 8.96
CA LYS F 301 38.31 -17.22 7.96
C LYS F 301 38.51 -16.21 6.83
N ASN F 302 37.52 -15.37 6.57
CA ASN F 302 37.61 -14.45 5.42
C ASN F 302 38.63 -13.36 5.65
N VAL F 303 38.77 -12.88 6.89
CA VAL F 303 39.67 -11.76 7.16
C VAL F 303 41.12 -12.20 6.94
N MET F 304 41.96 -11.26 6.52
CA MET F 304 43.35 -11.54 6.20
C MET F 304 44.22 -11.51 7.47
N VAL F 305 43.85 -12.36 8.42
CA VAL F 305 44.55 -12.48 9.69
C VAL F 305 44.94 -13.94 9.89
N SER F 306 46.21 -14.18 10.20
CA SER F 306 46.71 -15.53 10.43
C SER F 306 46.16 -16.10 11.74
N ASN F 314 37.88 -8.94 26.13
CA ASN F 314 38.44 -9.85 25.13
C ASN F 314 38.93 -9.07 23.90
N HIS F 315 38.31 -9.33 22.76
CA HIS F 315 38.65 -8.64 21.52
C HIS F 315 37.41 -8.00 20.92
N CYS F 316 37.60 -6.87 20.25
CA CYS F 316 36.49 -6.13 19.67
C CYS F 316 37.04 -5.23 18.57
N TYR F 317 36.12 -4.69 17.78
CA TYR F 317 36.46 -3.75 16.72
C TYR F 317 36.44 -2.31 17.25
N ILE F 318 36.86 -1.38 16.41
CA ILE F 318 36.84 0.05 16.71
C ILE F 318 36.00 0.82 15.71
N ALA F 319 36.34 0.71 14.42
CA ALA F 319 35.57 1.34 13.36
C ALA F 319 35.72 0.51 12.10
N ILE F 320 34.61 0.15 11.48
CA ILE F 320 34.59 -0.73 10.32
C ILE F 320 34.03 0.05 9.14
N LEU F 321 34.78 0.05 8.03
CA LEU F 321 34.36 0.69 6.80
C LEU F 321 34.12 -0.39 5.75
N ASN F 322 32.95 -0.36 5.12
CA ASN F 322 32.59 -1.33 4.10
C ASN F 322 32.31 -0.61 2.79
N ILE F 323 32.84 -1.15 1.70
CA ILE F 323 32.58 -0.64 0.35
C ILE F 323 31.70 -1.64 -0.36
N ILE F 324 30.52 -1.19 -0.78
CA ILE F 324 29.57 -2.03 -1.48
C ILE F 324 29.70 -1.70 -2.96
N GLN F 325 30.47 -2.53 -3.68
CA GLN F 325 30.71 -2.31 -5.10
C GLN F 325 29.49 -2.60 -5.96
N GLY F 326 28.54 -3.38 -5.45
CA GLY F 326 27.42 -3.82 -6.25
C GLY F 326 26.48 -2.68 -6.64
N GLU F 327 25.55 -3.02 -7.54
CA GLU F 327 24.52 -2.09 -7.99
C GLU F 327 23.23 -2.21 -7.18
N VAL F 328 23.35 -2.56 -5.89
CA VAL F 328 22.18 -2.72 -5.05
C VAL F 328 21.42 -1.41 -4.94
N ASP F 329 20.10 -1.50 -5.00
CA ASP F 329 19.28 -0.32 -4.76
C ASP F 329 19.44 0.16 -3.33
N PRO F 330 19.56 1.46 -3.10
CA PRO F 330 19.88 1.95 -1.75
C PRO F 330 18.70 1.93 -0.81
N THR F 331 18.00 0.79 -0.71
CA THR F 331 16.89 0.66 0.22
C THR F 331 17.09 -0.41 1.29
N GLN F 332 17.87 -1.46 1.00
CA GLN F 332 18.20 -2.46 2.01
C GLN F 332 19.56 -2.22 2.64
N VAL F 333 20.22 -1.10 2.28
CA VAL F 333 21.48 -0.75 2.92
C VAL F 333 21.26 -0.44 4.40
N HIS F 334 20.07 0.04 4.76
CA HIS F 334 19.76 0.33 6.15
C HIS F 334 19.29 -0.89 6.93
N LYS F 335 18.36 -1.67 6.37
CA LYS F 335 17.84 -2.82 7.10
C LYS F 335 18.89 -3.91 7.25
N SER F 336 19.90 -3.93 6.38
CA SER F 336 21.03 -4.84 6.58
C SER F 336 21.78 -4.50 7.87
N LEU F 337 21.96 -3.21 8.14
CA LEU F 337 22.53 -2.80 9.42
C LEU F 337 21.58 -3.12 10.57
N GLN F 338 20.27 -3.04 10.32
CA GLN F 338 19.30 -3.35 11.36
C GLN F 338 19.35 -4.82 11.75
N ARG F 339 19.43 -5.72 10.76
CA ARG F 339 19.41 -7.15 11.04
C ARG F 339 20.71 -7.60 11.69
N ILE F 340 21.85 -7.05 11.27
CA ILE F 340 23.12 -7.44 11.87
C ILE F 340 23.19 -6.97 13.32
N ARG F 341 22.54 -5.85 13.65
CA ARG F 341 22.48 -5.41 15.04
C ARG F 341 21.67 -6.37 15.90
N GLU F 342 20.54 -6.84 15.38
CA GLU F 342 19.69 -7.75 16.14
C GLU F 342 20.39 -9.07 16.41
N ARG F 343 21.08 -9.62 15.41
CA ARG F 343 21.73 -10.91 15.54
C ARG F 343 23.01 -10.83 16.39
N LYS F 344 23.58 -9.64 16.56
CA LYS F 344 24.81 -9.44 17.32
C LYS F 344 25.94 -10.29 16.75
N LEU F 345 26.29 -10.00 15.50
CA LEU F 345 27.35 -10.74 14.82
C LEU F 345 28.75 -10.36 15.30
N ALA F 346 28.92 -9.19 15.90
CA ALA F 346 30.22 -8.75 16.36
C ALA F 346 30.03 -7.73 17.47
N ASN F 347 31.15 -7.30 18.05
CA ASN F 347 31.14 -6.33 19.14
C ASN F 347 32.25 -5.31 18.92
N PHE F 348 32.11 -4.17 19.60
CA PHE F 348 33.06 -3.07 19.47
C PHE F 348 33.57 -2.63 20.84
N ILE F 349 34.28 -1.51 20.89
CA ILE F 349 34.85 -1.03 22.14
C ILE F 349 33.73 -0.67 23.11
N PRO F 350 33.87 -0.93 24.41
CA PRO F 350 32.79 -0.61 25.35
C PRO F 350 32.90 0.77 25.97
N TRP F 351 34.09 1.38 25.91
CA TRP F 351 34.31 2.66 26.57
C TRP F 351 33.70 3.81 25.77
N GLY F 352 34.18 4.03 24.54
CA GLY F 352 33.69 5.09 23.71
C GLY F 352 32.72 4.59 22.66
N PRO F 353 31.88 5.49 22.15
CA PRO F 353 30.96 5.09 21.08
C PRO F 353 31.71 4.62 19.84
N ALA F 354 31.16 3.60 19.19
CA ALA F 354 31.75 3.05 17.97
C ALA F 354 30.65 2.85 16.94
N SER F 355 30.98 3.09 15.68
CA SER F 355 30.01 3.01 14.60
C SER F 355 30.58 2.21 13.44
N ILE F 356 29.68 1.57 12.69
CA ILE F 356 30.02 0.85 11.47
C ILE F 356 29.35 1.55 10.31
N GLN F 357 30.10 1.76 9.23
CA GLN F 357 29.61 2.51 8.08
C GLN F 357 29.83 1.72 6.81
N VAL F 358 28.96 1.95 5.83
CA VAL F 358 29.01 1.28 4.53
C VAL F 358 28.91 2.34 3.44
N ALA F 359 29.63 2.11 2.34
CA ALA F 359 29.64 3.02 1.20
C ALA F 359 29.32 2.26 -0.07
N LEU F 360 28.73 2.95 -1.03
CA LEU F 360 28.30 2.37 -2.29
C LEU F 360 29.04 3.03 -3.45
N SER F 361 29.24 2.26 -4.52
CA SER F 361 29.92 2.75 -5.71
C SER F 361 29.40 1.98 -6.91
N ARG F 362 30.07 2.14 -8.05
CA ARG F 362 29.66 1.49 -9.29
C ARG F 362 30.89 0.90 -9.97
N LYS F 363 30.65 -0.11 -10.82
CA LYS F 363 31.74 -0.72 -11.57
C LYS F 363 32.18 0.19 -12.71
N SER F 364 33.25 -0.21 -13.37
CA SER F 364 33.62 0.38 -14.64
C SER F 364 32.86 -0.32 -15.76
N PRO F 365 32.07 0.40 -16.56
CA PRO F 365 31.35 -0.27 -17.66
C PRO F 365 32.26 -0.88 -18.70
N TYR F 366 33.52 -0.43 -18.78
CA TYR F 366 34.46 -1.03 -19.72
C TYR F 366 34.81 -2.45 -19.34
N LEU F 367 34.76 -2.78 -18.06
CA LEU F 367 35.07 -4.13 -17.59
C LEU F 367 33.94 -5.10 -17.94
N ARG F 372 26.85 -9.77 -10.36
CA ARG F 372 28.21 -9.43 -9.96
C ARG F 372 28.21 -8.37 -8.86
N VAL F 373 28.51 -8.80 -7.63
CA VAL F 373 28.58 -7.92 -6.48
C VAL F 373 29.88 -8.21 -5.74
N SER F 374 30.55 -7.15 -5.28
CA SER F 374 31.81 -7.25 -4.56
C SER F 374 31.67 -6.55 -3.20
N GLY F 375 32.79 -6.52 -2.46
CA GLY F 375 32.80 -5.89 -1.16
C GLY F 375 34.15 -5.93 -0.48
N LEU F 376 34.54 -4.82 0.13
CA LEU F 376 35.81 -4.70 0.84
C LEU F 376 35.57 -4.15 2.23
N MET F 377 36.26 -4.70 3.22
CA MET F 377 36.09 -4.32 4.61
C MET F 377 37.40 -3.79 5.16
N MET F 378 37.33 -2.63 5.82
CA MET F 378 38.46 -2.06 6.55
C MET F 378 38.24 -2.36 8.03
N ALA F 379 39.06 -3.25 8.58
CA ALA F 379 38.92 -3.70 9.95
C ALA F 379 40.08 -3.20 10.80
N ASN F 380 39.75 -2.59 11.94
CA ASN F 380 40.73 -2.10 12.92
C ASN F 380 40.35 -2.71 14.27
N HIS F 381 40.88 -3.89 14.54
CA HIS F 381 40.57 -4.62 15.77
C HIS F 381 41.82 -4.76 16.64
N THR F 382 41.58 -4.92 17.95
CA THR F 382 42.68 -5.16 18.88
C THR F 382 43.27 -6.55 18.74
N SER F 383 42.66 -7.44 17.95
CA SER F 383 43.17 -8.79 17.75
C SER F 383 44.52 -8.81 17.03
N ILE F 384 44.92 -7.70 16.41
CA ILE F 384 46.22 -7.63 15.76
C ILE F 384 47.37 -7.76 16.73
N SER F 385 47.11 -7.63 18.04
CA SER F 385 48.14 -7.82 19.04
C SER F 385 48.73 -9.22 19.01
N SER F 386 47.98 -10.21 18.53
CA SER F 386 48.51 -11.57 18.43
C SER F 386 49.69 -11.63 17.47
N LEU F 387 49.59 -10.96 16.33
CA LEU F 387 50.69 -10.97 15.36
C LEU F 387 51.93 -10.29 15.93
N PHE F 388 51.75 -9.15 16.60
CA PHE F 388 52.88 -8.47 17.21
C PHE F 388 53.47 -9.30 18.36
N GLU F 389 52.60 -9.93 19.16
CA GLU F 389 53.09 -10.80 20.22
C GLU F 389 53.85 -11.99 19.65
N ARG F 390 53.42 -12.48 18.47
CA ARG F 390 54.16 -13.54 17.80
C ARG F 390 55.55 -13.06 17.40
N THR F 391 55.65 -11.83 16.91
CA THR F 391 56.95 -11.25 16.61
C THR F 391 57.74 -11.02 17.89
N CYS F 392 57.06 -10.65 18.98
CA CYS F 392 57.74 -10.44 20.25
C CYS F 392 58.30 -11.74 20.81
N ARG F 393 57.52 -12.82 20.75
CA ARG F 393 57.98 -14.09 21.32
C ARG F 393 59.19 -14.63 20.58
N GLN F 394 59.22 -14.48 19.25
CA GLN F 394 60.36 -14.96 18.49
C GLN F 394 61.57 -14.07 18.68
N TYR F 395 61.37 -12.77 18.96
CA TYR F 395 62.49 -11.90 19.26
C TYR F 395 63.16 -12.32 20.57
N ASP F 396 62.36 -12.65 21.58
CA ASP F 396 62.93 -13.10 22.85
C ASP F 396 63.71 -14.40 22.68
N LYS F 397 63.17 -15.33 21.89
CA LYS F 397 63.88 -16.58 21.64
C LYS F 397 65.18 -16.33 20.89
N LEU F 398 65.15 -15.44 19.89
CA LEU F 398 66.38 -15.10 19.17
C LEU F 398 67.36 -14.35 20.07
N ARG F 399 66.85 -13.47 20.93
CA ARG F 399 67.72 -12.73 21.84
C ARG F 399 68.44 -13.67 22.80
N LYS F 400 67.73 -14.65 23.37
CA LYS F 400 68.33 -15.56 24.32
C LYS F 400 69.25 -16.58 23.65
N ARG F 401 69.11 -16.79 22.35
CA ARG F 401 69.95 -17.72 21.61
C ARG F 401 70.97 -17.04 20.71
N GLU F 402 70.89 -15.73 20.54
CA GLU F 402 71.82 -14.96 19.71
C GLU F 402 71.89 -15.51 18.29
N ASP F 416 76.40 -0.97 16.77
CA ASP F 416 77.47 -0.50 17.63
C ASP F 416 77.16 -0.78 19.10
N ASN F 417 76.13 -0.10 19.62
CA ASN F 417 75.74 -0.26 21.02
C ASN F 417 74.66 -1.32 21.22
N PHE F 418 73.96 -1.73 20.15
CA PHE F 418 72.89 -2.72 20.24
C PHE F 418 71.81 -2.29 21.22
N ASP F 419 71.50 -0.98 21.22
CA ASP F 419 70.45 -0.43 22.06
C ASP F 419 69.19 -0.07 21.29
N GLU F 420 69.26 0.03 19.96
CA GLU F 420 68.09 0.35 19.17
C GLU F 420 67.03 -0.73 19.29
N MET F 421 67.45 -2.00 19.30
CA MET F 421 66.50 -3.10 19.46
C MET F 421 65.82 -3.07 20.82
N ASP F 422 66.52 -2.59 21.85
CA ASP F 422 65.90 -2.44 23.16
C ASP F 422 64.79 -1.40 23.12
N THR F 423 65.04 -0.26 22.46
CA THR F 423 64.01 0.75 22.31
C THR F 423 62.84 0.22 21.51
N SER F 424 63.11 -0.55 20.46
CA SER F 424 62.04 -1.16 19.68
C SER F 424 61.22 -2.14 20.52
N ARG F 425 61.90 -2.89 21.39
CA ARG F 425 61.19 -3.87 22.23
C ARG F 425 60.23 -3.19 23.20
N GLU F 426 60.67 -2.08 23.82
CA GLU F 426 59.81 -1.41 24.79
C GLU F 426 58.64 -0.72 24.12
N ILE F 427 58.86 -0.08 22.97
CA ILE F 427 57.80 0.70 22.34
C ILE F 427 56.69 -0.20 21.82
N VAL F 428 57.04 -1.38 21.30
CA VAL F 428 56.00 -2.29 20.83
C VAL F 428 55.25 -2.90 22.01
N GLN F 429 55.92 -3.10 23.15
CA GLN F 429 55.23 -3.56 24.35
C GLN F 429 54.19 -2.56 24.80
N GLN F 430 54.52 -1.27 24.73
CA GLN F 430 53.54 -0.23 25.04
C GLN F 430 52.35 -0.29 24.07
N LEU F 431 52.63 -0.55 22.80
CA LEU F 431 51.55 -0.74 21.84
C LEU F 431 50.69 -1.94 22.20
N ILE F 432 51.33 -3.04 22.63
CA ILE F 432 50.57 -4.21 23.07
C ILE F 432 49.73 -3.87 24.28
N ASP F 433 50.31 -3.14 25.24
CA ASP F 433 49.53 -2.70 26.40
C ASP F 433 48.38 -1.79 25.97
N GLU F 434 48.64 -0.88 25.03
CA GLU F 434 47.58 -0.01 24.53
C GLU F 434 46.51 -0.80 23.80
N TYR F 435 46.91 -1.78 23.00
CA TYR F 435 45.95 -2.61 22.27
C TYR F 435 45.10 -3.44 23.24
N HIS F 436 45.75 -4.09 24.21
CA HIS F 436 45.02 -4.95 25.14
C HIS F 436 44.10 -4.12 26.04
N ALA F 437 44.60 -3.00 26.56
CA ALA F 437 43.78 -2.16 27.43
C ALA F 437 42.70 -1.40 26.69
N ALA F 438 42.72 -1.39 25.36
CA ALA F 438 41.69 -0.70 24.60
C ALA F 438 40.32 -1.33 24.76
N THR F 439 40.26 -2.59 25.19
CA THR F 439 38.99 -3.27 25.40
C THR F 439 38.42 -3.04 26.80
N ARG F 440 39.18 -2.44 27.70
CA ARG F 440 38.71 -2.25 29.07
C ARG F 440 37.68 -1.12 29.13
N PRO F 441 36.73 -1.21 30.08
CA PRO F 441 35.74 -0.13 30.22
C PRO F 441 36.33 1.20 30.65
N ASP F 442 37.57 1.20 31.17
CA ASP F 442 38.19 2.44 31.64
C ASP F 442 39.52 2.67 30.94
N TYR F 443 39.52 2.53 29.61
CA TYR F 443 40.74 2.75 28.84
C TYR F 443 41.19 4.21 28.89
N ILE F 444 40.24 5.14 29.12
CA ILE F 444 40.58 6.55 29.15
C ILE F 444 41.55 6.82 30.30
N SER F 445 42.62 7.57 29.99
CA SER F 445 43.65 7.89 30.97
C SER F 445 44.26 6.64 31.59
N LEU G 33 -25.89 43.93 1.95
CA LEU G 33 -26.54 42.82 1.25
C LEU G 33 -26.84 43.17 -0.19
N SER G 34 -26.55 42.25 -1.10
CA SER G 34 -26.88 42.46 -2.50
C SER G 34 -28.39 42.38 -2.71
N THR G 35 -28.84 42.84 -3.88
CA THR G 35 -30.27 42.79 -4.19
C THR G 35 -30.78 41.35 -4.21
N GLU G 36 -30.02 40.44 -4.83
CA GLU G 36 -30.43 39.04 -4.85
C GLU G 36 -30.45 38.46 -3.44
N GLU G 37 -29.45 38.79 -2.63
CA GLU G 37 -29.43 38.30 -1.25
C GLU G 37 -30.63 38.83 -0.47
N MET G 38 -30.96 40.11 -0.65
CA MET G 38 -32.19 40.63 -0.06
C MET G 38 -33.41 40.02 -0.73
N GLU G 39 -33.31 39.71 -2.03
CA GLU G 39 -34.42 39.09 -2.75
C GLU G 39 -34.74 37.72 -2.17
N LEU G 40 -33.71 36.94 -1.83
CA LEU G 40 -33.96 35.67 -1.16
C LEU G 40 -34.31 35.87 0.31
N TYR G 41 -33.85 36.98 0.89
CA TYR G 41 -34.12 37.23 2.31
C TYR G 41 -35.61 37.42 2.57
N GLU G 42 -36.31 38.11 1.66
CA GLU G 42 -37.70 38.46 1.91
C GLU G 42 -38.60 37.23 1.96
N LEU G 43 -38.30 36.21 1.15
CA LEU G 43 -39.08 34.98 1.22
C LEU G 43 -38.82 34.23 2.53
N ALA G 44 -37.58 34.27 3.02
CA ALA G 44 -37.28 33.63 4.29
C ALA G 44 -38.07 34.25 5.43
N GLN G 45 -38.19 35.58 5.44
CA GLN G 45 -39.03 36.24 6.43
C GLN G 45 -40.50 35.93 6.19
N ALA G 46 -40.91 35.84 4.92
CA ALA G 46 -42.30 35.51 4.61
C ALA G 46 -42.67 34.12 5.10
N ALA G 47 -41.76 33.15 4.93
CA ALA G 47 -42.02 31.79 5.39
C ALA G 47 -41.85 31.63 6.89
N GLY G 48 -41.32 32.64 7.57
CA GLY G 48 -41.13 32.56 9.02
C GLY G 48 -39.78 32.01 9.41
N ILE G 51 -33.97 34.72 12.10
CA ILE G 51 -32.99 34.78 11.02
C ILE G 51 -32.30 36.13 11.00
N ASP G 52 -30.96 36.11 10.94
CA ASP G 52 -30.16 37.31 10.91
C ASP G 52 -29.65 37.58 9.49
N PRO G 53 -29.75 38.83 9.02
CA PRO G 53 -29.34 39.11 7.64
C PRO G 53 -27.89 38.77 7.34
N ASP G 54 -26.98 39.02 8.28
CA ASP G 54 -25.58 38.64 8.05
C ASP G 54 -25.42 37.13 8.07
N VAL G 55 -26.16 36.45 8.95
CA VAL G 55 -26.15 34.99 8.95
C VAL G 55 -26.71 34.45 7.64
N PHE G 56 -27.80 35.04 7.15
CA PHE G 56 -28.42 34.58 5.92
C PHE G 56 -27.51 34.77 4.72
N LYS G 57 -26.73 35.86 4.71
CA LYS G 57 -25.79 36.09 3.62
C LYS G 57 -24.73 34.99 3.57
N ILE G 58 -24.25 34.57 4.74
CA ILE G 58 -23.29 33.47 4.78
C ILE G 58 -23.92 32.18 4.28
N LEU G 59 -25.18 31.95 4.65
CA LEU G 59 -25.89 30.75 4.19
C LEU G 59 -26.00 30.74 2.67
N VAL G 60 -26.31 31.89 2.08
CA VAL G 60 -26.39 31.97 0.62
C VAL G 60 -25.01 31.73 0.00
N ASP G 61 -23.96 32.27 0.64
CA ASP G 61 -22.61 32.08 0.12
C ASP G 61 -22.21 30.62 0.13
N LEU G 62 -22.54 29.90 1.21
CA LEU G 62 -22.21 28.48 1.29
C LEU G 62 -22.94 27.68 0.21
N LEU G 63 -24.22 27.99 0.00
CA LEU G 63 -24.99 27.30 -1.03
C LEU G 63 -24.48 27.63 -2.43
N LYS G 64 -23.98 28.85 -2.63
CA LYS G 64 -23.42 29.22 -3.92
C LYS G 64 -22.16 28.42 -4.23
N LEU G 65 -21.45 27.96 -3.21
CA LEU G 65 -20.20 27.24 -3.42
C LEU G 65 -20.45 25.73 -3.52
N ASN G 66 -21.63 25.36 -3.99
CA ASN G 66 -22.04 23.98 -4.29
C ASN G 66 -22.17 23.11 -3.06
N VAL G 67 -22.22 23.67 -1.85
CA VAL G 67 -22.40 22.87 -0.66
C VAL G 67 -23.84 22.38 -0.58
N ALA G 68 -24.01 21.09 -0.32
CA ALA G 68 -25.34 20.50 -0.27
C ALA G 68 -26.13 21.08 0.91
N PRO G 69 -27.43 21.33 0.74
CA PRO G 69 -28.23 21.86 1.85
C PRO G 69 -28.30 20.95 3.06
N LEU G 70 -28.26 19.63 2.85
CA LEU G 70 -28.36 18.71 3.98
C LEU G 70 -27.18 18.86 4.93
N ALA G 71 -25.97 19.02 4.38
CA ALA G 71 -24.79 19.21 5.23
C ALA G 71 -24.87 20.51 6.00
N VAL G 72 -25.48 21.55 5.40
CA VAL G 72 -25.56 22.85 6.07
C VAL G 72 -26.44 22.75 7.31
N PHE G 73 -27.56 22.03 7.22
CA PHE G 73 -28.42 21.88 8.39
C PHE G 73 -27.71 21.11 9.49
N GLN G 74 -27.01 20.03 9.13
CA GLN G 74 -26.25 19.29 10.12
C GLN G 74 -25.15 20.15 10.73
N MET G 75 -24.64 21.11 9.96
CA MET G 75 -23.80 22.15 10.54
C MET G 75 -24.56 22.93 11.60
N LEU G 76 -25.74 23.45 11.24
CA LEU G 76 -26.51 24.26 12.17
C LEU G 76 -26.96 23.47 13.39
N LYS G 77 -27.39 22.23 13.17
CA LYS G 77 -27.90 21.42 14.28
C LYS G 77 -26.82 21.19 15.33
N SER G 78 -25.61 20.85 14.89
CA SER G 78 -24.51 20.65 15.83
C SER G 78 -23.98 21.99 16.36
N MET G 79 -24.33 23.10 15.72
CA MET G 79 -23.80 24.40 16.09
C MET G 79 -24.78 25.19 16.96
N CYS G 80 -26.08 25.00 16.75
CA CYS G 80 -27.11 25.73 17.48
C CYS G 80 -27.61 24.97 18.71
N ALA G 81 -27.03 23.81 19.01
CA ALA G 81 -27.48 23.01 20.16
C ALA G 81 -27.11 23.71 21.47
#